data_5F0C
# 
_entry.id   5F0C 
# 
_audit_conform.dict_name       mmcif_pdbx.dic 
_audit_conform.dict_version    5.383 
_audit_conform.dict_location   http://mmcif.pdb.org/dictionaries/ascii/mmcif_pdbx.dic 
# 
loop_
_database_2.database_id 
_database_2.database_code 
_database_2.pdbx_database_accession 
_database_2.pdbx_DOI 
PDB   5F0C         pdb_00005f0c 10.2210/pdb5f0c/pdb 
WWPDB D_1000215792 ?            ?                   
# 
loop_
_pdbx_audit_revision_history.ordinal 
_pdbx_audit_revision_history.data_content_type 
_pdbx_audit_revision_history.major_revision 
_pdbx_audit_revision_history.minor_revision 
_pdbx_audit_revision_history.revision_date 
1 'Structure model' 1 0 2016-02-03 
2 'Structure model' 1 1 2016-02-17 
3 'Structure model' 1 2 2017-09-13 
4 'Structure model' 1 3 2024-01-10 
# 
_pdbx_audit_revision_details.ordinal             1 
_pdbx_audit_revision_details.revision_ordinal    1 
_pdbx_audit_revision_details.data_content_type   'Structure model' 
_pdbx_audit_revision_details.provider            repository 
_pdbx_audit_revision_details.type                'Initial release' 
_pdbx_audit_revision_details.description         ? 
_pdbx_audit_revision_details.details             ? 
# 
loop_
_pdbx_audit_revision_group.ordinal 
_pdbx_audit_revision_group.revision_ordinal 
_pdbx_audit_revision_group.data_content_type 
_pdbx_audit_revision_group.group 
1 2 'Structure model' 'Database references'        
2 3 'Structure model' 'Author supporting evidence' 
3 4 'Structure model' 'Data collection'            
4 4 'Structure model' 'Database references'        
5 4 'Structure model' 'Refinement description'     
# 
loop_
_pdbx_audit_revision_category.ordinal 
_pdbx_audit_revision_category.revision_ordinal 
_pdbx_audit_revision_category.data_content_type 
_pdbx_audit_revision_category.category 
1 3 'Structure model' pdbx_audit_support            
2 4 'Structure model' chem_comp_atom                
3 4 'Structure model' chem_comp_bond                
4 4 'Structure model' database_2                    
5 4 'Structure model' pdbx_initial_refinement_model 
# 
loop_
_pdbx_audit_revision_item.ordinal 
_pdbx_audit_revision_item.revision_ordinal 
_pdbx_audit_revision_item.data_content_type 
_pdbx_audit_revision_item.item 
1 3 'Structure model' '_pdbx_audit_support.funding_organization' 
2 4 'Structure model' '_database_2.pdbx_DOI'                     
3 4 'Structure model' '_database_2.pdbx_database_accession'      
# 
_pdbx_database_status.status_code                     REL 
_pdbx_database_status.status_code_sf                  REL 
_pdbx_database_status.status_code_mr                  ? 
_pdbx_database_status.entry_id                        5F0C 
_pdbx_database_status.recvd_initial_deposition_date   2015-11-27 
_pdbx_database_status.SG_entry                        N 
_pdbx_database_status.deposit_site                    RCSB 
_pdbx_database_status.process_site                    PDBE 
_pdbx_database_status.status_code_cs                  ? 
_pdbx_database_status.methods_development_category    ? 
_pdbx_database_status.pdb_format_compatible           Y 
_pdbx_database_status.status_code_nmr_data            ? 
# 
loop_
_audit_author.name 
_audit_author.pdbx_ordinal 
'Surade, S.'      1 
'Blaszczyk, M.'   2 
'Nikiforov, P.O.' 3 
'Abell, C.'       4 
'Blundell, T.L.'  5 
# 
_citation.abstract                  ? 
_citation.abstract_id_CAS           ? 
_citation.book_id_ISBN              ? 
_citation.book_publisher            ? 
_citation.book_publisher_city       ? 
_citation.book_title                ? 
_citation.coordinate_linkage        ? 
_citation.country                   UK 
_citation.database_id_Medline       ? 
_citation.details                   ? 
_citation.id                        primary 
_citation.journal_abbrev            Org.Biomol.Chem. 
_citation.journal_id_ASTM           ? 
_citation.journal_id_CSD            ? 
_citation.journal_id_ISSN           1477-0539 
_citation.journal_full              ? 
_citation.journal_issue             ? 
_citation.journal_volume            14 
_citation.language                  ? 
_citation.page_first                2318 
_citation.page_last                 2326 
_citation.title                     
;A fragment merging approach towards the development of small molecule inhibitors of Mycobacterium tuberculosis EthR for use as ethionamide boosters.
;
_citation.year                      2016 
_citation.database_id_CSD           ? 
_citation.pdbx_database_id_DOI      10.1039/c5ob02630j 
_citation.pdbx_database_id_PubMed   26806381 
_citation.unpublished_flag          ? 
# 
loop_
_citation_author.citation_id 
_citation_author.name 
_citation_author.ordinal 
_citation_author.identifier_ORCID 
primary 'Nikiforov, P.O.' 1 ? 
primary 'Surade, S.'      2 ? 
primary 'Blaszczyk, M.'   3 ? 
primary 'Delorme, V.'     4 ? 
primary 'Brodin, P.'      5 ? 
primary 'Baulard, A.R.'   6 ? 
primary 'Blundell, T.L.'  7 ? 
primary 'Abell, C.'       8 ? 
# 
loop_
_entity.id 
_entity.type 
_entity.src_method 
_entity.pdbx_description 
_entity.formula_weight 
_entity.pdbx_number_of_molecules 
_entity.pdbx_ec 
_entity.pdbx_mutation 
_entity.pdbx_fragment 
_entity.details 
1 polymer     man 'HTH-type transcriptional regulator EthR'                25259.254 1  ? ? ? ? 
2 non-polymer syn '3-cyclopentyl-~{N}-(3-piperidin-1-ylphenyl)propanamide' 300.438   1  ? ? ? ? 
3 non-polymer syn 'SULFATE ION'                                            96.063    2  ? ? ? ? 
4 water       nat water                                                    18.015    35 ? ? ? ? 
# 
_entity_poly.entity_id                      1 
_entity_poly.type                           'polypeptide(L)' 
_entity_poly.nstd_linkage                   no 
_entity_poly.nstd_monomer                   no 
_entity_poly.pdbx_seq_one_letter_code       
;MDIEFTTSAASQASLPRGRRTARPSGDDRELAILATAENLLEDRPLADISVDDLAKGAGISRPTFYFYFPSKEAVLLTLL
DRVVNQADMALQTLAENPADTDRENMWRTGINVFFETFGSHKAVTRAGQAARATSVEVAELWSTFMQKWIAYTAAVIDAE
RDRGAAPRTLPAHELATALNLMNERTLFASFAGEQPSVPEARVLDTLVHIWVTSIYGENRGSHHHHHH
;
_entity_poly.pdbx_seq_one_letter_code_can   
;MDIEFTTSAASQASLPRGRRTARPSGDDRELAILATAENLLEDRPLADISVDDLAKGAGISRPTFYFYFPSKEAVLLTLL
DRVVNQADMALQTLAENPADTDRENMWRTGINVFFETFGSHKAVTRAGQAARATSVEVAELWSTFMQKWIAYTAAVIDAE
RDRGAAPRTLPAHELATALNLMNERTLFASFAGEQPSVPEARVLDTLVHIWVTSIYGENRGSHHHHHH
;
_entity_poly.pdbx_strand_id                 A 
_entity_poly.pdbx_target_identifier         ? 
# 
loop_
_pdbx_entity_nonpoly.entity_id 
_pdbx_entity_nonpoly.name 
_pdbx_entity_nonpoly.comp_id 
2 '3-cyclopentyl-~{N}-(3-piperidin-1-ylphenyl)propanamide' 5TE 
3 'SULFATE ION'                                            SO4 
4 water                                                    HOH 
# 
loop_
_entity_poly_seq.entity_id 
_entity_poly_seq.num 
_entity_poly_seq.mon_id 
_entity_poly_seq.hetero 
1 1   MET n 
1 2   ASP n 
1 3   ILE n 
1 4   GLU n 
1 5   PHE n 
1 6   THR n 
1 7   THR n 
1 8   SER n 
1 9   ALA n 
1 10  ALA n 
1 11  SER n 
1 12  GLN n 
1 13  ALA n 
1 14  SER n 
1 15  LEU n 
1 16  PRO n 
1 17  ARG n 
1 18  GLY n 
1 19  ARG n 
1 20  ARG n 
1 21  THR n 
1 22  ALA n 
1 23  ARG n 
1 24  PRO n 
1 25  SER n 
1 26  GLY n 
1 27  ASP n 
1 28  ASP n 
1 29  ARG n 
1 30  GLU n 
1 31  LEU n 
1 32  ALA n 
1 33  ILE n 
1 34  LEU n 
1 35  ALA n 
1 36  THR n 
1 37  ALA n 
1 38  GLU n 
1 39  ASN n 
1 40  LEU n 
1 41  LEU n 
1 42  GLU n 
1 43  ASP n 
1 44  ARG n 
1 45  PRO n 
1 46  LEU n 
1 47  ALA n 
1 48  ASP n 
1 49  ILE n 
1 50  SER n 
1 51  VAL n 
1 52  ASP n 
1 53  ASP n 
1 54  LEU n 
1 55  ALA n 
1 56  LYS n 
1 57  GLY n 
1 58  ALA n 
1 59  GLY n 
1 60  ILE n 
1 61  SER n 
1 62  ARG n 
1 63  PRO n 
1 64  THR n 
1 65  PHE n 
1 66  TYR n 
1 67  PHE n 
1 68  TYR n 
1 69  PHE n 
1 70  PRO n 
1 71  SER n 
1 72  LYS n 
1 73  GLU n 
1 74  ALA n 
1 75  VAL n 
1 76  LEU n 
1 77  LEU n 
1 78  THR n 
1 79  LEU n 
1 80  LEU n 
1 81  ASP n 
1 82  ARG n 
1 83  VAL n 
1 84  VAL n 
1 85  ASN n 
1 86  GLN n 
1 87  ALA n 
1 88  ASP n 
1 89  MET n 
1 90  ALA n 
1 91  LEU n 
1 92  GLN n 
1 93  THR n 
1 94  LEU n 
1 95  ALA n 
1 96  GLU n 
1 97  ASN n 
1 98  PRO n 
1 99  ALA n 
1 100 ASP n 
1 101 THR n 
1 102 ASP n 
1 103 ARG n 
1 104 GLU n 
1 105 ASN n 
1 106 MET n 
1 107 TRP n 
1 108 ARG n 
1 109 THR n 
1 110 GLY n 
1 111 ILE n 
1 112 ASN n 
1 113 VAL n 
1 114 PHE n 
1 115 PHE n 
1 116 GLU n 
1 117 THR n 
1 118 PHE n 
1 119 GLY n 
1 120 SER n 
1 121 HIS n 
1 122 LYS n 
1 123 ALA n 
1 124 VAL n 
1 125 THR n 
1 126 ARG n 
1 127 ALA n 
1 128 GLY n 
1 129 GLN n 
1 130 ALA n 
1 131 ALA n 
1 132 ARG n 
1 133 ALA n 
1 134 THR n 
1 135 SER n 
1 136 VAL n 
1 137 GLU n 
1 138 VAL n 
1 139 ALA n 
1 140 GLU n 
1 141 LEU n 
1 142 TRP n 
1 143 SER n 
1 144 THR n 
1 145 PHE n 
1 146 MET n 
1 147 GLN n 
1 148 LYS n 
1 149 TRP n 
1 150 ILE n 
1 151 ALA n 
1 152 TYR n 
1 153 THR n 
1 154 ALA n 
1 155 ALA n 
1 156 VAL n 
1 157 ILE n 
1 158 ASP n 
1 159 ALA n 
1 160 GLU n 
1 161 ARG n 
1 162 ASP n 
1 163 ARG n 
1 164 GLY n 
1 165 ALA n 
1 166 ALA n 
1 167 PRO n 
1 168 ARG n 
1 169 THR n 
1 170 LEU n 
1 171 PRO n 
1 172 ALA n 
1 173 HIS n 
1 174 GLU n 
1 175 LEU n 
1 176 ALA n 
1 177 THR n 
1 178 ALA n 
1 179 LEU n 
1 180 ASN n 
1 181 LEU n 
1 182 MET n 
1 183 ASN n 
1 184 GLU n 
1 185 ARG n 
1 186 THR n 
1 187 LEU n 
1 188 PHE n 
1 189 ALA n 
1 190 SER n 
1 191 PHE n 
1 192 ALA n 
1 193 GLY n 
1 194 GLU n 
1 195 GLN n 
1 196 PRO n 
1 197 SER n 
1 198 VAL n 
1 199 PRO n 
1 200 GLU n 
1 201 ALA n 
1 202 ARG n 
1 203 VAL n 
1 204 LEU n 
1 205 ASP n 
1 206 THR n 
1 207 LEU n 
1 208 VAL n 
1 209 HIS n 
1 210 ILE n 
1 211 TRP n 
1 212 VAL n 
1 213 THR n 
1 214 SER n 
1 215 ILE n 
1 216 TYR n 
1 217 GLY n 
1 218 GLU n 
1 219 ASN n 
1 220 ARG n 
1 221 GLY n 
1 222 SER n 
1 223 HIS n 
1 224 HIS n 
1 225 HIS n 
1 226 HIS n 
1 227 HIS n 
1 228 HIS n 
# 
_entity_src_gen.entity_id                          1 
_entity_src_gen.pdbx_src_id                        1 
_entity_src_gen.pdbx_alt_source_flag               sample 
_entity_src_gen.pdbx_seq_type                      'Biological sequence' 
_entity_src_gen.pdbx_beg_seq_num                   1 
_entity_src_gen.pdbx_end_seq_num                   228 
_entity_src_gen.gene_src_common_name               ? 
_entity_src_gen.gene_src_genus                     ? 
_entity_src_gen.pdbx_gene_src_gene                 'ethR, etaR, MT3970' 
_entity_src_gen.gene_src_species                   ? 
_entity_src_gen.gene_src_strain                    ? 
_entity_src_gen.gene_src_tissue                    ? 
_entity_src_gen.gene_src_tissue_fraction           ? 
_entity_src_gen.gene_src_details                   ? 
_entity_src_gen.pdbx_gene_src_fragment             ? 
_entity_src_gen.pdbx_gene_src_scientific_name      'Mycobacterium tuberculosis CDC1551' 
_entity_src_gen.pdbx_gene_src_ncbi_taxonomy_id     83331 
_entity_src_gen.pdbx_gene_src_variant              ? 
_entity_src_gen.pdbx_gene_src_cell_line            ? 
_entity_src_gen.pdbx_gene_src_atcc                 ? 
_entity_src_gen.pdbx_gene_src_organ                ? 
_entity_src_gen.pdbx_gene_src_organelle            ? 
_entity_src_gen.pdbx_gene_src_cell                 ? 
_entity_src_gen.pdbx_gene_src_cellular_location    ? 
_entity_src_gen.host_org_common_name               ? 
_entity_src_gen.pdbx_host_org_scientific_name      'Escherichia coli' 
_entity_src_gen.pdbx_host_org_ncbi_taxonomy_id     562 
_entity_src_gen.host_org_genus                     ? 
_entity_src_gen.pdbx_host_org_gene                 ? 
_entity_src_gen.pdbx_host_org_organ                ? 
_entity_src_gen.host_org_species                   ? 
_entity_src_gen.pdbx_host_org_tissue               ? 
_entity_src_gen.pdbx_host_org_tissue_fraction      ? 
_entity_src_gen.pdbx_host_org_strain               ? 
_entity_src_gen.pdbx_host_org_variant              ? 
_entity_src_gen.pdbx_host_org_cell_line            ? 
_entity_src_gen.pdbx_host_org_atcc                 ? 
_entity_src_gen.pdbx_host_org_culture_collection   ? 
_entity_src_gen.pdbx_host_org_cell                 ? 
_entity_src_gen.pdbx_host_org_organelle            ? 
_entity_src_gen.pdbx_host_org_cellular_location    ? 
_entity_src_gen.pdbx_host_org_vector_type          ? 
_entity_src_gen.pdbx_host_org_vector               ? 
_entity_src_gen.host_org_details                   ? 
_entity_src_gen.expression_system_id               ? 
_entity_src_gen.plasmid_name                       ? 
_entity_src_gen.plasmid_details                    ? 
_entity_src_gen.pdbx_description                   ? 
# 
loop_
_chem_comp.id 
_chem_comp.type 
_chem_comp.mon_nstd_flag 
_chem_comp.name 
_chem_comp.pdbx_synonyms 
_chem_comp.formula 
_chem_comp.formula_weight 
5TE non-polymer         . '3-cyclopentyl-~{N}-(3-piperidin-1-ylphenyl)propanamide' ? 'C19 H28 N2 O'   300.438 
ALA 'L-peptide linking' y ALANINE                                                  ? 'C3 H7 N O2'     89.093  
ARG 'L-peptide linking' y ARGININE                                                 ? 'C6 H15 N4 O2 1' 175.209 
ASN 'L-peptide linking' y ASPARAGINE                                               ? 'C4 H8 N2 O3'    132.118 
ASP 'L-peptide linking' y 'ASPARTIC ACID'                                          ? 'C4 H7 N O4'     133.103 
GLN 'L-peptide linking' y GLUTAMINE                                                ? 'C5 H10 N2 O3'   146.144 
GLU 'L-peptide linking' y 'GLUTAMIC ACID'                                          ? 'C5 H9 N O4'     147.129 
GLY 'peptide linking'   y GLYCINE                                                  ? 'C2 H5 N O2'     75.067  
HIS 'L-peptide linking' y HISTIDINE                                                ? 'C6 H10 N3 O2 1' 156.162 
HOH non-polymer         . WATER                                                    ? 'H2 O'           18.015  
ILE 'L-peptide linking' y ISOLEUCINE                                               ? 'C6 H13 N O2'    131.173 
LEU 'L-peptide linking' y LEUCINE                                                  ? 'C6 H13 N O2'    131.173 
LYS 'L-peptide linking' y LYSINE                                                   ? 'C6 H15 N2 O2 1' 147.195 
MET 'L-peptide linking' y METHIONINE                                               ? 'C5 H11 N O2 S'  149.211 
PHE 'L-peptide linking' y PHENYLALANINE                                            ? 'C9 H11 N O2'    165.189 
PRO 'L-peptide linking' y PROLINE                                                  ? 'C5 H9 N O2'     115.130 
SER 'L-peptide linking' y SERINE                                                   ? 'C3 H7 N O3'     105.093 
SO4 non-polymer         . 'SULFATE ION'                                            ? 'O4 S -2'        96.063  
THR 'L-peptide linking' y THREONINE                                                ? 'C4 H9 N O3'     119.119 
TRP 'L-peptide linking' y TRYPTOPHAN                                               ? 'C11 H12 N2 O2'  204.225 
TYR 'L-peptide linking' y TYROSINE                                                 ? 'C9 H11 N O3'    181.189 
VAL 'L-peptide linking' y VALINE                                                   ? 'C5 H11 N O2'    117.146 
# 
loop_
_pdbx_poly_seq_scheme.asym_id 
_pdbx_poly_seq_scheme.entity_id 
_pdbx_poly_seq_scheme.seq_id 
_pdbx_poly_seq_scheme.mon_id 
_pdbx_poly_seq_scheme.ndb_seq_num 
_pdbx_poly_seq_scheme.pdb_seq_num 
_pdbx_poly_seq_scheme.auth_seq_num 
_pdbx_poly_seq_scheme.pdb_mon_id 
_pdbx_poly_seq_scheme.auth_mon_id 
_pdbx_poly_seq_scheme.pdb_strand_id 
_pdbx_poly_seq_scheme.pdb_ins_code 
_pdbx_poly_seq_scheme.hetero 
A 1 1   MET 1   -3  ?   ?   ?   A . n 
A 1 2   ASP 2   -2  ?   ?   ?   A . n 
A 1 3   ILE 3   -1  ?   ?   ?   A . n 
A 1 4   GLU 4   0   ?   ?   ?   A . n 
A 1 5   PHE 5   1   ?   ?   ?   A . n 
A 1 6   THR 6   2   ?   ?   ?   A . n 
A 1 7   THR 7   3   ?   ?   ?   A . n 
A 1 8   SER 8   4   ?   ?   ?   A . n 
A 1 9   ALA 9   5   ?   ?   ?   A . n 
A 1 10  ALA 10  6   ?   ?   ?   A . n 
A 1 11  SER 11  7   ?   ?   ?   A . n 
A 1 12  GLN 12  8   ?   ?   ?   A . n 
A 1 13  ALA 13  9   ?   ?   ?   A . n 
A 1 14  SER 14  10  ?   ?   ?   A . n 
A 1 15  LEU 15  11  ?   ?   ?   A . n 
A 1 16  PRO 16  12  ?   ?   ?   A . n 
A 1 17  ARG 17  13  ?   ?   ?   A . n 
A 1 18  GLY 18  14  ?   ?   ?   A . n 
A 1 19  ARG 19  15  ?   ?   ?   A . n 
A 1 20  ARG 20  16  ?   ?   ?   A . n 
A 1 21  THR 21  17  ?   ?   ?   A . n 
A 1 22  ALA 22  18  ?   ?   ?   A . n 
A 1 23  ARG 23  19  ?   ?   ?   A . n 
A 1 24  PRO 24  20  ?   ?   ?   A . n 
A 1 25  SER 25  21  ?   ?   ?   A . n 
A 1 26  GLY 26  22  22  GLY GLY A . n 
A 1 27  ASP 27  23  23  ASP ASP A . n 
A 1 28  ASP 28  24  24  ASP ASP A . n 
A 1 29  ARG 29  25  25  ARG ARG A . n 
A 1 30  GLU 30  26  26  GLU GLU A . n 
A 1 31  LEU 31  27  27  LEU LEU A . n 
A 1 32  ALA 32  28  28  ALA ALA A . n 
A 1 33  ILE 33  29  29  ILE ILE A . n 
A 1 34  LEU 34  30  30  LEU LEU A . n 
A 1 35  ALA 35  31  31  ALA ALA A . n 
A 1 36  THR 36  32  32  THR THR A . n 
A 1 37  ALA 37  33  33  ALA ALA A . n 
A 1 38  GLU 38  34  34  GLU GLU A . n 
A 1 39  ASN 39  35  35  ASN ASN A . n 
A 1 40  LEU 40  36  36  LEU LEU A . n 
A 1 41  LEU 41  37  37  LEU LEU A . n 
A 1 42  GLU 42  38  38  GLU GLU A . n 
A 1 43  ASP 43  39  39  ASP ASP A . n 
A 1 44  ARG 44  40  40  ARG ARG A . n 
A 1 45  PRO 45  41  41  PRO PRO A . n 
A 1 46  LEU 46  42  42  LEU LEU A . n 
A 1 47  ALA 47  43  43  ALA ALA A . n 
A 1 48  ASP 48  44  44  ASP ASP A . n 
A 1 49  ILE 49  45  45  ILE ILE A . n 
A 1 50  SER 50  46  46  SER SER A . n 
A 1 51  VAL 51  47  47  VAL VAL A . n 
A 1 52  ASP 52  48  48  ASP ASP A . n 
A 1 53  ASP 53  49  49  ASP ASP A . n 
A 1 54  LEU 54  50  50  LEU LEU A . n 
A 1 55  ALA 55  51  51  ALA ALA A . n 
A 1 56  LYS 56  52  52  LYS LYS A . n 
A 1 57  GLY 57  53  53  GLY GLY A . n 
A 1 58  ALA 58  54  54  ALA ALA A . n 
A 1 59  GLY 59  55  55  GLY GLY A . n 
A 1 60  ILE 60  56  56  ILE ILE A . n 
A 1 61  SER 61  57  57  SER SER A . n 
A 1 62  ARG 62  58  58  ARG ARG A . n 
A 1 63  PRO 63  59  59  PRO PRO A . n 
A 1 64  THR 64  60  60  THR THR A . n 
A 1 65  PHE 65  61  61  PHE PHE A . n 
A 1 66  TYR 66  62  62  TYR TYR A . n 
A 1 67  PHE 67  63  63  PHE PHE A . n 
A 1 68  TYR 68  64  64  TYR TYR A . n 
A 1 69  PHE 69  65  65  PHE PHE A . n 
A 1 70  PRO 70  66  66  PRO PRO A . n 
A 1 71  SER 71  67  67  SER SER A . n 
A 1 72  LYS 72  68  68  LYS LYS A . n 
A 1 73  GLU 73  69  69  GLU GLU A . n 
A 1 74  ALA 74  70  70  ALA ALA A . n 
A 1 75  VAL 75  71  71  VAL VAL A . n 
A 1 76  LEU 76  72  72  LEU LEU A . n 
A 1 77  LEU 77  73  73  LEU LEU A . n 
A 1 78  THR 78  74  74  THR THR A . n 
A 1 79  LEU 79  75  75  LEU LEU A . n 
A 1 80  LEU 80  76  76  LEU LEU A . n 
A 1 81  ASP 81  77  77  ASP ASP A . n 
A 1 82  ARG 82  78  78  ARG ARG A . n 
A 1 83  VAL 83  79  79  VAL VAL A . n 
A 1 84  VAL 84  80  80  VAL VAL A . n 
A 1 85  ASN 85  81  81  ASN ASN A . n 
A 1 86  GLN 86  82  82  GLN GLN A . n 
A 1 87  ALA 87  83  83  ALA ALA A . n 
A 1 88  ASP 88  84  84  ASP ASP A . n 
A 1 89  MET 89  85  85  MET MET A . n 
A 1 90  ALA 90  86  86  ALA ALA A . n 
A 1 91  LEU 91  87  87  LEU LEU A . n 
A 1 92  GLN 92  88  88  GLN GLN A . n 
A 1 93  THR 93  89  89  THR THR A . n 
A 1 94  LEU 94  90  90  LEU LEU A . n 
A 1 95  ALA 95  91  91  ALA ALA A . n 
A 1 96  GLU 96  92  92  GLU GLU A . n 
A 1 97  ASN 97  93  93  ASN ASN A . n 
A 1 98  PRO 98  94  94  PRO PRO A . n 
A 1 99  ALA 99  95  95  ALA ALA A . n 
A 1 100 ASP 100 96  96  ASP ASP A . n 
A 1 101 THR 101 97  97  THR THR A . n 
A 1 102 ASP 102 98  98  ASP ASP A . n 
A 1 103 ARG 103 99  99  ARG ARG A . n 
A 1 104 GLU 104 100 100 GLU GLU A . n 
A 1 105 ASN 105 101 101 ASN ASN A . n 
A 1 106 MET 106 102 102 MET MET A . n 
A 1 107 TRP 107 103 103 TRP TRP A . n 
A 1 108 ARG 108 104 104 ARG ARG A . n 
A 1 109 THR 109 105 105 THR THR A . n 
A 1 110 GLY 110 106 106 GLY GLY A . n 
A 1 111 ILE 111 107 107 ILE ILE A . n 
A 1 112 ASN 112 108 108 ASN ASN A . n 
A 1 113 VAL 113 109 109 VAL VAL A . n 
A 1 114 PHE 114 110 110 PHE PHE A . n 
A 1 115 PHE 115 111 111 PHE PHE A . n 
A 1 116 GLU 116 112 112 GLU GLU A . n 
A 1 117 THR 117 113 113 THR THR A . n 
A 1 118 PHE 118 114 114 PHE PHE A . n 
A 1 119 GLY 119 115 115 GLY GLY A . n 
A 1 120 SER 120 116 116 SER SER A . n 
A 1 121 HIS 121 117 117 HIS HIS A . n 
A 1 122 LYS 122 118 118 LYS LYS A . n 
A 1 123 ALA 123 119 119 ALA ALA A . n 
A 1 124 VAL 124 120 120 VAL VAL A . n 
A 1 125 THR 125 121 121 THR THR A . n 
A 1 126 ARG 126 122 122 ARG ARG A . n 
A 1 127 ALA 127 123 123 ALA ALA A . n 
A 1 128 GLY 128 124 124 GLY GLY A . n 
A 1 129 GLN 129 125 125 GLN GLN A . n 
A 1 130 ALA 130 126 126 ALA ALA A . n 
A 1 131 ALA 131 127 127 ALA ALA A . n 
A 1 132 ARG 132 128 128 ARG ARG A . n 
A 1 133 ALA 133 129 129 ALA ALA A . n 
A 1 134 THR 134 130 130 THR THR A . n 
A 1 135 SER 135 131 131 SER SER A . n 
A 1 136 VAL 136 132 132 VAL VAL A . n 
A 1 137 GLU 137 133 133 GLU GLU A . n 
A 1 138 VAL 138 134 134 VAL VAL A . n 
A 1 139 ALA 139 135 135 ALA ALA A . n 
A 1 140 GLU 140 136 136 GLU GLU A . n 
A 1 141 LEU 141 137 137 LEU LEU A . n 
A 1 142 TRP 142 138 138 TRP TRP A . n 
A 1 143 SER 143 139 139 SER SER A . n 
A 1 144 THR 144 140 140 THR THR A . n 
A 1 145 PHE 145 141 141 PHE PHE A . n 
A 1 146 MET 146 142 142 MET MET A . n 
A 1 147 GLN 147 143 143 GLN GLN A . n 
A 1 148 LYS 148 144 144 LYS LYS A . n 
A 1 149 TRP 149 145 145 TRP TRP A . n 
A 1 150 ILE 150 146 146 ILE ILE A . n 
A 1 151 ALA 151 147 147 ALA ALA A . n 
A 1 152 TYR 152 148 148 TYR TYR A . n 
A 1 153 THR 153 149 149 THR THR A . n 
A 1 154 ALA 154 150 150 ALA ALA A . n 
A 1 155 ALA 155 151 151 ALA ALA A . n 
A 1 156 VAL 156 152 152 VAL VAL A . n 
A 1 157 ILE 157 153 153 ILE ILE A . n 
A 1 158 ASP 158 154 154 ASP ASP A . n 
A 1 159 ALA 159 155 155 ALA ALA A . n 
A 1 160 GLU 160 156 156 GLU GLU A . n 
A 1 161 ARG 161 157 157 ARG ARG A . n 
A 1 162 ASP 162 158 158 ASP ASP A . n 
A 1 163 ARG 163 159 159 ARG ARG A . n 
A 1 164 GLY 164 160 160 GLY GLY A . n 
A 1 165 ALA 165 161 161 ALA ALA A . n 
A 1 166 ALA 166 162 162 ALA ALA A . n 
A 1 167 PRO 167 163 163 PRO PRO A . n 
A 1 168 ARG 168 164 164 ARG ARG A . n 
A 1 169 THR 169 165 165 THR THR A . n 
A 1 170 LEU 170 166 166 LEU LEU A . n 
A 1 171 PRO 171 167 167 PRO PRO A . n 
A 1 172 ALA 172 168 168 ALA ALA A . n 
A 1 173 HIS 173 169 169 HIS HIS A . n 
A 1 174 GLU 174 170 170 GLU GLU A . n 
A 1 175 LEU 175 171 171 LEU LEU A . n 
A 1 176 ALA 176 172 172 ALA ALA A . n 
A 1 177 THR 177 173 173 THR THR A . n 
A 1 178 ALA 178 174 174 ALA ALA A . n 
A 1 179 LEU 179 175 175 LEU LEU A . n 
A 1 180 ASN 180 176 176 ASN ASN A . n 
A 1 181 LEU 181 177 177 LEU LEU A . n 
A 1 182 MET 182 178 178 MET MET A . n 
A 1 183 ASN 183 179 179 ASN ASN A . n 
A 1 184 GLU 184 180 180 GLU GLU A . n 
A 1 185 ARG 185 181 181 ARG ARG A . n 
A 1 186 THR 186 182 182 THR THR A . n 
A 1 187 LEU 187 183 183 LEU LEU A . n 
A 1 188 PHE 188 184 184 PHE PHE A . n 
A 1 189 ALA 189 185 185 ALA ALA A . n 
A 1 190 SER 190 186 186 SER SER A . n 
A 1 191 PHE 191 187 187 PHE PHE A . n 
A 1 192 ALA 192 188 188 ALA ALA A . n 
A 1 193 GLY 193 189 189 GLY GLY A . n 
A 1 194 GLU 194 190 190 GLU GLU A . n 
A 1 195 GLN 195 191 191 GLN GLN A . n 
A 1 196 PRO 196 192 192 PRO PRO A . n 
A 1 197 SER 197 193 193 SER SER A . n 
A 1 198 VAL 198 194 194 VAL VAL A . n 
A 1 199 PRO 199 195 195 PRO PRO A . n 
A 1 200 GLU 200 196 196 GLU GLU A . n 
A 1 201 ALA 201 197 197 ALA ALA A . n 
A 1 202 ARG 202 198 198 ARG ARG A . n 
A 1 203 VAL 203 199 199 VAL VAL A . n 
A 1 204 LEU 204 200 200 LEU LEU A . n 
A 1 205 ASP 205 201 201 ASP ASP A . n 
A 1 206 THR 206 202 202 THR THR A . n 
A 1 207 LEU 207 203 203 LEU LEU A . n 
A 1 208 VAL 208 204 204 VAL VAL A . n 
A 1 209 HIS 209 205 205 HIS HIS A . n 
A 1 210 ILE 210 206 206 ILE ILE A . n 
A 1 211 TRP 211 207 207 TRP TRP A . n 
A 1 212 VAL 212 208 208 VAL VAL A . n 
A 1 213 THR 213 209 209 THR THR A . n 
A 1 214 SER 214 210 210 SER SER A . n 
A 1 215 ILE 215 211 211 ILE ILE A . n 
A 1 216 TYR 216 212 212 TYR TYR A . n 
A 1 217 GLY 217 213 213 GLY GLY A . n 
A 1 218 GLU 218 214 214 GLU GLU A . n 
A 1 219 ASN 219 215 ?   ?   ?   A . n 
A 1 220 ARG 220 216 ?   ?   ?   A . n 
A 1 221 GLY 221 217 ?   ?   ?   A . n 
A 1 222 SER 222 218 ?   ?   ?   A . n 
A 1 223 HIS 223 219 ?   ?   ?   A . n 
A 1 224 HIS 224 220 ?   ?   ?   A . n 
A 1 225 HIS 225 221 ?   ?   ?   A . n 
A 1 226 HIS 226 222 ?   ?   ?   A . n 
A 1 227 HIS 227 223 ?   ?   ?   A . n 
A 1 228 HIS 228 224 ?   ?   ?   A . n 
# 
loop_
_pdbx_nonpoly_scheme.asym_id 
_pdbx_nonpoly_scheme.entity_id 
_pdbx_nonpoly_scheme.mon_id 
_pdbx_nonpoly_scheme.ndb_seq_num 
_pdbx_nonpoly_scheme.pdb_seq_num 
_pdbx_nonpoly_scheme.auth_seq_num 
_pdbx_nonpoly_scheme.pdb_mon_id 
_pdbx_nonpoly_scheme.auth_mon_id 
_pdbx_nonpoly_scheme.pdb_strand_id 
_pdbx_nonpoly_scheme.pdb_ins_code 
B 2 5TE 1  301 1  5TE 180 A . 
C 3 SO4 1  302 1  SO4 SO4 A . 
D 3 SO4 1  303 2  SO4 SO4 A . 
E 4 HOH 1  401 28 HOH HOH A . 
E 4 HOH 2  402 26 HOH HOH A . 
E 4 HOH 3  403 33 HOH HOH A . 
E 4 HOH 4  404 24 HOH HOH A . 
E 4 HOH 5  405 9  HOH HOH A . 
E 4 HOH 6  406 7  HOH HOH A . 
E 4 HOH 7  407 19 HOH HOH A . 
E 4 HOH 8  408 20 HOH HOH A . 
E 4 HOH 9  409 2  HOH HOH A . 
E 4 HOH 10 410 8  HOH HOH A . 
E 4 HOH 11 411 16 HOH HOH A . 
E 4 HOH 12 412 14 HOH HOH A . 
E 4 HOH 13 413 18 HOH HOH A . 
E 4 HOH 14 414 32 HOH HOH A . 
E 4 HOH 15 415 23 HOH HOH A . 
E 4 HOH 16 416 12 HOH HOH A . 
E 4 HOH 17 417 13 HOH HOH A . 
E 4 HOH 18 418 6  HOH HOH A . 
E 4 HOH 19 419 25 HOH HOH A . 
E 4 HOH 20 420 5  HOH HOH A . 
E 4 HOH 21 421 30 HOH HOH A . 
E 4 HOH 22 422 3  HOH HOH A . 
E 4 HOH 23 423 1  HOH HOH A . 
E 4 HOH 24 424 17 HOH HOH A . 
E 4 HOH 25 425 10 HOH HOH A . 
E 4 HOH 26 426 4  HOH HOH A . 
E 4 HOH 27 427 31 HOH HOH A . 
E 4 HOH 28 428 22 HOH HOH A . 
E 4 HOH 29 429 11 HOH HOH A . 
E 4 HOH 30 430 29 HOH HOH A . 
E 4 HOH 31 431 27 HOH HOH A . 
E 4 HOH 32 432 15 HOH HOH A . 
E 4 HOH 33 433 34 HOH HOH A . 
E 4 HOH 34 434 21 HOH HOH A . 
E 4 HOH 35 435 35 HOH HOH A . 
# 
loop_
_pdbx_unobs_or_zero_occ_atoms.id 
_pdbx_unobs_or_zero_occ_atoms.PDB_model_num 
_pdbx_unobs_or_zero_occ_atoms.polymer_flag 
_pdbx_unobs_or_zero_occ_atoms.occupancy_flag 
_pdbx_unobs_or_zero_occ_atoms.auth_asym_id 
_pdbx_unobs_or_zero_occ_atoms.auth_comp_id 
_pdbx_unobs_or_zero_occ_atoms.auth_seq_id 
_pdbx_unobs_or_zero_occ_atoms.PDB_ins_code 
_pdbx_unobs_or_zero_occ_atoms.auth_atom_id 
_pdbx_unobs_or_zero_occ_atoms.label_alt_id 
_pdbx_unobs_or_zero_occ_atoms.label_asym_id 
_pdbx_unobs_or_zero_occ_atoms.label_comp_id 
_pdbx_unobs_or_zero_occ_atoms.label_seq_id 
_pdbx_unobs_or_zero_occ_atoms.label_atom_id 
1  1 Y 1 A ASP 23  ? CG  ? A ASP 27  CG  
2  1 Y 1 A ASP 23  ? OD1 ? A ASP 27  OD1 
3  1 Y 1 A ASP 23  ? OD2 ? A ASP 27  OD2 
4  1 Y 1 A LYS 52  ? CG  ? A LYS 56  CG  
5  1 Y 1 A LYS 52  ? CD  ? A LYS 56  CD  
6  1 Y 1 A LYS 52  ? CE  ? A LYS 56  CE  
7  1 Y 1 A LYS 52  ? NZ  ? A LYS 56  NZ  
8  1 Y 1 A GLU 214 ? CD  ? A GLU 218 CD  
9  1 Y 1 A GLU 214 ? OE1 ? A GLU 218 OE1 
10 1 Y 1 A GLU 214 ? OE2 ? A GLU 218 OE2 
# 
loop_
_software.citation_id 
_software.classification 
_software.compiler_name 
_software.compiler_version 
_software.contact_author 
_software.contact_author_email 
_software.date 
_software.description 
_software.dependencies 
_software.hardware 
_software.language 
_software.location 
_software.mods 
_software.name 
_software.os 
_software.os_version 
_software.type 
_software.version 
_software.pdbx_ordinal 
? 'data scaling'    ? ? ? ? ? ? ? ? ? ? ? Aimless     ? ? ? 0.1.29   1 
? phasing           ? ? ? ? ? ? ? ? ? ? ? PHASER      ? ? ? 2.3.0    2 
? refinement        ? ? ? ? ? ? ? ? ? ? ? REFMAC      ? ? ? 5.6.0117 3 
? 'data extraction' ? ? ? ? ? ? ? ? ? ? ? PDB_EXTRACT ? ? ? 3.15     4 
? 'data reduction'  ? ? ? ? ? ? ? ? ? ? ? xia2        ? ? ? .        5 
# 
_cell.angle_alpha                  90.000 
_cell.angle_alpha_esd              ? 
_cell.angle_beta                   90.000 
_cell.angle_beta_esd               ? 
_cell.angle_gamma                  90.000 
_cell.angle_gamma_esd              ? 
_cell.entry_id                     5F0C 
_cell.details                      ? 
_cell.formula_units_Z              ? 
_cell.length_a                     121.740 
_cell.length_a_esd                 ? 
_cell.length_b                     121.740 
_cell.length_b_esd                 ? 
_cell.length_c                     33.780 
_cell.length_c_esd                 ? 
_cell.volume                       ? 
_cell.volume_esd                   ? 
_cell.Z_PDB                        8 
_cell.reciprocal_angle_alpha       ? 
_cell.reciprocal_angle_beta        ? 
_cell.reciprocal_angle_gamma       ? 
_cell.reciprocal_angle_alpha_esd   ? 
_cell.reciprocal_angle_beta_esd    ? 
_cell.reciprocal_angle_gamma_esd   ? 
_cell.reciprocal_length_a          ? 
_cell.reciprocal_length_b          ? 
_cell.reciprocal_length_c          ? 
_cell.reciprocal_length_a_esd      ? 
_cell.reciprocal_length_b_esd      ? 
_cell.reciprocal_length_c_esd      ? 
_cell.pdbx_unique_axis             ? 
# 
_symmetry.entry_id                         5F0C 
_symmetry.cell_setting                     ? 
_symmetry.Int_Tables_number                92 
_symmetry.space_group_name_Hall            ? 
_symmetry.space_group_name_H-M             'P 41 21 2' 
_symmetry.pdbx_full_space_group_name_H-M   ? 
# 
_exptl.absorpt_coefficient_mu     ? 
_exptl.absorpt_correction_T_max   ? 
_exptl.absorpt_correction_T_min   ? 
_exptl.absorpt_correction_type    ? 
_exptl.absorpt_process_details    ? 
_exptl.entry_id                   5F0C 
_exptl.crystals_number            1 
_exptl.details                    ? 
_exptl.method                     'X-RAY DIFFRACTION' 
_exptl.method_details             ? 
# 
_exptl_crystal.colour                      ? 
_exptl_crystal.density_diffrn              ? 
_exptl_crystal.density_Matthews            2.48 
_exptl_crystal.density_method              ? 
_exptl_crystal.density_percent_sol         50.35 
_exptl_crystal.description                 ? 
_exptl_crystal.F_000                       ? 
_exptl_crystal.id                          1 
_exptl_crystal.preparation                 ? 
_exptl_crystal.size_max                    ? 
_exptl_crystal.size_mid                    ? 
_exptl_crystal.size_min                    ? 
_exptl_crystal.size_rad                    ? 
_exptl_crystal.colour_lustre               ? 
_exptl_crystal.colour_modifier             ? 
_exptl_crystal.colour_primary              ? 
_exptl_crystal.density_meas                ? 
_exptl_crystal.density_meas_esd            ? 
_exptl_crystal.density_meas_gt             ? 
_exptl_crystal.density_meas_lt             ? 
_exptl_crystal.density_meas_temp           ? 
_exptl_crystal.density_meas_temp_esd       ? 
_exptl_crystal.density_meas_temp_gt        ? 
_exptl_crystal.density_meas_temp_lt        ? 
_exptl_crystal.pdbx_crystal_image_url      ? 
_exptl_crystal.pdbx_crystal_image_format   ? 
_exptl_crystal.pdbx_mosaicity              ? 
_exptl_crystal.pdbx_mosaicity_esd          ? 
# 
_exptl_crystal_grow.apparatus       ? 
_exptl_crystal_grow.atmosphere      ? 
_exptl_crystal_grow.crystal_id      1 
_exptl_crystal_grow.details         ? 
_exptl_crystal_grow.method          'VAPOR DIFFUSION, SITTING DROP' 
_exptl_crystal_grow.method_ref      ? 
_exptl_crystal_grow.pH              6.5 
_exptl_crystal_grow.pressure        ? 
_exptl_crystal_grow.pressure_esd    ? 
_exptl_crystal_grow.seeding         ? 
_exptl_crystal_grow.seeding_ref     ? 
_exptl_crystal_grow.temp            298 
_exptl_crystal_grow.temp_details    ? 
_exptl_crystal_grow.temp_esd        ? 
_exptl_crystal_grow.time            ? 
_exptl_crystal_grow.pdbx_details    'Ammonium sulphate, Glycerol, MES' 
_exptl_crystal_grow.pdbx_pH_range   '6.3 - 6.5' 
# 
_diffrn.ambient_environment    ? 
_diffrn.ambient_temp           100 
_diffrn.ambient_temp_details   ? 
_diffrn.ambient_temp_esd       ? 
_diffrn.crystal_id             1 
_diffrn.crystal_support        ? 
_diffrn.crystal_treatment      ? 
_diffrn.details                ? 
_diffrn.id                     1 
_diffrn.ambient_pressure       ? 
_diffrn.ambient_pressure_esd   ? 
_diffrn.ambient_pressure_gt    ? 
_diffrn.ambient_pressure_lt    ? 
_diffrn.ambient_temp_gt        ? 
_diffrn.ambient_temp_lt        ? 
# 
_diffrn_detector.details                      ? 
_diffrn_detector.detector                     PIXEL 
_diffrn_detector.diffrn_id                    1 
_diffrn_detector.type                         'DECTRIS PILATUS 6M' 
_diffrn_detector.area_resol_mean              ? 
_diffrn_detector.dtime                        ? 
_diffrn_detector.pdbx_frames_total            ? 
_diffrn_detector.pdbx_collection_time_total   ? 
_diffrn_detector.pdbx_collection_date         2013-12-11 
# 
_diffrn_radiation.collimation                      ? 
_diffrn_radiation.diffrn_id                        1 
_diffrn_radiation.filter_edge                      ? 
_diffrn_radiation.inhomogeneity                    ? 
_diffrn_radiation.monochromator                    ? 
_diffrn_radiation.polarisn_norm                    ? 
_diffrn_radiation.polarisn_ratio                   ? 
_diffrn_radiation.probe                            ? 
_diffrn_radiation.type                             ? 
_diffrn_radiation.xray_symbol                      ? 
_diffrn_radiation.wavelength_id                    1 
_diffrn_radiation.pdbx_monochromatic_or_laue_m_l   M 
_diffrn_radiation.pdbx_wavelength_list             ? 
_diffrn_radiation.pdbx_wavelength                  ? 
_diffrn_radiation.pdbx_diffrn_protocol             'SINGLE WAVELENGTH' 
_diffrn_radiation.pdbx_analyzer                    ? 
_diffrn_radiation.pdbx_scattering_type             x-ray 
# 
_diffrn_radiation_wavelength.id           1 
_diffrn_radiation_wavelength.wavelength   0.97943 
_diffrn_radiation_wavelength.wt           1.0 
# 
_diffrn_source.current                     ? 
_diffrn_source.details                     ? 
_diffrn_source.diffrn_id                   1 
_diffrn_source.power                       ? 
_diffrn_source.size                        ? 
_diffrn_source.source                      SYNCHROTRON 
_diffrn_source.target                      ? 
_diffrn_source.type                        'DIAMOND BEAMLINE I04' 
_diffrn_source.voltage                     ? 
_diffrn_source.take-off_angle              ? 
_diffrn_source.pdbx_wavelength_list        0.97943 
_diffrn_source.pdbx_wavelength             ? 
_diffrn_source.pdbx_synchrotron_beamline   I04 
_diffrn_source.pdbx_synchrotron_site       Diamond 
# 
_reflns.B_iso_Wilson_estimate            ? 
_reflns.entry_id                         5F0C 
_reflns.data_reduction_details           ? 
_reflns.data_reduction_method            ? 
_reflns.d_resolution_high                1.870 
_reflns.d_resolution_low                 54.440 
_reflns.details                          ? 
_reflns.limit_h_max                      ? 
_reflns.limit_h_min                      ? 
_reflns.limit_k_max                      ? 
_reflns.limit_k_min                      ? 
_reflns.limit_l_max                      ? 
_reflns.limit_l_min                      ? 
_reflns.number_all                       ? 
_reflns.number_obs                       21522 
_reflns.observed_criterion               ? 
_reflns.observed_criterion_F_max         ? 
_reflns.observed_criterion_F_min         ? 
_reflns.observed_criterion_I_max         ? 
_reflns.observed_criterion_I_min         ? 
_reflns.observed_criterion_sigma_F       ? 
_reflns.observed_criterion_sigma_I       ? 
_reflns.percent_possible_obs             99.400 
_reflns.R_free_details                   ? 
_reflns.Rmerge_F_all                     ? 
_reflns.Rmerge_F_obs                     ? 
_reflns.Friedel_coverage                 ? 
_reflns.number_gt                        ? 
_reflns.threshold_expression             ? 
_reflns.pdbx_redundancy                  12.700 
_reflns.pdbx_Rmerge_I_obs                0.071 
_reflns.pdbx_Rmerge_I_all                ? 
_reflns.pdbx_Rsym_value                  ? 
_reflns.pdbx_netI_over_av_sigmaI         ? 
_reflns.pdbx_netI_over_sigmaI            25.400 
_reflns.pdbx_res_netI_over_av_sigmaI_2   ? 
_reflns.pdbx_res_netI_over_sigmaI_2      ? 
_reflns.pdbx_chi_squared                 ? 
_reflns.pdbx_scaling_rejects             ? 
_reflns.pdbx_d_res_high_opt              ? 
_reflns.pdbx_d_res_low_opt               ? 
_reflns.pdbx_d_res_opt_method            ? 
_reflns.phase_calculation_details        ? 
_reflns.pdbx_Rrim_I_all                  ? 
_reflns.pdbx_Rpim_I_all                  0.021 
_reflns.pdbx_d_opt                       ? 
_reflns.pdbx_number_measured_all         273524 
_reflns.pdbx_diffrn_id                   1 
_reflns.pdbx_ordinal                     1 
_reflns.pdbx_CC_half                     1.000 
_reflns.pdbx_R_split                     ? 
# 
loop_
_reflns_shell.d_res_high 
_reflns_shell.d_res_low 
_reflns_shell.meanI_over_sigI_all 
_reflns_shell.meanI_over_sigI_obs 
_reflns_shell.number_measured_all 
_reflns_shell.number_measured_obs 
_reflns_shell.number_possible 
_reflns_shell.number_unique_all 
_reflns_shell.number_unique_obs 
_reflns_shell.percent_possible_all 
_reflns_shell.percent_possible_obs 
_reflns_shell.Rmerge_F_all 
_reflns_shell.Rmerge_F_obs 
_reflns_shell.Rmerge_I_all 
_reflns_shell.Rmerge_I_obs 
_reflns_shell.meanI_over_sigI_gt 
_reflns_shell.meanI_over_uI_all 
_reflns_shell.meanI_over_uI_gt 
_reflns_shell.number_measured_gt 
_reflns_shell.number_unique_gt 
_reflns_shell.percent_possible_gt 
_reflns_shell.Rmerge_F_gt 
_reflns_shell.Rmerge_I_gt 
_reflns_shell.pdbx_redundancy 
_reflns_shell.pdbx_Rsym_value 
_reflns_shell.pdbx_chi_squared 
_reflns_shell.pdbx_netI_over_sigmaI_all 
_reflns_shell.pdbx_netI_over_sigmaI_obs 
_reflns_shell.pdbx_Rrim_I_all 
_reflns_shell.pdbx_Rpim_I_all 
_reflns_shell.pdbx_rejects 
_reflns_shell.pdbx_ordinal 
_reflns_shell.pdbx_diffrn_id 
_reflns_shell.pdbx_CC_half 
_reflns_shell.pdbx_R_split 
1.870 1.920  ? 3.800  20632 ? ? 1530 ? 98.900 ? ? ? ? 0.875 ? ? ? ? ? ? ? ? 13.500 ? ? ? ? ? 0.246 0 1 1 0.897 ? 
8.360 54.440 ? 62.900 2744  ? ? 295  ? 98.300 ? ? ? ? 0.024 ? ? ? ? ? ? ? ? 9.300  ? ? ? ? ? 0.008 0 2 1 1.000 ? 
# 
_refine.aniso_B[1][1]                            0.0100 
_refine.aniso_B[1][2]                            0.0000 
_refine.aniso_B[1][3]                            0.0000 
_refine.aniso_B[2][2]                            0.0100 
_refine.aniso_B[2][3]                            0.0000 
_refine.aniso_B[3][3]                            -0.0200 
_refine.B_iso_max                                89.300 
_refine.B_iso_mean                               31.6440 
_refine.B_iso_min                                12.690 
_refine.correlation_coeff_Fo_to_Fc               0.9550 
_refine.correlation_coeff_Fo_to_Fc_free          0.9390 
_refine.details                                  
'HYDROGENS HAVE BEEN USED IF PRESENT IN THE INPUT U VALUES      : REFINED INDIVIDUALLY' 
_refine.diff_density_max                         ? 
_refine.diff_density_max_esd                     ? 
_refine.diff_density_min                         ? 
_refine.diff_density_min_esd                     ? 
_refine.diff_density_rms                         ? 
_refine.diff_density_rms_esd                     ? 
_refine.entry_id                                 5F0C 
_refine.pdbx_refine_id                           'X-RAY DIFFRACTION' 
_refine.ls_abs_structure_details                 ? 
_refine.ls_abs_structure_Flack                   ? 
_refine.ls_abs_structure_Flack_esd               ? 
_refine.ls_abs_structure_Rogers                  ? 
_refine.ls_abs_structure_Rogers_esd              ? 
_refine.ls_d_res_high                            1.8700 
_refine.ls_d_res_low                             54.4400 
_refine.ls_extinction_coef                       ? 
_refine.ls_extinction_coef_esd                   ? 
_refine.ls_extinction_expression                 ? 
_refine.ls_extinction_method                     ? 
_refine.ls_goodness_of_fit_all                   ? 
_refine.ls_goodness_of_fit_all_esd               ? 
_refine.ls_goodness_of_fit_obs                   ? 
_refine.ls_goodness_of_fit_obs_esd               ? 
_refine.ls_hydrogen_treatment                    ? 
_refine.ls_matrix_type                           ? 
_refine.ls_number_constraints                    ? 
_refine.ls_number_parameters                     ? 
_refine.ls_number_reflns_all                     ? 
_refine.ls_number_reflns_obs                     20382 
_refine.ls_number_reflns_R_free                  1103 
_refine.ls_number_reflns_R_work                  ? 
_refine.ls_number_restraints                     ? 
_refine.ls_percent_reflns_obs                    99.2700 
_refine.ls_percent_reflns_R_free                 5.1000 
_refine.ls_R_factor_all                          ? 
_refine.ls_R_factor_obs                          0.1980 
_refine.ls_R_factor_R_free                       0.2339 
_refine.ls_R_factor_R_free_error                 ? 
_refine.ls_R_factor_R_free_error_details         ? 
_refine.ls_R_factor_R_work                       0.1962 
_refine.ls_R_Fsqd_factor_obs                     ? 
_refine.ls_R_I_factor_obs                        ? 
_refine.ls_redundancy_reflns_all                 ? 
_refine.ls_redundancy_reflns_obs                 ? 
_refine.ls_restrained_S_all                      ? 
_refine.ls_restrained_S_obs                      ? 
_refine.ls_shift_over_esd_max                    ? 
_refine.ls_shift_over_esd_mean                   ? 
_refine.ls_structure_factor_coef                 ? 
_refine.ls_weighting_details                     ? 
_refine.ls_weighting_scheme                      ? 
_refine.ls_wR_factor_all                         ? 
_refine.ls_wR_factor_obs                         ? 
_refine.ls_wR_factor_R_free                      0.2217 
_refine.ls_wR_factor_R_work                      0.1860 
_refine.occupancy_max                            ? 
_refine.occupancy_min                            ? 
_refine.solvent_model_details                    MASK 
_refine.solvent_model_param_bsol                 ? 
_refine.solvent_model_param_ksol                 ? 
_refine.ls_R_factor_gt                           ? 
_refine.ls_goodness_of_fit_gt                    ? 
_refine.ls_goodness_of_fit_ref                   ? 
_refine.ls_shift_over_su_max                     ? 
_refine.ls_shift_over_su_max_lt                  ? 
_refine.ls_shift_over_su_mean                    ? 
_refine.ls_shift_over_su_mean_lt                 ? 
_refine.pdbx_ls_sigma_I                          ? 
_refine.pdbx_ls_sigma_F                          0.000 
_refine.pdbx_ls_sigma_Fsqd                       ? 
_refine.pdbx_data_cutoff_high_absF               ? 
_refine.pdbx_data_cutoff_high_rms_absF           ? 
_refine.pdbx_data_cutoff_low_absF                ? 
_refine.pdbx_isotropic_thermal_model             ? 
_refine.pdbx_ls_cross_valid_method               THROUGHOUT 
_refine.pdbx_method_to_determine_struct          'MOLECULAR REPLACEMENT' 
_refine.pdbx_starting_model                      1T56 
_refine.pdbx_stereochemistry_target_values       'MAXIMUM LIKELIHOOD' 
_refine.pdbx_R_Free_selection_details            RANDOM 
_refine.pdbx_stereochem_target_val_spec_case     ? 
_refine.pdbx_overall_ESU_R                       0.1240 
_refine.pdbx_overall_ESU_R_Free                  0.1230 
_refine.pdbx_solvent_vdw_probe_radii             1.2000 
_refine.pdbx_solvent_ion_probe_radii             0.8000 
_refine.pdbx_solvent_shrinkage_radii             0.8000 
_refine.pdbx_real_space_R                        ? 
_refine.pdbx_density_correlation                 ? 
_refine.pdbx_pd_number_of_powder_patterns        ? 
_refine.pdbx_pd_number_of_points                 ? 
_refine.pdbx_pd_meas_number_of_points            ? 
_refine.pdbx_pd_proc_ls_prof_R_factor            ? 
_refine.pdbx_pd_proc_ls_prof_wR_factor           ? 
_refine.pdbx_pd_Marquardt_correlation_coeff      ? 
_refine.pdbx_pd_Fsqrd_R_factor                   ? 
_refine.pdbx_pd_ls_matrix_band_width             ? 
_refine.pdbx_overall_phase_error                 ? 
_refine.pdbx_overall_SU_R_free_Cruickshank_DPI   ? 
_refine.pdbx_overall_SU_R_free_Blow_DPI          ? 
_refine.pdbx_overall_SU_R_Blow_DPI               ? 
_refine.pdbx_TLS_residual_ADP_flag               ? 
_refine.pdbx_diffrn_id                           1 
_refine.overall_SU_B                             2.4430 
_refine.overall_SU_ML                            0.0750 
_refine.overall_SU_R_Cruickshank_DPI             0.1243 
_refine.overall_SU_R_free                        0.1234 
_refine.overall_FOM_free_R_set                   ? 
_refine.overall_FOM_work_R_set                   0.8668 
_refine.pdbx_average_fsc_overall                 ? 
_refine.pdbx_average_fsc_work                    ? 
_refine.pdbx_average_fsc_free                    ? 
# 
_refine_hist.cycle_id                         final 
_refine_hist.pdbx_refine_id                   'X-RAY DIFFRACTION' 
_refine_hist.d_res_high                       1.8700 
_refine_hist.d_res_low                        54.4400 
_refine_hist.pdbx_number_atoms_ligand         32 
_refine_hist.number_atoms_solvent             35 
_refine_hist.number_atoms_total               1559 
_refine_hist.pdbx_number_residues_total       193 
_refine_hist.pdbx_B_iso_mean_ligand           43.39 
_refine_hist.pdbx_B_iso_mean_solvent          34.41 
_refine_hist.pdbx_number_atoms_protein        1492 
_refine_hist.pdbx_number_atoms_nucleic_acid   0 
# 
loop_
_refine_ls_restr.pdbx_refine_id 
_refine_ls_restr.criterion 
_refine_ls_restr.dev_ideal 
_refine_ls_restr.dev_ideal_target 
_refine_ls_restr.number 
_refine_ls_restr.rejects 
_refine_ls_restr.type 
_refine_ls_restr.weight 
_refine_ls_restr.pdbx_restraint_function 
'X-RAY DIFFRACTION' ? 0.025  0.020  1555 ? r_bond_refined_d       ? ? 
'X-RAY DIFFRACTION' ? 2.114  1.967  2121 ? r_angle_refined_deg    ? ? 
'X-RAY DIFFRACTION' ? 5.304  5.000  192  ? r_dihedral_angle_1_deg ? ? 
'X-RAY DIFFRACTION' ? 36.875 23.521 71   ? r_dihedral_angle_2_deg ? ? 
'X-RAY DIFFRACTION' ? 16.198 15.000 235  ? r_dihedral_angle_3_deg ? ? 
'X-RAY DIFFRACTION' ? 21.950 15.000 13   ? r_dihedral_angle_4_deg ? ? 
'X-RAY DIFFRACTION' ? 0.163  0.200  244  ? r_chiral_restr         ? ? 
'X-RAY DIFFRACTION' ? 0.013  0.021  1186 ? r_gen_planes_refined   ? ? 
# 
_refine_ls_shell.pdbx_refine_id                   'X-RAY DIFFRACTION' 
_refine_ls_shell.d_res_high                       1.8700 
_refine_ls_shell.d_res_low                        1.9190 
_refine_ls_shell.number_reflns_all                1373 
_refine_ls_shell.number_reflns_obs                ? 
_refine_ls_shell.number_reflns_R_free             78 
_refine_ls_shell.number_reflns_R_work             1295 
_refine_ls_shell.percent_reflns_obs               98.5600 
_refine_ls_shell.percent_reflns_R_free            ? 
_refine_ls_shell.R_factor_all                     ? 
_refine_ls_shell.R_factor_obs                     ? 
_refine_ls_shell.R_factor_R_free                  0.3200 
_refine_ls_shell.R_factor_R_free_error            ? 
_refine_ls_shell.R_factor_R_work                  0.2720 
_refine_ls_shell.redundancy_reflns_all            ? 
_refine_ls_shell.redundancy_reflns_obs            ? 
_refine_ls_shell.wR_factor_all                    ? 
_refine_ls_shell.wR_factor_obs                    ? 
_refine_ls_shell.wR_factor_R_free                 ? 
_refine_ls_shell.wR_factor_R_work                 ? 
_refine_ls_shell.pdbx_total_number_of_bins_used   20 
_refine_ls_shell.pdbx_phase_error                 ? 
_refine_ls_shell.pdbx_fsc_work                    ? 
_refine_ls_shell.pdbx_fsc_free                    ? 
# 
_struct.entry_id                     5F0C 
_struct.title                        
;Structure of Transcriptional Regulatory Repressor Protein - EthR from Mycobacterium tuberculosis in complex with compound 4 at 1.87A resolution
;
_struct.pdbx_model_details           ? 
_struct.pdbx_formula_weight          ? 
_struct.pdbx_formula_weight_method   ? 
_struct.pdbx_model_type_details      ? 
_struct.pdbx_CASP_flag               ? 
# 
_struct_keywords.entry_id        5F0C 
_struct_keywords.text            'EthR, transcription, repressor, Mycobacterium tuberculosis' 
_struct_keywords.pdbx_keywords   TRANSCRIPTION 
# 
loop_
_struct_asym.id 
_struct_asym.pdbx_blank_PDB_chainid_flag 
_struct_asym.pdbx_modified 
_struct_asym.entity_id 
_struct_asym.details 
A N N 1 ? 
B N N 2 ? 
C N N 3 ? 
D N N 3 ? 
E N N 4 ? 
# 
_struct_ref.id                         1 
_struct_ref.db_name                    UNP 
_struct_ref.db_code                    ETHR_MYCTO 
_struct_ref.pdbx_db_accession          P9WMC0 
_struct_ref.pdbx_db_isoform            ? 
_struct_ref.entity_id                  1 
_struct_ref.pdbx_seq_one_letter_code   
;TTSAASQASLPRGRRTARPSGDDRELAILATAENLLEDRPLADISVDDLAKGAGISRPTFYFYFPSKEAVLLTLLDRVVN
QADMALQTLAENPADTDRENMWRTGINVFFETFGSHKAVTRAGQAARATSVEVAELWSTFMQKWIAYTAAVIDAERDRGA
APRTLPAHELATALNLMNERTLFASFAGEQPSVPEARVLDTLVHIWVTSIYGENR
;
_struct_ref.pdbx_align_begin           2 
# 
_struct_ref_seq.align_id                      1 
_struct_ref_seq.ref_id                        1 
_struct_ref_seq.pdbx_PDB_id_code              5F0C 
_struct_ref_seq.pdbx_strand_id                A 
_struct_ref_seq.seq_align_beg                 6 
_struct_ref_seq.pdbx_seq_align_beg_ins_code   ? 
_struct_ref_seq.seq_align_end                 220 
_struct_ref_seq.pdbx_seq_align_end_ins_code   ? 
_struct_ref_seq.pdbx_db_accession             P9WMC0 
_struct_ref_seq.db_align_beg                  2 
_struct_ref_seq.pdbx_db_align_beg_ins_code    ? 
_struct_ref_seq.db_align_end                  216 
_struct_ref_seq.pdbx_db_align_end_ins_code    ? 
_struct_ref_seq.pdbx_auth_seq_align_beg       2 
_struct_ref_seq.pdbx_auth_seq_align_end       216 
# 
loop_
_struct_ref_seq_dif.align_id 
_struct_ref_seq_dif.pdbx_pdb_id_code 
_struct_ref_seq_dif.mon_id 
_struct_ref_seq_dif.pdbx_pdb_strand_id 
_struct_ref_seq_dif.seq_num 
_struct_ref_seq_dif.pdbx_pdb_ins_code 
_struct_ref_seq_dif.pdbx_seq_db_name 
_struct_ref_seq_dif.pdbx_seq_db_accession_code 
_struct_ref_seq_dif.db_mon_id 
_struct_ref_seq_dif.pdbx_seq_db_seq_num 
_struct_ref_seq_dif.details 
_struct_ref_seq_dif.pdbx_auth_seq_num 
_struct_ref_seq_dif.pdbx_ordinal 
1 5F0C MET A 1   ? UNP P9WMC0 ? ? 'initiating methionine' -3  1  
1 5F0C ASP A 2   ? UNP P9WMC0 ? ? 'expression tag'        -2  2  
1 5F0C ILE A 3   ? UNP P9WMC0 ? ? 'expression tag'        -1  3  
1 5F0C GLU A 4   ? UNP P9WMC0 ? ? 'expression tag'        0   4  
1 5F0C PHE A 5   ? UNP P9WMC0 ? ? 'expression tag'        1   5  
1 5F0C GLY A 221 ? UNP P9WMC0 ? ? 'expression tag'        217 6  
1 5F0C SER A 222 ? UNP P9WMC0 ? ? 'expression tag'        218 7  
1 5F0C HIS A 223 ? UNP P9WMC0 ? ? 'expression tag'        219 8  
1 5F0C HIS A 224 ? UNP P9WMC0 ? ? 'expression tag'        220 9  
1 5F0C HIS A 225 ? UNP P9WMC0 ? ? 'expression tag'        221 10 
1 5F0C HIS A 226 ? UNP P9WMC0 ? ? 'expression tag'        222 11 
1 5F0C HIS A 227 ? UNP P9WMC0 ? ? 'expression tag'        223 12 
1 5F0C HIS A 228 ? UNP P9WMC0 ? ? 'expression tag'        224 13 
# 
_pdbx_struct_assembly.id                   1 
_pdbx_struct_assembly.details              author_and_software_defined_assembly 
_pdbx_struct_assembly.method_details       PISA 
_pdbx_struct_assembly.oligomeric_details   dimeric 
_pdbx_struct_assembly.oligomeric_count     2 
# 
loop_
_pdbx_struct_assembly_prop.biol_id 
_pdbx_struct_assembly_prop.type 
_pdbx_struct_assembly_prop.value 
_pdbx_struct_assembly_prop.details 
1 'ABSA (A^2)' 3450  ? 
1 MORE         -73   ? 
1 'SSA (A^2)'  17300 ? 
# 
_pdbx_struct_assembly_gen.assembly_id       1 
_pdbx_struct_assembly_gen.oper_expression   1,2 
_pdbx_struct_assembly_gen.asym_id_list      A,B,C,D,E 
# 
loop_
_pdbx_struct_oper_list.id 
_pdbx_struct_oper_list.type 
_pdbx_struct_oper_list.name 
_pdbx_struct_oper_list.symmetry_operation 
_pdbx_struct_oper_list.matrix[1][1] 
_pdbx_struct_oper_list.matrix[1][2] 
_pdbx_struct_oper_list.matrix[1][3] 
_pdbx_struct_oper_list.vector[1] 
_pdbx_struct_oper_list.matrix[2][1] 
_pdbx_struct_oper_list.matrix[2][2] 
_pdbx_struct_oper_list.matrix[2][3] 
_pdbx_struct_oper_list.vector[2] 
_pdbx_struct_oper_list.matrix[3][1] 
_pdbx_struct_oper_list.matrix[3][2] 
_pdbx_struct_oper_list.matrix[3][3] 
_pdbx_struct_oper_list.vector[3] 
1 'identity operation'         1_555 x,y,z  1.0000000000  0.0000000000 0.0000000000 0.0000000000  0.0000000000 1.0000000000 0.0000000000 0.0000000000   0.0000000000 0.0000000000 1.0000000000  0.0000000000   
2 'crystal symmetry operation' 7_555 y,x,-z -0.0846617981 0.9960134665 0.0280990130 13.0103824466 0.9960134665 0.0837992158 0.0305755788 -11.4277464946 0.0280990130 0.0305755788 -0.9991374177 -18.7448105431 
# 
loop_
_struct_conf.conf_type_id 
_struct_conf.id 
_struct_conf.pdbx_PDB_helix_id 
_struct_conf.beg_label_comp_id 
_struct_conf.beg_label_asym_id 
_struct_conf.beg_label_seq_id 
_struct_conf.pdbx_beg_PDB_ins_code 
_struct_conf.end_label_comp_id 
_struct_conf.end_label_asym_id 
_struct_conf.end_label_seq_id 
_struct_conf.pdbx_end_PDB_ins_code 
_struct_conf.beg_auth_comp_id 
_struct_conf.beg_auth_asym_id 
_struct_conf.beg_auth_seq_id 
_struct_conf.end_auth_comp_id 
_struct_conf.end_auth_asym_id 
_struct_conf.end_auth_seq_id 
_struct_conf.pdbx_PDB_helix_class 
_struct_conf.details 
_struct_conf.pdbx_PDB_helix_length 
HELX_P HELX_P1  AA1 GLY A 26  ? GLU A 42  ? GLY A 22  GLU A 38  1 ? 17 
HELX_P HELX_P2  AA2 PRO A 45  ? ILE A 49  ? PRO A 41  ILE A 45  5 ? 5  
HELX_P HELX_P3  AA3 SER A 50  ? GLY A 59  ? SER A 46  GLY A 55  1 ? 10 
HELX_P HELX_P4  AA4 SER A 61  ? PHE A 69  ? SER A 57  PHE A 65  1 ? 9  
HELX_P HELX_P5  AA5 SER A 71  ? ASN A 97  ? SER A 67  ASN A 93  1 ? 27 
HELX_P HELX_P6  AA6 ASP A 102 ? SER A 120 ? ASP A 98  SER A 116 1 ? 19 
HELX_P HELX_P7  AA7 HIS A 121 ? ARG A 132 ? HIS A 117 ARG A 128 1 ? 12 
HELX_P HELX_P8  AA8 SER A 135 ? ARG A 163 ? SER A 131 ARG A 159 1 ? 29 
HELX_P HELX_P9  AA9 PRO A 171 ? GLY A 193 ? PRO A 167 GLY A 189 1 ? 23 
HELX_P HELX_P10 AB1 PRO A 199 ? GLY A 217 ? PRO A 195 GLY A 213 1 ? 19 
# 
_struct_conf_type.id          HELX_P 
_struct_conf_type.criteria    ? 
_struct_conf_type.reference   ? 
# 
_struct_mon_prot_cis.pdbx_id                1 
_struct_mon_prot_cis.label_comp_id          GLN 
_struct_mon_prot_cis.label_seq_id           195 
_struct_mon_prot_cis.label_asym_id          A 
_struct_mon_prot_cis.label_alt_id           . 
_struct_mon_prot_cis.pdbx_PDB_ins_code      ? 
_struct_mon_prot_cis.auth_comp_id           GLN 
_struct_mon_prot_cis.auth_seq_id            191 
_struct_mon_prot_cis.auth_asym_id           A 
_struct_mon_prot_cis.pdbx_label_comp_id_2   PRO 
_struct_mon_prot_cis.pdbx_label_seq_id_2    196 
_struct_mon_prot_cis.pdbx_label_asym_id_2   A 
_struct_mon_prot_cis.pdbx_PDB_ins_code_2    ? 
_struct_mon_prot_cis.pdbx_auth_comp_id_2    PRO 
_struct_mon_prot_cis.pdbx_auth_seq_id_2     192 
_struct_mon_prot_cis.pdbx_auth_asym_id_2    A 
_struct_mon_prot_cis.pdbx_PDB_model_num     1 
_struct_mon_prot_cis.pdbx_omega_angle       2.70 
# 
loop_
_struct_site.id 
_struct_site.pdbx_evidence_code 
_struct_site.pdbx_auth_asym_id 
_struct_site.pdbx_auth_comp_id 
_struct_site.pdbx_auth_seq_id 
_struct_site.pdbx_auth_ins_code 
_struct_site.pdbx_num_residues 
_struct_site.details 
AC1 Software A 5TE 301 ? 10 'binding site for residue 5TE A 301' 
AC2 Software A SO4 302 ? 3  'binding site for residue SO4 A 302' 
AC3 Software A SO4 303 ? 6  'binding site for residue SO4 A 303' 
# 
loop_
_struct_site_gen.id 
_struct_site_gen.site_id 
_struct_site_gen.pdbx_num_res 
_struct_site_gen.label_comp_id 
_struct_site_gen.label_asym_id 
_struct_site_gen.label_seq_id 
_struct_site_gen.pdbx_auth_ins_code 
_struct_site_gen.auth_comp_id 
_struct_site_gen.auth_asym_id 
_struct_site_gen.auth_seq_id 
_struct_site_gen.label_atom_id 
_struct_site_gen.label_alt_id 
_struct_site_gen.symmetry 
_struct_site_gen.details 
1  AC1 10 THR A 125 ? THR A 121 . ? 1_555 ? 
2  AC1 10 TRP A 142 ? TRP A 138 . ? 1_555 ? 
3  AC1 10 MET A 146 ? MET A 142 . ? 1_555 ? 
4  AC1 10 TRP A 149 ? TRP A 145 . ? 1_555 ? 
5  AC1 10 THR A 153 ? THR A 149 . ? 1_555 ? 
6  AC1 10 ASN A 180 ? ASN A 176 . ? 1_555 ? 
7  AC1 10 ASN A 183 ? ASN A 179 . ? 1_555 ? 
8  AC1 10 GLU A 184 ? GLU A 180 . ? 1_555 ? 
9  AC1 10 LEU A 187 ? LEU A 183 . ? 1_555 ? 
10 AC1 10 TRP A 211 ? TRP A 207 . ? 1_555 ? 
11 AC2 3  ASP A 102 ? ASP A 98  . ? 1_555 ? 
12 AC2 3  ARG A 103 ? ARG A 99  . ? 1_555 ? 
13 AC2 3  HOH E .   ? HOH A 421 . ? 1_555 ? 
14 AC3 6  PRO A 45  ? PRO A 41  . ? 1_555 ? 
15 AC3 6  LEU A 46  ? LEU A 42  . ? 1_555 ? 
16 AC3 6  ALA A 127 ? ALA A 123 . ? 1_555 ? 
17 AC3 6  ALA A 130 ? ALA A 126 . ? 1_555 ? 
18 AC3 6  HOH E .   ? HOH A 404 . ? 1_555 ? 
19 AC3 6  HOH E .   ? HOH A 408 . ? 1_555 ? 
# 
loop_
_pdbx_validate_rmsd_bond.id 
_pdbx_validate_rmsd_bond.PDB_model_num 
_pdbx_validate_rmsd_bond.auth_atom_id_1 
_pdbx_validate_rmsd_bond.auth_asym_id_1 
_pdbx_validate_rmsd_bond.auth_comp_id_1 
_pdbx_validate_rmsd_bond.auth_seq_id_1 
_pdbx_validate_rmsd_bond.PDB_ins_code_1 
_pdbx_validate_rmsd_bond.label_alt_id_1 
_pdbx_validate_rmsd_bond.auth_atom_id_2 
_pdbx_validate_rmsd_bond.auth_asym_id_2 
_pdbx_validate_rmsd_bond.auth_comp_id_2 
_pdbx_validate_rmsd_bond.auth_seq_id_2 
_pdbx_validate_rmsd_bond.PDB_ins_code_2 
_pdbx_validate_rmsd_bond.label_alt_id_2 
_pdbx_validate_rmsd_bond.bond_value 
_pdbx_validate_rmsd_bond.bond_target_value 
_pdbx_validate_rmsd_bond.bond_deviation 
_pdbx_validate_rmsd_bond.bond_standard_deviation 
_pdbx_validate_rmsd_bond.linker_flag 
1 1 CE2 A TRP 103 ? ? CD2 A TRP 103 ? ? 1.491 1.409 0.082 0.012 N 
2 1 CE2 A TRP 138 ? ? CD2 A TRP 138 ? ? 1.504 1.409 0.095 0.012 N 
3 1 CG  A TRP 207 ? ? CD1 A TRP 207 ? ? 1.457 1.363 0.094 0.014 N 
# 
loop_
_pdbx_validate_rmsd_angle.id 
_pdbx_validate_rmsd_angle.PDB_model_num 
_pdbx_validate_rmsd_angle.auth_atom_id_1 
_pdbx_validate_rmsd_angle.auth_asym_id_1 
_pdbx_validate_rmsd_angle.auth_comp_id_1 
_pdbx_validate_rmsd_angle.auth_seq_id_1 
_pdbx_validate_rmsd_angle.PDB_ins_code_1 
_pdbx_validate_rmsd_angle.label_alt_id_1 
_pdbx_validate_rmsd_angle.auth_atom_id_2 
_pdbx_validate_rmsd_angle.auth_asym_id_2 
_pdbx_validate_rmsd_angle.auth_comp_id_2 
_pdbx_validate_rmsd_angle.auth_seq_id_2 
_pdbx_validate_rmsd_angle.PDB_ins_code_2 
_pdbx_validate_rmsd_angle.label_alt_id_2 
_pdbx_validate_rmsd_angle.auth_atom_id_3 
_pdbx_validate_rmsd_angle.auth_asym_id_3 
_pdbx_validate_rmsd_angle.auth_comp_id_3 
_pdbx_validate_rmsd_angle.auth_seq_id_3 
_pdbx_validate_rmsd_angle.PDB_ins_code_3 
_pdbx_validate_rmsd_angle.label_alt_id_3 
_pdbx_validate_rmsd_angle.angle_value 
_pdbx_validate_rmsd_angle.angle_target_value 
_pdbx_validate_rmsd_angle.angle_deviation 
_pdbx_validate_rmsd_angle.angle_standard_deviation 
_pdbx_validate_rmsd_angle.linker_flag 
1 1 C  A ARG 40  ? ? N  A PRO 41  ? ? CA  A PRO 41  ? ? 128.64 119.30 9.34  1.50 Y 
2 1 NE A ARG 157 ? ? CZ A ARG 157 ? ? NH1 A ARG 157 ? ? 117.13 120.30 -3.17 0.50 N 
# 
loop_
_pdbx_validate_torsion.id 
_pdbx_validate_torsion.PDB_model_num 
_pdbx_validate_torsion.auth_comp_id 
_pdbx_validate_torsion.auth_asym_id 
_pdbx_validate_torsion.auth_seq_id 
_pdbx_validate_torsion.PDB_ins_code 
_pdbx_validate_torsion.label_alt_id 
_pdbx_validate_torsion.phi 
_pdbx_validate_torsion.psi 
1 1 PRO A 94  ? ? -39.44  104.51  
2 1 THR A 165 ? ? -113.87 -106.86 
# 
_pdbx_phasing_MR.entry_id                     5F0C 
_pdbx_phasing_MR.method_rotation              ? 
_pdbx_phasing_MR.method_translation           ? 
_pdbx_phasing_MR.model_details                'Phaser MODE: MR_AUTO' 
_pdbx_phasing_MR.R_factor                     ? 
_pdbx_phasing_MR.R_rigid_body                 ? 
_pdbx_phasing_MR.correlation_coeff_Fo_to_Fc   ? 
_pdbx_phasing_MR.correlation_coeff_Io_to_Ic   ? 
_pdbx_phasing_MR.d_res_high_rotation          2.500 
_pdbx_phasing_MR.d_res_low_rotation           54.440 
_pdbx_phasing_MR.d_res_high_translation       2.500 
_pdbx_phasing_MR.d_res_low_translation        54.440 
_pdbx_phasing_MR.packing                      ? 
_pdbx_phasing_MR.reflns_percent_rotation      ? 
_pdbx_phasing_MR.reflns_percent_translation   ? 
_pdbx_phasing_MR.sigma_F_rotation             ? 
_pdbx_phasing_MR.sigma_F_translation          ? 
_pdbx_phasing_MR.sigma_I_rotation             ? 
_pdbx_phasing_MR.sigma_I_translation          ? 
# 
_phasing.method   MR 
# 
loop_
_pdbx_unobs_or_zero_occ_residues.id 
_pdbx_unobs_or_zero_occ_residues.PDB_model_num 
_pdbx_unobs_or_zero_occ_residues.polymer_flag 
_pdbx_unobs_or_zero_occ_residues.occupancy_flag 
_pdbx_unobs_or_zero_occ_residues.auth_asym_id 
_pdbx_unobs_or_zero_occ_residues.auth_comp_id 
_pdbx_unobs_or_zero_occ_residues.auth_seq_id 
_pdbx_unobs_or_zero_occ_residues.PDB_ins_code 
_pdbx_unobs_or_zero_occ_residues.label_asym_id 
_pdbx_unobs_or_zero_occ_residues.label_comp_id 
_pdbx_unobs_or_zero_occ_residues.label_seq_id 
1  1 Y 1 A MET -3  ? A MET 1   
2  1 Y 1 A ASP -2  ? A ASP 2   
3  1 Y 1 A ILE -1  ? A ILE 3   
4  1 Y 1 A GLU 0   ? A GLU 4   
5  1 Y 1 A PHE 1   ? A PHE 5   
6  1 Y 1 A THR 2   ? A THR 6   
7  1 Y 1 A THR 3   ? A THR 7   
8  1 Y 1 A SER 4   ? A SER 8   
9  1 Y 1 A ALA 5   ? A ALA 9   
10 1 Y 1 A ALA 6   ? A ALA 10  
11 1 Y 1 A SER 7   ? A SER 11  
12 1 Y 1 A GLN 8   ? A GLN 12  
13 1 Y 1 A ALA 9   ? A ALA 13  
14 1 Y 1 A SER 10  ? A SER 14  
15 1 Y 1 A LEU 11  ? A LEU 15  
16 1 Y 1 A PRO 12  ? A PRO 16  
17 1 Y 1 A ARG 13  ? A ARG 17  
18 1 Y 1 A GLY 14  ? A GLY 18  
19 1 Y 1 A ARG 15  ? A ARG 19  
20 1 Y 1 A ARG 16  ? A ARG 20  
21 1 Y 1 A THR 17  ? A THR 21  
22 1 Y 1 A ALA 18  ? A ALA 22  
23 1 Y 1 A ARG 19  ? A ARG 23  
24 1 Y 1 A PRO 20  ? A PRO 24  
25 1 Y 1 A SER 21  ? A SER 25  
26 1 Y 1 A ASN 215 ? A ASN 219 
27 1 Y 1 A ARG 216 ? A ARG 220 
28 1 Y 1 A GLY 217 ? A GLY 221 
29 1 Y 1 A SER 218 ? A SER 222 
30 1 Y 1 A HIS 219 ? A HIS 223 
31 1 Y 1 A HIS 220 ? A HIS 224 
32 1 Y 1 A HIS 221 ? A HIS 225 
33 1 Y 1 A HIS 222 ? A HIS 226 
34 1 Y 1 A HIS 223 ? A HIS 227 
35 1 Y 1 A HIS 224 ? A HIS 228 
# 
loop_
_chem_comp_atom.comp_id 
_chem_comp_atom.atom_id 
_chem_comp_atom.type_symbol 
_chem_comp_atom.pdbx_aromatic_flag 
_chem_comp_atom.pdbx_stereo_config 
_chem_comp_atom.pdbx_ordinal 
5TE C1   C N N 1   
5TE C2   C N N 2   
5TE C3   C N N 3   
5TE N1   N N N 4   
5TE C4   C N N 5   
5TE C5   C Y N 6   
5TE C6   C Y N 7   
5TE C7   C Y N 8   
5TE C8   C Y N 9   
5TE C9   C Y N 10  
5TE C10  C Y N 11  
5TE C11  C N N 12  
5TE C12  C N N 13  
5TE C13  C N N 14  
5TE C14  C N N 15  
5TE C15  C N N 16  
5TE C16  C N N 17  
5TE C17  C N N 18  
5TE C18  C N N 19  
5TE O    O N N 20  
5TE N    N N N 21  
5TE C    C N N 22  
5TE H1   H N N 23  
5TE H2   H N N 24  
5TE H3   H N N 25  
5TE H4   H N N 26  
5TE H5   H N N 27  
5TE H6   H N N 28  
5TE H7   H N N 29  
5TE H8   H N N 30  
5TE H9   H N N 31  
5TE H10  H N N 32  
5TE H11  H N N 33  
5TE H12  H N N 34  
5TE H13  H N N 35  
5TE H14  H N N 36  
5TE H15  H N N 37  
5TE H16  H N N 38  
5TE H17  H N N 39  
5TE H18  H N N 40  
5TE H19  H N N 41  
5TE H20  H N N 42  
5TE H21  H N N 43  
5TE H22  H N N 44  
5TE H23  H N N 45  
5TE H24  H N N 46  
5TE H25  H N N 47  
5TE H26  H N N 48  
5TE H27  H N N 49  
5TE H28  H N N 50  
ALA N    N N N 51  
ALA CA   C N S 52  
ALA C    C N N 53  
ALA O    O N N 54  
ALA CB   C N N 55  
ALA OXT  O N N 56  
ALA H    H N N 57  
ALA H2   H N N 58  
ALA HA   H N N 59  
ALA HB1  H N N 60  
ALA HB2  H N N 61  
ALA HB3  H N N 62  
ALA HXT  H N N 63  
ARG N    N N N 64  
ARG CA   C N S 65  
ARG C    C N N 66  
ARG O    O N N 67  
ARG CB   C N N 68  
ARG CG   C N N 69  
ARG CD   C N N 70  
ARG NE   N N N 71  
ARG CZ   C N N 72  
ARG NH1  N N N 73  
ARG NH2  N N N 74  
ARG OXT  O N N 75  
ARG H    H N N 76  
ARG H2   H N N 77  
ARG HA   H N N 78  
ARG HB2  H N N 79  
ARG HB3  H N N 80  
ARG HG2  H N N 81  
ARG HG3  H N N 82  
ARG HD2  H N N 83  
ARG HD3  H N N 84  
ARG HE   H N N 85  
ARG HH11 H N N 86  
ARG HH12 H N N 87  
ARG HH21 H N N 88  
ARG HH22 H N N 89  
ARG HXT  H N N 90  
ASN N    N N N 91  
ASN CA   C N S 92  
ASN C    C N N 93  
ASN O    O N N 94  
ASN CB   C N N 95  
ASN CG   C N N 96  
ASN OD1  O N N 97  
ASN ND2  N N N 98  
ASN OXT  O N N 99  
ASN H    H N N 100 
ASN H2   H N N 101 
ASN HA   H N N 102 
ASN HB2  H N N 103 
ASN HB3  H N N 104 
ASN HD21 H N N 105 
ASN HD22 H N N 106 
ASN HXT  H N N 107 
ASP N    N N N 108 
ASP CA   C N S 109 
ASP C    C N N 110 
ASP O    O N N 111 
ASP CB   C N N 112 
ASP CG   C N N 113 
ASP OD1  O N N 114 
ASP OD2  O N N 115 
ASP OXT  O N N 116 
ASP H    H N N 117 
ASP H2   H N N 118 
ASP HA   H N N 119 
ASP HB2  H N N 120 
ASP HB3  H N N 121 
ASP HD2  H N N 122 
ASP HXT  H N N 123 
GLN N    N N N 124 
GLN CA   C N S 125 
GLN C    C N N 126 
GLN O    O N N 127 
GLN CB   C N N 128 
GLN CG   C N N 129 
GLN CD   C N N 130 
GLN OE1  O N N 131 
GLN NE2  N N N 132 
GLN OXT  O N N 133 
GLN H    H N N 134 
GLN H2   H N N 135 
GLN HA   H N N 136 
GLN HB2  H N N 137 
GLN HB3  H N N 138 
GLN HG2  H N N 139 
GLN HG3  H N N 140 
GLN HE21 H N N 141 
GLN HE22 H N N 142 
GLN HXT  H N N 143 
GLU N    N N N 144 
GLU CA   C N S 145 
GLU C    C N N 146 
GLU O    O N N 147 
GLU CB   C N N 148 
GLU CG   C N N 149 
GLU CD   C N N 150 
GLU OE1  O N N 151 
GLU OE2  O N N 152 
GLU OXT  O N N 153 
GLU H    H N N 154 
GLU H2   H N N 155 
GLU HA   H N N 156 
GLU HB2  H N N 157 
GLU HB3  H N N 158 
GLU HG2  H N N 159 
GLU HG3  H N N 160 
GLU HE2  H N N 161 
GLU HXT  H N N 162 
GLY N    N N N 163 
GLY CA   C N N 164 
GLY C    C N N 165 
GLY O    O N N 166 
GLY OXT  O N N 167 
GLY H    H N N 168 
GLY H2   H N N 169 
GLY HA2  H N N 170 
GLY HA3  H N N 171 
GLY HXT  H N N 172 
HIS N    N N N 173 
HIS CA   C N S 174 
HIS C    C N N 175 
HIS O    O N N 176 
HIS CB   C N N 177 
HIS CG   C Y N 178 
HIS ND1  N Y N 179 
HIS CD2  C Y N 180 
HIS CE1  C Y N 181 
HIS NE2  N Y N 182 
HIS OXT  O N N 183 
HIS H    H N N 184 
HIS H2   H N N 185 
HIS HA   H N N 186 
HIS HB2  H N N 187 
HIS HB3  H N N 188 
HIS HD1  H N N 189 
HIS HD2  H N N 190 
HIS HE1  H N N 191 
HIS HE2  H N N 192 
HIS HXT  H N N 193 
HOH O    O N N 194 
HOH H1   H N N 195 
HOH H2   H N N 196 
ILE N    N N N 197 
ILE CA   C N S 198 
ILE C    C N N 199 
ILE O    O N N 200 
ILE CB   C N S 201 
ILE CG1  C N N 202 
ILE CG2  C N N 203 
ILE CD1  C N N 204 
ILE OXT  O N N 205 
ILE H    H N N 206 
ILE H2   H N N 207 
ILE HA   H N N 208 
ILE HB   H N N 209 
ILE HG12 H N N 210 
ILE HG13 H N N 211 
ILE HG21 H N N 212 
ILE HG22 H N N 213 
ILE HG23 H N N 214 
ILE HD11 H N N 215 
ILE HD12 H N N 216 
ILE HD13 H N N 217 
ILE HXT  H N N 218 
LEU N    N N N 219 
LEU CA   C N S 220 
LEU C    C N N 221 
LEU O    O N N 222 
LEU CB   C N N 223 
LEU CG   C N N 224 
LEU CD1  C N N 225 
LEU CD2  C N N 226 
LEU OXT  O N N 227 
LEU H    H N N 228 
LEU H2   H N N 229 
LEU HA   H N N 230 
LEU HB2  H N N 231 
LEU HB3  H N N 232 
LEU HG   H N N 233 
LEU HD11 H N N 234 
LEU HD12 H N N 235 
LEU HD13 H N N 236 
LEU HD21 H N N 237 
LEU HD22 H N N 238 
LEU HD23 H N N 239 
LEU HXT  H N N 240 
LYS N    N N N 241 
LYS CA   C N S 242 
LYS C    C N N 243 
LYS O    O N N 244 
LYS CB   C N N 245 
LYS CG   C N N 246 
LYS CD   C N N 247 
LYS CE   C N N 248 
LYS NZ   N N N 249 
LYS OXT  O N N 250 
LYS H    H N N 251 
LYS H2   H N N 252 
LYS HA   H N N 253 
LYS HB2  H N N 254 
LYS HB3  H N N 255 
LYS HG2  H N N 256 
LYS HG3  H N N 257 
LYS HD2  H N N 258 
LYS HD3  H N N 259 
LYS HE2  H N N 260 
LYS HE3  H N N 261 
LYS HZ1  H N N 262 
LYS HZ2  H N N 263 
LYS HZ3  H N N 264 
LYS HXT  H N N 265 
MET N    N N N 266 
MET CA   C N S 267 
MET C    C N N 268 
MET O    O N N 269 
MET CB   C N N 270 
MET CG   C N N 271 
MET SD   S N N 272 
MET CE   C N N 273 
MET OXT  O N N 274 
MET H    H N N 275 
MET H2   H N N 276 
MET HA   H N N 277 
MET HB2  H N N 278 
MET HB3  H N N 279 
MET HG2  H N N 280 
MET HG3  H N N 281 
MET HE1  H N N 282 
MET HE2  H N N 283 
MET HE3  H N N 284 
MET HXT  H N N 285 
PHE N    N N N 286 
PHE CA   C N S 287 
PHE C    C N N 288 
PHE O    O N N 289 
PHE CB   C N N 290 
PHE CG   C Y N 291 
PHE CD1  C Y N 292 
PHE CD2  C Y N 293 
PHE CE1  C Y N 294 
PHE CE2  C Y N 295 
PHE CZ   C Y N 296 
PHE OXT  O N N 297 
PHE H    H N N 298 
PHE H2   H N N 299 
PHE HA   H N N 300 
PHE HB2  H N N 301 
PHE HB3  H N N 302 
PHE HD1  H N N 303 
PHE HD2  H N N 304 
PHE HE1  H N N 305 
PHE HE2  H N N 306 
PHE HZ   H N N 307 
PHE HXT  H N N 308 
PRO N    N N N 309 
PRO CA   C N S 310 
PRO C    C N N 311 
PRO O    O N N 312 
PRO CB   C N N 313 
PRO CG   C N N 314 
PRO CD   C N N 315 
PRO OXT  O N N 316 
PRO H    H N N 317 
PRO HA   H N N 318 
PRO HB2  H N N 319 
PRO HB3  H N N 320 
PRO HG2  H N N 321 
PRO HG3  H N N 322 
PRO HD2  H N N 323 
PRO HD3  H N N 324 
PRO HXT  H N N 325 
SER N    N N N 326 
SER CA   C N S 327 
SER C    C N N 328 
SER O    O N N 329 
SER CB   C N N 330 
SER OG   O N N 331 
SER OXT  O N N 332 
SER H    H N N 333 
SER H2   H N N 334 
SER HA   H N N 335 
SER HB2  H N N 336 
SER HB3  H N N 337 
SER HG   H N N 338 
SER HXT  H N N 339 
SO4 S    S N N 340 
SO4 O1   O N N 341 
SO4 O2   O N N 342 
SO4 O3   O N N 343 
SO4 O4   O N N 344 
THR N    N N N 345 
THR CA   C N S 346 
THR C    C N N 347 
THR O    O N N 348 
THR CB   C N R 349 
THR OG1  O N N 350 
THR CG2  C N N 351 
THR OXT  O N N 352 
THR H    H N N 353 
THR H2   H N N 354 
THR HA   H N N 355 
THR HB   H N N 356 
THR HG1  H N N 357 
THR HG21 H N N 358 
THR HG22 H N N 359 
THR HG23 H N N 360 
THR HXT  H N N 361 
TRP N    N N N 362 
TRP CA   C N S 363 
TRP C    C N N 364 
TRP O    O N N 365 
TRP CB   C N N 366 
TRP CG   C Y N 367 
TRP CD1  C Y N 368 
TRP CD2  C Y N 369 
TRP NE1  N Y N 370 
TRP CE2  C Y N 371 
TRP CE3  C Y N 372 
TRP CZ2  C Y N 373 
TRP CZ3  C Y N 374 
TRP CH2  C Y N 375 
TRP OXT  O N N 376 
TRP H    H N N 377 
TRP H2   H N N 378 
TRP HA   H N N 379 
TRP HB2  H N N 380 
TRP HB3  H N N 381 
TRP HD1  H N N 382 
TRP HE1  H N N 383 
TRP HE3  H N N 384 
TRP HZ2  H N N 385 
TRP HZ3  H N N 386 
TRP HH2  H N N 387 
TRP HXT  H N N 388 
TYR N    N N N 389 
TYR CA   C N S 390 
TYR C    C N N 391 
TYR O    O N N 392 
TYR CB   C N N 393 
TYR CG   C Y N 394 
TYR CD1  C Y N 395 
TYR CD2  C Y N 396 
TYR CE1  C Y N 397 
TYR CE2  C Y N 398 
TYR CZ   C Y N 399 
TYR OH   O N N 400 
TYR OXT  O N N 401 
TYR H    H N N 402 
TYR H2   H N N 403 
TYR HA   H N N 404 
TYR HB2  H N N 405 
TYR HB3  H N N 406 
TYR HD1  H N N 407 
TYR HD2  H N N 408 
TYR HE1  H N N 409 
TYR HE2  H N N 410 
TYR HH   H N N 411 
TYR HXT  H N N 412 
VAL N    N N N 413 
VAL CA   C N S 414 
VAL C    C N N 415 
VAL O    O N N 416 
VAL CB   C N N 417 
VAL CG1  C N N 418 
VAL CG2  C N N 419 
VAL OXT  O N N 420 
VAL H    H N N 421 
VAL H2   H N N 422 
VAL HA   H N N 423 
VAL HB   H N N 424 
VAL HG11 H N N 425 
VAL HG12 H N N 426 
VAL HG13 H N N 427 
VAL HG21 H N N 428 
VAL HG22 H N N 429 
VAL HG23 H N N 430 
VAL HXT  H N N 431 
# 
loop_
_chem_comp_bond.comp_id 
_chem_comp_bond.atom_id_1 
_chem_comp_bond.atom_id_2 
_chem_comp_bond.value_order 
_chem_comp_bond.pdbx_aromatic_flag 
_chem_comp_bond.pdbx_stereo_config 
_chem_comp_bond.pdbx_ordinal 
5TE C18 C17  sing N N 1   
5TE C18 C14  sing N N 2   
5TE C17 C16  sing N N 3   
5TE C8  C9   doub Y N 4   
5TE C8  C7   sing Y N 5   
5TE C9  C10  sing Y N 6   
5TE C14 C13  sing N N 7   
5TE C14 C15  sing N N 8   
5TE C13 C12  sing N N 9   
5TE C16 C15  sing N N 10  
5TE N1  C7   sing N N 11  
5TE N1  C11  sing N N 12  
5TE C7  C6   doub Y N 13  
5TE C10 C5   doub Y N 14  
5TE C12 C11  sing N N 15  
5TE C11 O    doub N N 16  
5TE C6  C5   sing Y N 17  
5TE C5  N    sing N N 18  
5TE C1  N    sing N N 19  
5TE C1  C    sing N N 20  
5TE N   C2   sing N N 21  
5TE C2  C3   sing N N 22  
5TE C   C4   sing N N 23  
5TE C4  C3   sing N N 24  
5TE C1  H1   sing N N 25  
5TE C1  H2   sing N N 26  
5TE C2  H3   sing N N 27  
5TE C2  H4   sing N N 28  
5TE C3  H5   sing N N 29  
5TE C3  H6   sing N N 30  
5TE N1  H7   sing N N 31  
5TE C4  H8   sing N N 32  
5TE C4  H9   sing N N 33  
5TE C6  H10  sing N N 34  
5TE C8  H11  sing N N 35  
5TE C9  H12  sing N N 36  
5TE C10 H13  sing N N 37  
5TE C12 H14  sing N N 38  
5TE C12 H15  sing N N 39  
5TE C13 H16  sing N N 40  
5TE C13 H17  sing N N 41  
5TE C14 H18  sing N N 42  
5TE C15 H19  sing N N 43  
5TE C15 H20  sing N N 44  
5TE C16 H21  sing N N 45  
5TE C16 H22  sing N N 46  
5TE C17 H23  sing N N 47  
5TE C17 H24  sing N N 48  
5TE C18 H25  sing N N 49  
5TE C18 H26  sing N N 50  
5TE C   H27  sing N N 51  
5TE C   H28  sing N N 52  
ALA N   CA   sing N N 53  
ALA N   H    sing N N 54  
ALA N   H2   sing N N 55  
ALA CA  C    sing N N 56  
ALA CA  CB   sing N N 57  
ALA CA  HA   sing N N 58  
ALA C   O    doub N N 59  
ALA C   OXT  sing N N 60  
ALA CB  HB1  sing N N 61  
ALA CB  HB2  sing N N 62  
ALA CB  HB3  sing N N 63  
ALA OXT HXT  sing N N 64  
ARG N   CA   sing N N 65  
ARG N   H    sing N N 66  
ARG N   H2   sing N N 67  
ARG CA  C    sing N N 68  
ARG CA  CB   sing N N 69  
ARG CA  HA   sing N N 70  
ARG C   O    doub N N 71  
ARG C   OXT  sing N N 72  
ARG CB  CG   sing N N 73  
ARG CB  HB2  sing N N 74  
ARG CB  HB3  sing N N 75  
ARG CG  CD   sing N N 76  
ARG CG  HG2  sing N N 77  
ARG CG  HG3  sing N N 78  
ARG CD  NE   sing N N 79  
ARG CD  HD2  sing N N 80  
ARG CD  HD3  sing N N 81  
ARG NE  CZ   sing N N 82  
ARG NE  HE   sing N N 83  
ARG CZ  NH1  sing N N 84  
ARG CZ  NH2  doub N N 85  
ARG NH1 HH11 sing N N 86  
ARG NH1 HH12 sing N N 87  
ARG NH2 HH21 sing N N 88  
ARG NH2 HH22 sing N N 89  
ARG OXT HXT  sing N N 90  
ASN N   CA   sing N N 91  
ASN N   H    sing N N 92  
ASN N   H2   sing N N 93  
ASN CA  C    sing N N 94  
ASN CA  CB   sing N N 95  
ASN CA  HA   sing N N 96  
ASN C   O    doub N N 97  
ASN C   OXT  sing N N 98  
ASN CB  CG   sing N N 99  
ASN CB  HB2  sing N N 100 
ASN CB  HB3  sing N N 101 
ASN CG  OD1  doub N N 102 
ASN CG  ND2  sing N N 103 
ASN ND2 HD21 sing N N 104 
ASN ND2 HD22 sing N N 105 
ASN OXT HXT  sing N N 106 
ASP N   CA   sing N N 107 
ASP N   H    sing N N 108 
ASP N   H2   sing N N 109 
ASP CA  C    sing N N 110 
ASP CA  CB   sing N N 111 
ASP CA  HA   sing N N 112 
ASP C   O    doub N N 113 
ASP C   OXT  sing N N 114 
ASP CB  CG   sing N N 115 
ASP CB  HB2  sing N N 116 
ASP CB  HB3  sing N N 117 
ASP CG  OD1  doub N N 118 
ASP CG  OD2  sing N N 119 
ASP OD2 HD2  sing N N 120 
ASP OXT HXT  sing N N 121 
GLN N   CA   sing N N 122 
GLN N   H    sing N N 123 
GLN N   H2   sing N N 124 
GLN CA  C    sing N N 125 
GLN CA  CB   sing N N 126 
GLN CA  HA   sing N N 127 
GLN C   O    doub N N 128 
GLN C   OXT  sing N N 129 
GLN CB  CG   sing N N 130 
GLN CB  HB2  sing N N 131 
GLN CB  HB3  sing N N 132 
GLN CG  CD   sing N N 133 
GLN CG  HG2  sing N N 134 
GLN CG  HG3  sing N N 135 
GLN CD  OE1  doub N N 136 
GLN CD  NE2  sing N N 137 
GLN NE2 HE21 sing N N 138 
GLN NE2 HE22 sing N N 139 
GLN OXT HXT  sing N N 140 
GLU N   CA   sing N N 141 
GLU N   H    sing N N 142 
GLU N   H2   sing N N 143 
GLU CA  C    sing N N 144 
GLU CA  CB   sing N N 145 
GLU CA  HA   sing N N 146 
GLU C   O    doub N N 147 
GLU C   OXT  sing N N 148 
GLU CB  CG   sing N N 149 
GLU CB  HB2  sing N N 150 
GLU CB  HB3  sing N N 151 
GLU CG  CD   sing N N 152 
GLU CG  HG2  sing N N 153 
GLU CG  HG3  sing N N 154 
GLU CD  OE1  doub N N 155 
GLU CD  OE2  sing N N 156 
GLU OE2 HE2  sing N N 157 
GLU OXT HXT  sing N N 158 
GLY N   CA   sing N N 159 
GLY N   H    sing N N 160 
GLY N   H2   sing N N 161 
GLY CA  C    sing N N 162 
GLY CA  HA2  sing N N 163 
GLY CA  HA3  sing N N 164 
GLY C   O    doub N N 165 
GLY C   OXT  sing N N 166 
GLY OXT HXT  sing N N 167 
HIS N   CA   sing N N 168 
HIS N   H    sing N N 169 
HIS N   H2   sing N N 170 
HIS CA  C    sing N N 171 
HIS CA  CB   sing N N 172 
HIS CA  HA   sing N N 173 
HIS C   O    doub N N 174 
HIS C   OXT  sing N N 175 
HIS CB  CG   sing N N 176 
HIS CB  HB2  sing N N 177 
HIS CB  HB3  sing N N 178 
HIS CG  ND1  sing Y N 179 
HIS CG  CD2  doub Y N 180 
HIS ND1 CE1  doub Y N 181 
HIS ND1 HD1  sing N N 182 
HIS CD2 NE2  sing Y N 183 
HIS CD2 HD2  sing N N 184 
HIS CE1 NE2  sing Y N 185 
HIS CE1 HE1  sing N N 186 
HIS NE2 HE2  sing N N 187 
HIS OXT HXT  sing N N 188 
HOH O   H1   sing N N 189 
HOH O   H2   sing N N 190 
ILE N   CA   sing N N 191 
ILE N   H    sing N N 192 
ILE N   H2   sing N N 193 
ILE CA  C    sing N N 194 
ILE CA  CB   sing N N 195 
ILE CA  HA   sing N N 196 
ILE C   O    doub N N 197 
ILE C   OXT  sing N N 198 
ILE CB  CG1  sing N N 199 
ILE CB  CG2  sing N N 200 
ILE CB  HB   sing N N 201 
ILE CG1 CD1  sing N N 202 
ILE CG1 HG12 sing N N 203 
ILE CG1 HG13 sing N N 204 
ILE CG2 HG21 sing N N 205 
ILE CG2 HG22 sing N N 206 
ILE CG2 HG23 sing N N 207 
ILE CD1 HD11 sing N N 208 
ILE CD1 HD12 sing N N 209 
ILE CD1 HD13 sing N N 210 
ILE OXT HXT  sing N N 211 
LEU N   CA   sing N N 212 
LEU N   H    sing N N 213 
LEU N   H2   sing N N 214 
LEU CA  C    sing N N 215 
LEU CA  CB   sing N N 216 
LEU CA  HA   sing N N 217 
LEU C   O    doub N N 218 
LEU C   OXT  sing N N 219 
LEU CB  CG   sing N N 220 
LEU CB  HB2  sing N N 221 
LEU CB  HB3  sing N N 222 
LEU CG  CD1  sing N N 223 
LEU CG  CD2  sing N N 224 
LEU CG  HG   sing N N 225 
LEU CD1 HD11 sing N N 226 
LEU CD1 HD12 sing N N 227 
LEU CD1 HD13 sing N N 228 
LEU CD2 HD21 sing N N 229 
LEU CD2 HD22 sing N N 230 
LEU CD2 HD23 sing N N 231 
LEU OXT HXT  sing N N 232 
LYS N   CA   sing N N 233 
LYS N   H    sing N N 234 
LYS N   H2   sing N N 235 
LYS CA  C    sing N N 236 
LYS CA  CB   sing N N 237 
LYS CA  HA   sing N N 238 
LYS C   O    doub N N 239 
LYS C   OXT  sing N N 240 
LYS CB  CG   sing N N 241 
LYS CB  HB2  sing N N 242 
LYS CB  HB3  sing N N 243 
LYS CG  CD   sing N N 244 
LYS CG  HG2  sing N N 245 
LYS CG  HG3  sing N N 246 
LYS CD  CE   sing N N 247 
LYS CD  HD2  sing N N 248 
LYS CD  HD3  sing N N 249 
LYS CE  NZ   sing N N 250 
LYS CE  HE2  sing N N 251 
LYS CE  HE3  sing N N 252 
LYS NZ  HZ1  sing N N 253 
LYS NZ  HZ2  sing N N 254 
LYS NZ  HZ3  sing N N 255 
LYS OXT HXT  sing N N 256 
MET N   CA   sing N N 257 
MET N   H    sing N N 258 
MET N   H2   sing N N 259 
MET CA  C    sing N N 260 
MET CA  CB   sing N N 261 
MET CA  HA   sing N N 262 
MET C   O    doub N N 263 
MET C   OXT  sing N N 264 
MET CB  CG   sing N N 265 
MET CB  HB2  sing N N 266 
MET CB  HB3  sing N N 267 
MET CG  SD   sing N N 268 
MET CG  HG2  sing N N 269 
MET CG  HG3  sing N N 270 
MET SD  CE   sing N N 271 
MET CE  HE1  sing N N 272 
MET CE  HE2  sing N N 273 
MET CE  HE3  sing N N 274 
MET OXT HXT  sing N N 275 
PHE N   CA   sing N N 276 
PHE N   H    sing N N 277 
PHE N   H2   sing N N 278 
PHE CA  C    sing N N 279 
PHE CA  CB   sing N N 280 
PHE CA  HA   sing N N 281 
PHE C   O    doub N N 282 
PHE C   OXT  sing N N 283 
PHE CB  CG   sing N N 284 
PHE CB  HB2  sing N N 285 
PHE CB  HB3  sing N N 286 
PHE CG  CD1  doub Y N 287 
PHE CG  CD2  sing Y N 288 
PHE CD1 CE1  sing Y N 289 
PHE CD1 HD1  sing N N 290 
PHE CD2 CE2  doub Y N 291 
PHE CD2 HD2  sing N N 292 
PHE CE1 CZ   doub Y N 293 
PHE CE1 HE1  sing N N 294 
PHE CE2 CZ   sing Y N 295 
PHE CE2 HE2  sing N N 296 
PHE CZ  HZ   sing N N 297 
PHE OXT HXT  sing N N 298 
PRO N   CA   sing N N 299 
PRO N   CD   sing N N 300 
PRO N   H    sing N N 301 
PRO CA  C    sing N N 302 
PRO CA  CB   sing N N 303 
PRO CA  HA   sing N N 304 
PRO C   O    doub N N 305 
PRO C   OXT  sing N N 306 
PRO CB  CG   sing N N 307 
PRO CB  HB2  sing N N 308 
PRO CB  HB3  sing N N 309 
PRO CG  CD   sing N N 310 
PRO CG  HG2  sing N N 311 
PRO CG  HG3  sing N N 312 
PRO CD  HD2  sing N N 313 
PRO CD  HD3  sing N N 314 
PRO OXT HXT  sing N N 315 
SER N   CA   sing N N 316 
SER N   H    sing N N 317 
SER N   H2   sing N N 318 
SER CA  C    sing N N 319 
SER CA  CB   sing N N 320 
SER CA  HA   sing N N 321 
SER C   O    doub N N 322 
SER C   OXT  sing N N 323 
SER CB  OG   sing N N 324 
SER CB  HB2  sing N N 325 
SER CB  HB3  sing N N 326 
SER OG  HG   sing N N 327 
SER OXT HXT  sing N N 328 
SO4 S   O1   doub N N 329 
SO4 S   O2   doub N N 330 
SO4 S   O3   sing N N 331 
SO4 S   O4   sing N N 332 
THR N   CA   sing N N 333 
THR N   H    sing N N 334 
THR N   H2   sing N N 335 
THR CA  C    sing N N 336 
THR CA  CB   sing N N 337 
THR CA  HA   sing N N 338 
THR C   O    doub N N 339 
THR C   OXT  sing N N 340 
THR CB  OG1  sing N N 341 
THR CB  CG2  sing N N 342 
THR CB  HB   sing N N 343 
THR OG1 HG1  sing N N 344 
THR CG2 HG21 sing N N 345 
THR CG2 HG22 sing N N 346 
THR CG2 HG23 sing N N 347 
THR OXT HXT  sing N N 348 
TRP N   CA   sing N N 349 
TRP N   H    sing N N 350 
TRP N   H2   sing N N 351 
TRP CA  C    sing N N 352 
TRP CA  CB   sing N N 353 
TRP CA  HA   sing N N 354 
TRP C   O    doub N N 355 
TRP C   OXT  sing N N 356 
TRP CB  CG   sing N N 357 
TRP CB  HB2  sing N N 358 
TRP CB  HB3  sing N N 359 
TRP CG  CD1  doub Y N 360 
TRP CG  CD2  sing Y N 361 
TRP CD1 NE1  sing Y N 362 
TRP CD1 HD1  sing N N 363 
TRP CD2 CE2  doub Y N 364 
TRP CD2 CE3  sing Y N 365 
TRP NE1 CE2  sing Y N 366 
TRP NE1 HE1  sing N N 367 
TRP CE2 CZ2  sing Y N 368 
TRP CE3 CZ3  doub Y N 369 
TRP CE3 HE3  sing N N 370 
TRP CZ2 CH2  doub Y N 371 
TRP CZ2 HZ2  sing N N 372 
TRP CZ3 CH2  sing Y N 373 
TRP CZ3 HZ3  sing N N 374 
TRP CH2 HH2  sing N N 375 
TRP OXT HXT  sing N N 376 
TYR N   CA   sing N N 377 
TYR N   H    sing N N 378 
TYR N   H2   sing N N 379 
TYR CA  C    sing N N 380 
TYR CA  CB   sing N N 381 
TYR CA  HA   sing N N 382 
TYR C   O    doub N N 383 
TYR C   OXT  sing N N 384 
TYR CB  CG   sing N N 385 
TYR CB  HB2  sing N N 386 
TYR CB  HB3  sing N N 387 
TYR CG  CD1  doub Y N 388 
TYR CG  CD2  sing Y N 389 
TYR CD1 CE1  sing Y N 390 
TYR CD1 HD1  sing N N 391 
TYR CD2 CE2  doub Y N 392 
TYR CD2 HD2  sing N N 393 
TYR CE1 CZ   doub Y N 394 
TYR CE1 HE1  sing N N 395 
TYR CE2 CZ   sing Y N 396 
TYR CE2 HE2  sing N N 397 
TYR CZ  OH   sing N N 398 
TYR OH  HH   sing N N 399 
TYR OXT HXT  sing N N 400 
VAL N   CA   sing N N 401 
VAL N   H    sing N N 402 
VAL N   H2   sing N N 403 
VAL CA  C    sing N N 404 
VAL CA  CB   sing N N 405 
VAL CA  HA   sing N N 406 
VAL C   O    doub N N 407 
VAL C   OXT  sing N N 408 
VAL CB  CG1  sing N N 409 
VAL CB  CG2  sing N N 410 
VAL CB  HB   sing N N 411 
VAL CG1 HG11 sing N N 412 
VAL CG1 HG12 sing N N 413 
VAL CG1 HG13 sing N N 414 
VAL CG2 HG21 sing N N 415 
VAL CG2 HG22 sing N N 416 
VAL CG2 HG23 sing N N 417 
VAL OXT HXT  sing N N 418 
# 
loop_
_pdbx_audit_support.funding_organization 
_pdbx_audit_support.country 
_pdbx_audit_support.grant_number 
_pdbx_audit_support.ordinal 
'Engineering and Physical Sciences Research Council' 'United Kingdom' ? 1 
'Bill & Melinda Gates Foundation'                    'United States'  ? 2 
'European Union'                                     ?                ? 3 
# 
_pdbx_initial_refinement_model.id               1 
_pdbx_initial_refinement_model.entity_id_list   ? 
_pdbx_initial_refinement_model.type             'experimental model' 
_pdbx_initial_refinement_model.source_name      PDB 
_pdbx_initial_refinement_model.accession_code   1T56 
_pdbx_initial_refinement_model.details          ? 
# 
_atom_sites.entry_id                    5F0C 
_atom_sites.fract_transf_matrix[1][1]   0.00088658 
_atom_sites.fract_transf_matrix[1][2]   0.00695455 
_atom_sites.fract_transf_matrix[1][3]   0.00427995 
_atom_sites.fract_transf_matrix[2][1]   0.00697203 
_atom_sites.fract_transf_matrix[2][2]   0.00159669 
_atom_sites.fract_transf_matrix[2][3]   -0.00403871 
_atom_sites.fract_transf_matrix[3][1]   -0.01532199 
_atom_sites.fract_transf_matrix[3][2]   0.01466359 
_atom_sites.fract_transf_matrix[3][3]   -0.02065317 
_atom_sites.fract_transf_vector[1]      0.289257 
_atom_sites.fract_transf_vector[2]      0.141090 
_atom_sites.fract_transf_vector[3]      -0.010111 
# 
loop_
_atom_type.symbol 
C 
N 
O 
S 
# 
loop_
_atom_site.group_PDB 
_atom_site.id 
_atom_site.type_symbol 
_atom_site.label_atom_id 
_atom_site.label_alt_id 
_atom_site.label_comp_id 
_atom_site.label_asym_id 
_atom_site.label_entity_id 
_atom_site.label_seq_id 
_atom_site.pdbx_PDB_ins_code 
_atom_site.Cartn_x 
_atom_site.Cartn_y 
_atom_site.Cartn_z 
_atom_site.occupancy 
_atom_site.B_iso_or_equiv 
_atom_site.pdbx_formal_charge 
_atom_site.auth_seq_id 
_atom_site.auth_comp_id 
_atom_site.auth_asym_id 
_atom_site.auth_atom_id 
_atom_site.pdbx_PDB_model_num 
ATOM   1    N N   . GLY A 1 26  ? 2.972   23.419  15.627  1.00 60.39 ? 22  GLY A N   1 
ATOM   2    C CA  . GLY A 1 26  ? 3.873   22.298  16.000  1.00 70.60 ? 22  GLY A CA  1 
ATOM   3    C C   . GLY A 1 26  ? 3.395   21.123  15.179  1.00 78.67 ? 22  GLY A C   1 
ATOM   4    O O   . GLY A 1 26  ? 3.793   20.994  14.023  1.00 74.00 ? 22  GLY A O   1 
ATOM   5    N N   . ASP A 1 27  ? 2.521   20.289  15.760  1.00 83.13 ? 23  ASP A N   1 
ATOM   6    C CA  . ASP A 1 27  ? 1.766   19.265  15.013  1.00 73.28 ? 23  ASP A CA  1 
ATOM   7    C C   . ASP A 1 27  ? 1.210   19.853  13.693  1.00 75.30 ? 23  ASP A C   1 
ATOM   8    O O   . ASP A 1 27  ? 1.035   19.133  12.712  1.00 73.96 ? 23  ASP A O   1 
ATOM   9    C CB  . ASP A 1 27  ? 0.628   18.661  15.870  1.00 60.31 ? 23  ASP A CB  1 
ATOM   10   N N   . ASP A 1 28  ? 0.976   21.167  13.660  1.00 67.92 ? 24  ASP A N   1 
ATOM   11   C CA  . ASP A 1 28  ? 0.312   21.806  12.517  1.00 61.50 ? 24  ASP A CA  1 
ATOM   12   C C   . ASP A 1 28  ? 1.247   22.314  11.430  1.00 51.04 ? 24  ASP A C   1 
ATOM   13   O O   . ASP A 1 28  ? 0.910   22.287  10.221  1.00 44.36 ? 24  ASP A O   1 
ATOM   14   C CB  . ASP A 1 28  ? -0.608  22.920  13.008  1.00 66.01 ? 24  ASP A CB  1 
ATOM   15   C CG  . ASP A 1 28  ? -1.642  22.404  14.022  1.00 81.67 ? 24  ASP A CG  1 
ATOM   16   O OD1 . ASP A 1 28  ? -2.025  21.207  13.937  1.00 72.69 ? 24  ASP A OD1 1 
ATOM   17   O OD2 . ASP A 1 28  ? -2.050  23.179  14.922  1.00 84.87 ? 24  ASP A OD2 1 
ATOM   18   N N   . ARG A 1 29  ? 2.416   22.797  11.829  1.00 44.53 ? 25  ARG A N   1 
ATOM   19   C CA  . ARG A 1 29  ? 3.435   23.053  10.825  1.00 46.79 ? 25  ARG A CA  1 
ATOM   20   C C   . ARG A 1 29  ? 3.887   21.700  10.208  1.00 43.44 ? 25  ARG A C   1 
ATOM   21   O O   . ARG A 1 29  ? 4.044   21.592  8.997   1.00 35.78 ? 25  ARG A O   1 
ATOM   22   C CB  . ARG A 1 29  ? 4.613   23.822  11.393  1.00 44.67 ? 25  ARG A CB  1 
ATOM   23   C CG  . ARG A 1 29  ? 4.321   25.302  11.544  1.00 47.46 ? 25  ARG A CG  1 
ATOM   24   C CD  . ARG A 1 29  ? 4.990   25.791  12.824  1.00 57.62 ? 25  ARG A CD  1 
ATOM   25   N NE  . ARG A 1 29  ? 5.534   27.114  12.607  1.00 56.03 ? 25  ARG A NE  1 
ATOM   26   C CZ  . ARG A 1 29  ? 6.621   27.593  13.193  1.00 61.02 ? 25  ARG A CZ  1 
ATOM   27   N NH1 . ARG A 1 29  ? 7.306   26.842  14.043  1.00 57.11 ? 25  ARG A NH1 1 
ATOM   28   N NH2 . ARG A 1 29  ? 7.030   28.825  12.889  1.00 57.78 ? 25  ARG A NH2 1 
ATOM   29   N N   . GLU A 1 30  ? 4.082   20.683  11.034  1.00 38.39 ? 26  GLU A N   1 
ATOM   30   C CA  . GLU A 1 30  ? 4.341   19.345  10.478  1.00 40.09 ? 26  GLU A CA  1 
ATOM   31   C C   . GLU A 1 30  ? 3.291   18.895  9.415   1.00 37.10 ? 26  GLU A C   1 
ATOM   32   O O   . GLU A 1 30  ? 3.678   18.468  8.329   1.00 35.96 ? 26  GLU A O   1 
ATOM   33   C CB  . GLU A 1 30  ? 4.448   18.313  11.572  1.00 38.68 ? 26  GLU A CB  1 
ATOM   34   C CG  . GLU A 1 30  ? 4.992   17.023  11.036  1.00 48.84 ? 26  GLU A CG  1 
ATOM   35   C CD  . GLU A 1 30  ? 5.467   16.078  12.117  1.00 61.47 ? 26  GLU A CD  1 
ATOM   36   O OE1 . GLU A 1 30  ? 5.814   16.563  13.214  1.00 61.62 ? 26  GLU A OE1 1 
ATOM   37   O OE2 . GLU A 1 30  ? 5.513   14.850  11.837  1.00 58.84 ? 26  GLU A OE2 1 
ATOM   38   N N   . LEU A 1 31  ? 1.987   18.996  9.725   1.00 38.16 ? 27  LEU A N   1 
ATOM   39   C CA  . LEU A 1 31  ? 0.927   18.508  8.810   1.00 40.67 ? 27  LEU A CA  1 
ATOM   40   C C   . LEU A 1 31  ? 0.921   19.315  7.519   1.00 37.87 ? 27  LEU A C   1 
ATOM   41   O O   . LEU A 1 31  ? 0.717   18.752  6.403   1.00 31.04 ? 27  LEU A O   1 
ATOM   42   C CB  . LEU A 1 31  ? -0.463  18.488  9.472   1.00 41.63 ? 27  LEU A CB  1 
ATOM   43   C CG  . LEU A 1 31  ? -0.762  17.329  10.422  1.00 44.05 ? 27  LEU A CG  1 
ATOM   44   C CD1 . LEU A 1 31  ? -1.939  17.629  11.351  1.00 45.16 ? 27  LEU A CD1 1 
ATOM   45   C CD2 . LEU A 1 31  ? -1.009  16.005  9.689   1.00 45.75 ? 27  LEU A CD2 1 
ATOM   46   N N   . ALA A 1 32  ? 1.177   20.633  7.656   1.00 33.70 ? 28  ALA A N   1 
ATOM   47   C CA  . ALA A 1 32  ? 1.308   21.539  6.490   1.00 33.18 ? 28  ALA A CA  1 
ATOM   48   C C   . ALA A 1 32  ? 2.430   21.074  5.564   1.00 27.80 ? 28  ALA A C   1 
ATOM   49   O O   . ALA A 1 32  ? 2.337   21.170  4.333   1.00 29.54 ? 28  ALA A O   1 
ATOM   50   C CB  . ALA A 1 32  ? 1.600   22.983  6.947   1.00 31.39 ? 28  ALA A CB  1 
ATOM   51   N N   . ILE A 1 33  ? 3.532   20.653  6.144   1.00 25.46 ? 29  ILE A N   1 
ATOM   52   C CA  . ILE A 1 33  ? 4.672   20.310  5.289   1.00 24.25 ? 29  ILE A CA  1 
ATOM   53   C C   . ILE A 1 33  ? 4.248   18.953  4.574   1.00 22.97 ? 29  ILE A C   1 
ATOM   54   O O   . ILE A 1 33  ? 4.475   18.807  3.390   1.00 22.08 ? 29  ILE A O   1 
ATOM   55   C CB  . ILE A 1 33  ? 5.867   19.963  6.189   1.00 24.31 ? 29  ILE A CB  1 
ATOM   56   C CG1 . ILE A 1 33  ? 6.479   21.290  6.694   1.00 28.90 ? 29  ILE A CG1 1 
ATOM   57   C CG2 . ILE A 1 33  ? 6.930   19.208  5.377   1.00 20.96 ? 29  ILE A CG2 1 
ATOM   58   C CD1 . ILE A 1 33  ? 7.468   21.079  7.801   1.00 32.46 ? 29  ILE A CD1 1 
ATOM   59   N N   . LEU A 1 34  ? 3.617   18.051  5.317   1.00 24.87 ? 30  LEU A N   1 
ATOM   60   C CA  . LEU A 1 34  ? 3.159   16.741  4.749   1.00 29.21 ? 30  LEU A CA  1 
ATOM   61   C C   . LEU A 1 34  ? 2.119   16.936  3.585   1.00 30.48 ? 30  LEU A C   1 
ATOM   62   O O   . LEU A 1 34  ? 2.263   16.397  2.473   1.00 27.12 ? 30  LEU A O   1 
ATOM   63   C CB  . LEU A 1 34  ? 2.594   15.841  5.855   1.00 26.43 ? 30  LEU A CB  1 
ATOM   64   C CG  . LEU A 1 34  ? 3.690   15.322  6.810   1.00 27.87 ? 30  LEU A CG  1 
ATOM   65   C CD1 . LEU A 1 34  ? 3.098   14.813  8.109   1.00 30.42 ? 30  LEU A CD1 1 
ATOM   66   C CD2 . LEU A 1 34  ? 4.602   14.261  6.137   1.00 29.75 ? 30  LEU A CD2 1 
ATOM   67   N N   . ALA A 1 35  ? 1.121   17.768  3.845   1.00 29.12 ? 31  ALA A N   1 
ATOM   68   C CA  . ALA A 1 35  ? 0.103   18.077  2.853   1.00 30.23 ? 31  ALA A CA  1 
ATOM   69   C C   . ALA A 1 35  ? 0.665   18.754  1.640   1.00 29.52 ? 31  ALA A C   1 
ATOM   70   O O   . ALA A 1 35  ? 0.299   18.426  0.509   1.00 30.81 ? 31  ALA A O   1 
ATOM   71   C CB  . ALA A 1 35  ? -1.042  18.882  3.511   1.00 32.17 ? 31  ALA A CB  1 
ATOM   72   N N   . THR A 1 36  ? 1.641   19.646  1.813   1.00 27.20 ? 32  THR A N   1 
ATOM   73   C CA  . THR A 1 36  ? 2.350   20.276  0.690   1.00 28.21 ? 32  THR A CA  1 
ATOM   74   C C   . THR A 1 36  ? 3.122   19.317  -0.132  1.00 28.38 ? 32  THR A C   1 
ATOM   75   O O   . THR A 1 36  ? 3.042   19.370  -1.325  1.00 30.59 ? 32  THR A O   1 
ATOM   76   C CB  . THR A 1 36  ? 3.339   21.396  1.139   1.00 30.44 ? 32  THR A CB  1 
ATOM   77   O OG1 . THR A 1 36  ? 2.622   22.354  1.878   1.00 33.58 ? 32  THR A OG1 1 
ATOM   78   C CG2 . THR A 1 36  ? 4.049   22.059  0.042   1.00 31.35 ? 32  THR A CG2 1 
ATOM   79   N N   . ALA A 1 37  ? 3.880   18.418  0.511   1.00 25.21 ? 33  ALA A N   1 
ATOM   80   C CA  . ALA A 1 37  ? 4.638   17.459  -0.201  1.00 23.69 ? 33  ALA A CA  1 
ATOM   81   C C   . ALA A 1 37  ? 3.627   16.517  -0.984  1.00 23.44 ? 33  ALA A C   1 
ATOM   82   O O   . ALA A 1 37  ? 3.874   16.217  -2.159  1.00 26.30 ? 33  ALA A O   1 
ATOM   83   C CB  . ALA A 1 37  ? 5.444   16.643  0.808   1.00 24.62 ? 33  ALA A CB  1 
ATOM   84   N N   . GLU A 1 38  ? 2.541   16.090  -0.332  1.00 28.46 ? 34  GLU A N   1 
ATOM   85   C CA  . GLU A 1 38  ? 1.576   15.174  -1.053  1.00 29.70 ? 34  GLU A CA  1 
ATOM   86   C C   . GLU A 1 38  ? 1.050   15.928  -2.285  1.00 35.21 ? 34  GLU A C   1 
ATOM   87   O O   . GLU A 1 38  ? 1.002   15.392  -3.435  1.00 28.50 ? 34  GLU A O   1 
ATOM   88   C CB  . GLU A 1 38  ? 0.465   14.636  -0.146  1.00 33.24 ? 34  GLU A CB  1 
ATOM   89   C CG  . GLU A 1 38  ? -0.397  13.566  -0.883  1.00 36.17 ? 34  GLU A CG  1 
ATOM   90   C CD  . GLU A 1 38  ? -1.102  12.614  0.069   1.00 42.01 ? 34  GLU A CD  1 
ATOM   91   O OE1 . GLU A 1 38  ? -1.234  12.975  1.259   1.00 41.97 ? 34  GLU A OE1 1 
ATOM   92   O OE2 . GLU A 1 38  ? -1.556  11.511  -0.361  1.00 33.86 ? 34  GLU A OE2 1 
ATOM   93   N N   . ASN A 1 39  ? 0.700   17.203  -2.083  1.00 30.91 ? 35  ASN A N   1 
ATOM   94   C CA  . ASN A 1 39  ? 0.263   18.018  -3.218  1.00 32.85 ? 35  ASN A CA  1 
ATOM   95   C C   . ASN A 1 39  ? 1.203   18.128  -4.357  1.00 31.44 ? 35  ASN A C   1 
ATOM   96   O O   . ASN A 1 39  ? 0.839   17.958  -5.528  1.00 31.06 ? 35  ASN A O   1 
ATOM   97   C CB  . ASN A 1 39  ? -0.129  19.405  -2.771  1.00 39.87 ? 35  ASN A CB  1 
ATOM   98   C CG  . ASN A 1 39  ? -1.537  19.443  -2.358  1.00 53.23 ? 35  ASN A CG  1 
ATOM   99   O OD1 . ASN A 1 39  ? -1.994  18.602  -1.567  1.00 58.51 ? 35  ASN A OD1 1 
ATOM   100  N ND2 . ASN A 1 39  ? -2.280  20.370  -2.938  1.00 61.13 ? 35  ASN A ND2 1 
ATOM   101  N N   . LEU A 1 40  ? 2.440   18.454  -4.051  1.00 30.44 ? 36  LEU A N   1 
ATOM   102  C CA  . LEU A 1 40  ? 3.461   18.627  -5.086  1.00 31.96 ? 36  LEU A CA  1 
ATOM   103  C C   . LEU A 1 40  ? 3.868   17.350  -5.799  1.00 32.29 ? 36  LEU A C   1 
ATOM   104  O O   . LEU A 1 40  ? 4.246   17.398  -6.973  1.00 31.53 ? 36  LEU A O   1 
ATOM   105  C CB  . LEU A 1 40  ? 4.703   19.332  -4.475  1.00 33.27 ? 36  LEU A CB  1 
ATOM   106  C CG  . LEU A 1 40  ? 4.367   20.769  -4.007  1.00 36.52 ? 36  LEU A CG  1 
ATOM   107  C CD1 . LEU A 1 40  ? 5.618   21.394  -3.412  1.00 33.44 ? 36  LEU A CD1 1 
ATOM   108  C CD2 . LEU A 1 40  ? 3.832   21.632  -5.171  1.00 37.88 ? 36  LEU A CD2 1 
ATOM   109  N N   . LEU A 1 41  ? 3.894   16.227  -5.069  1.00 32.07 ? 37  LEU A N   1 
ATOM   110  C CA  . LEU A 1 41  ? 4.143   14.917  -5.676  1.00 31.06 ? 37  LEU A CA  1 
ATOM   111  C C   . LEU A 1 41  ? 3.106   14.541  -6.719  1.00 30.93 ? 37  LEU A C   1 
ATOM   112  O O   . LEU A 1 41  ? 3.416   13.719  -7.533  1.00 31.60 ? 37  LEU A O   1 
ATOM   113  C CB  . LEU A 1 41  ? 4.168   13.790  -4.627  1.00 31.71 ? 37  LEU A CB  1 
ATOM   114  C CG  . LEU A 1 41  ? 5.516   13.841  -3.842  1.00 30.90 ? 37  LEU A CG  1 
ATOM   115  C CD1 . LEU A 1 41  ? 5.432   13.007  -2.574  1.00 28.68 ? 37  LEU A CD1 1 
ATOM   116  C CD2 . LEU A 1 41  ? 6.774   13.515  -4.662  1.00 28.28 ? 37  LEU A CD2 1 
ATOM   117  N N   . GLU A 1 42  ? 1.894   15.074  -6.647  1.00 32.33 ? 38  GLU A N   1 
ATOM   118  C CA  . GLU A 1 42  ? 0.902   14.837  -7.700  1.00 37.22 ? 38  GLU A CA  1 
ATOM   119  C C   . GLU A 1 42  ? 1.352   15.363  -9.073  1.00 43.79 ? 38  GLU A C   1 
ATOM   120  O O   . GLU A 1 42  ? 1.019   14.767  -10.068 1.00 41.24 ? 38  GLU A O   1 
ATOM   121  C CB  . GLU A 1 42  ? -0.443  15.381  -7.279  1.00 44.10 ? 38  GLU A CB  1 
ATOM   122  C CG  . GLU A 1 42  ? -1.280  14.351  -6.547  1.00 57.62 ? 38  GLU A CG  1 
ATOM   123  C CD  . GLU A 1 42  ? -1.761  14.852  -5.202  1.00 72.53 ? 38  GLU A CD  1 
ATOM   124  O OE1 . GLU A 1 42  ? -2.402  15.928  -5.160  1.00 89.30 ? 38  GLU A OE1 1 
ATOM   125  O OE2 . GLU A 1 42  ? -1.490  14.182  -4.178  1.00 66.67 ? 38  GLU A OE2 1 
ATOM   126  N N   . ASP A 1 43  ? 2.210   16.394  -9.109  1.00 45.20 ? 39  ASP A N   1 
ATOM   127  C CA  . ASP A 1 43  ? 2.620   17.064  -10.347 1.00 50.70 ? 39  ASP A CA  1 
ATOM   128  C C   . ASP A 1 43  ? 4.037   16.774  -10.779 1.00 48.51 ? 39  ASP A C   1 
ATOM   129  O O   . ASP A 1 43  ? 4.350   16.944  -11.925 1.00 52.66 ? 39  ASP A O   1 
ATOM   130  C CB  . ASP A 1 43  ? 2.498   18.569  -10.209 1.00 60.70 ? 39  ASP A CB  1 
ATOM   131  C CG  . ASP A 1 43  ? 1.050   19.035  -10.114 1.00 74.65 ? 39  ASP A CG  1 
ATOM   132  O OD1 . ASP A 1 43  ? 0.109   18.199  -10.064 1.00 76.89 ? 39  ASP A OD1 1 
ATOM   133  O OD2 . ASP A 1 43  ? 0.852   20.266  -10.089 1.00 85.79 ? 39  ASP A OD2 1 
ATOM   134  N N   . ARG A 1 44  ? 4.905   16.384  -9.867  1.00 42.40 ? 40  ARG A N   1 
ATOM   135  C CA  . ARG A 1 44  ? 6.251   16.069  -10.216 1.00 38.62 ? 40  ARG A CA  1 
ATOM   136  C C   . ARG A 1 44  ? 6.908   15.148  -9.223  1.00 37.91 ? 40  ARG A C   1 
ATOM   137  O O   . ARG A 1 44  ? 6.427   15.005  -8.107  1.00 36.27 ? 40  ARG A O   1 
ATOM   138  C CB  . ARG A 1 44  ? 7.052   17.353  -10.332 1.00 50.95 ? 40  ARG A CB  1 
ATOM   139  C CG  . ARG A 1 44  ? 6.893   18.327  -9.197  1.00 49.23 ? 40  ARG A CG  1 
ATOM   140  C CD  . ARG A 1 44  ? 7.617   19.580  -9.711  1.00 60.11 ? 40  ARG A CD  1 
ATOM   141  N NE  . ARG A 1 44  ? 7.626   20.683  -8.776  1.00 55.89 ? 40  ARG A NE  1 
ATOM   142  C CZ  . ARG A 1 44  ? 6.542   21.324  -8.369  1.00 58.30 ? 40  ARG A CZ  1 
ATOM   143  N NH1 . ARG A 1 44  ? 5.318   20.961  -8.784  1.00 69.26 ? 40  ARG A NH1 1 
ATOM   144  N NH2 . ARG A 1 44  ? 6.690   22.291  -7.503  1.00 54.40 ? 40  ARG A NH2 1 
ATOM   145  N N   . PRO A 1 45  ? 8.025   14.525  -9.620  1.00 36.53 ? 41  PRO A N   1 
ATOM   146  C CA  . PRO A 1 45  ? 8.886   13.624  -8.859  1.00 37.74 ? 41  PRO A CA  1 
ATOM   147  C C   . PRO A 1 45  ? 9.534   14.315  -7.641  1.00 41.91 ? 41  PRO A C   1 
ATOM   148  O O   . PRO A 1 45  ? 9.768   15.510  -7.719  1.00 39.13 ? 41  PRO A O   1 
ATOM   149  C CB  . PRO A 1 45  ? 10.015  13.271  -9.892  1.00 37.52 ? 41  PRO A CB  1 
ATOM   150  C CG  . PRO A 1 45  ? 9.416   13.561  -11.217 1.00 42.17 ? 41  PRO A CG  1 
ATOM   151  C CD  . PRO A 1 45  ? 8.496   14.709  -11.006 1.00 41.77 ? 41  PRO A CD  1 
ATOM   152  N N   . LEU A 1 46  ? 9.871   13.557  -6.589  1.00 37.98 ? 42  LEU A N   1 
ATOM   153  C CA  . LEU A 1 46  ? 10.559  14.080  -5.414  1.00 44.86 ? 42  LEU A CA  1 
ATOM   154  C C   . LEU A 1 46  ? 11.849  14.856  -5.814  1.00 49.07 ? 42  LEU A C   1 
ATOM   155  O O   . LEU A 1 46  ? 12.070  15.941  -5.304  1.00 46.14 ? 42  LEU A O   1 
ATOM   156  C CB  . LEU A 1 46  ? 10.913  12.972  -4.415  1.00 40.06 ? 42  LEU A CB  1 
ATOM   157  C CG  . LEU A 1 46  ? 11.412  13.484  -3.058  1.00 42.82 ? 42  LEU A CG  1 
ATOM   158  C CD1 . LEU A 1 46  ? 10.351  14.311  -2.309  1.00 45.54 ? 42  LEU A CD1 1 
ATOM   159  C CD2 . LEU A 1 46  ? 11.939  12.363  -2.173  1.00 44.20 ? 42  LEU A CD2 1 
ATOM   160  N N   . ALA A 1 47  ? 12.654  14.287  -6.724  1.00 51.99 ? 43  ALA A N   1 
ATOM   161  C CA  . ALA A 1 47  ? 13.866  14.936  -7.314  1.00 48.96 ? 43  ALA A CA  1 
ATOM   162  C C   . ALA A 1 47  ? 13.644  16.370  -7.867  1.00 54.41 ? 43  ALA A C   1 
ATOM   163  O O   . ALA A 1 47  ? 14.570  17.173  -7.897  1.00 62.45 ? 43  ALA A O   1 
ATOM   164  C CB  . ALA A 1 47  ? 14.468  14.042  -8.388  1.00 42.93 ? 43  ALA A CB  1 
ATOM   165  N N   . ASP A 1 48  ? 12.422  16.686  -8.292  1.00 47.13 ? 44  ASP A N   1 
ATOM   166  C CA  . ASP A 1 48  ? 12.083  18.007  -8.794  1.00 45.63 ? 44  ASP A CA  1 
ATOM   167  C C   . ASP A 1 48  ? 11.416  18.867  -7.761  1.00 46.68 ? 44  ASP A C   1 
ATOM   168  O O   . ASP A 1 48  ? 10.842  19.909  -8.105  1.00 48.98 ? 44  ASP A O   1 
ATOM   169  C CB  . ASP A 1 48  ? 11.091  17.900  -9.931  1.00 51.42 ? 44  ASP A CB  1 
ATOM   170  C CG  . ASP A 1 48  ? 11.724  17.603  -11.236 1.00 55.79 ? 44  ASP A CG  1 
ATOM   171  O OD1 . ASP A 1 48  ? 12.789  16.953  -11.284 1.00 62.49 ? 44  ASP A OD1 1 
ATOM   172  O OD2 . ASP A 1 48  ? 11.120  18.013  -12.244 1.00 63.51 ? 44  ASP A OD2 1 
ATOM   173  N N   . ILE A 1 49  ? 11.429  18.432  -6.503  1.00 43.81 ? 45  ILE A N   1 
ATOM   174  C CA  . ILE A 1 49  ? 10.803  19.209  -5.473  1.00 42.08 ? 45  ILE A CA  1 
ATOM   175  C C   . ILE A 1 49  ? 11.926  19.638  -4.509  1.00 44.21 ? 45  ILE A C   1 
ATOM   176  O O   . ILE A 1 49  ? 12.750  18.800  -4.098  1.00 48.50 ? 45  ILE A O   1 
ATOM   177  C CB  . ILE A 1 49  ? 9.667   18.409  -4.755  1.00 39.82 ? 45  ILE A CB  1 
ATOM   178  C CG1 . ILE A 1 49  ? 8.530   18.030  -5.729  1.00 40.91 ? 45  ILE A CG1 1 
ATOM   179  C CG2 . ILE A 1 49  ? 8.991   19.264  -3.710  1.00 41.65 ? 45  ILE A CG2 1 
ATOM   180  C CD1 . ILE A 1 49  ? 7.534   17.059  -5.103  1.00 32.61 ? 45  ILE A CD1 1 
ATOM   181  N N   . SER A 1 50  ? 11.999  20.939  -4.191  1.00 48.16 ? 46  SER A N   1 
ATOM   182  C CA  . SER A 1 50  ? 13.066  21.429  -3.269  1.00 48.43 ? 46  SER A CA  1 
ATOM   183  C C   . SER A 1 50  ? 12.564  21.631  -1.863  1.00 47.83 ? 46  SER A C   1 
ATOM   184  O O   . SER A 1 50  ? 11.351  21.818  -1.646  1.00 41.93 ? 46  SER A O   1 
ATOM   185  C CB  . SER A 1 50  ? 13.656  22.765  -3.737  1.00 45.72 ? 46  SER A CB  1 
ATOM   186  O OG  . SER A 1 50  ? 12.610  23.699  -3.864  1.00 43.95 ? 46  SER A OG  1 
ATOM   187  N N   . VAL A 1 51  ? 13.490  21.624  -0.892  1.00 44.44 ? 47  VAL A N   1 
ATOM   188  C CA  . VAL A 1 51  ? 13.108  22.004  0.474   1.00 45.61 ? 47  VAL A CA  1 
ATOM   189  C C   . VAL A 1 51  ? 12.373  23.369  0.527   1.00 41.61 ? 47  VAL A C   1 
ATOM   190  O O   . VAL A 1 51  ? 11.419  23.553  1.297   1.00 39.13 ? 47  VAL A O   1 
ATOM   191  C CB  . VAL A 1 51  ? 14.298  21.816  1.463   1.00 47.50 ? 47  VAL A CB  1 
ATOM   192  C CG1 . VAL A 1 51  ? 14.107  22.638  2.737   1.00 42.99 ? 47  VAL A CG1 1 
ATOM   193  C CG2 . VAL A 1 51  ? 14.384  20.344  1.828   1.00 41.47 ? 47  VAL A CG2 1 
ATOM   194  N N   . ASP A 1 52  ? 12.795  24.328  -0.316  1.00 54.04 ? 48  ASP A N   1 
ATOM   195  C CA  . ASP A 1 52  ? 12.191  25.665  -0.342  1.00 52.07 ? 48  ASP A CA  1 
ATOM   196  C C   . ASP A 1 52  ? 10.748  25.612  -0.781  1.00 49.19 ? 48  ASP A C   1 
ATOM   197  O O   . ASP A 1 52  ? 9.870   26.284  -0.168  1.00 43.49 ? 48  ASP A O   1 
ATOM   198  C CB  . ASP A 1 52  ? 12.995  26.664  -1.188  1.00 60.21 ? 48  ASP A CB  1 
ATOM   199  C CG  . ASP A 1 52  ? 14.249  27.207  -0.435  1.00 76.72 ? 48  ASP A CG  1 
ATOM   200  O OD1 . ASP A 1 52  ? 14.155  27.626  0.760   1.00 72.10 ? 48  ASP A OD1 1 
ATOM   201  O OD2 . ASP A 1 52  ? 15.344  27.206  -1.041  1.00 70.16 ? 48  ASP A OD2 1 
ATOM   202  N N   . ASP A 1 53  ? 10.505  24.792  -1.822  1.00 47.61 ? 49  ASP A N   1 
ATOM   203  C CA  . ASP A 1 53  ? 9.139   24.441  -2.253  1.00 44.25 ? 49  ASP A CA  1 
ATOM   204  C C   . ASP A 1 53  ? 8.269   23.981  -1.103  1.00 37.82 ? 49  ASP A C   1 
ATOM   205  O O   . ASP A 1 53  ? 7.158   24.482  -0.911  1.00 40.07 ? 49  ASP A O   1 
ATOM   206  C CB  . ASP A 1 53  ? 9.161   23.304  -3.256  1.00 50.96 ? 49  ASP A CB  1 
ATOM   207  C CG  . ASP A 1 53  ? 9.623   23.720  -4.606  1.00 55.20 ? 49  ASP A CG  1 
ATOM   208  O OD1 . ASP A 1 53  ? 9.411   24.909  -4.985  1.00 48.78 ? 49  ASP A OD1 1 
ATOM   209  O OD2 . ASP A 1 53  ? 10.207  22.842  -5.293  1.00 52.60 ? 49  ASP A OD2 1 
ATOM   210  N N   . LEU A 1 54  ? 8.750   22.997  -0.337  1.00 35.33 ? 50  LEU A N   1 
ATOM   211  C CA  . LEU A 1 54  ? 7.961   22.513  0.801   1.00 29.84 ? 50  LEU A CA  1 
ATOM   212  C C   . LEU A 1 54  ? 7.794   23.544  1.903   1.00 33.43 ? 50  LEU A C   1 
ATOM   213  O O   . LEU A 1 54  ? 6.735   23.670  2.522   1.00 32.81 ? 50  LEU A O   1 
ATOM   214  C CB  . LEU A 1 54  ? 8.604   21.245  1.381   1.00 31.80 ? 50  LEU A CB  1 
ATOM   215  C CG  . LEU A 1 54  ? 8.790   20.103  0.351   1.00 35.18 ? 50  LEU A CG  1 
ATOM   216  C CD1 . LEU A 1 54  ? 9.748   19.041  0.879   1.00 33.04 ? 50  LEU A CD1 1 
ATOM   217  C CD2 . LEU A 1 54  ? 7.413   19.541  -0.048  1.00 37.66 ? 50  LEU A CD2 1 
ATOM   218  N N   . ALA A 1 55  ? 8.883   24.299  2.161   1.00 37.64 ? 51  ALA A N   1 
ATOM   219  C CA  . ALA A 1 55  ? 8.804   25.372  3.181   1.00 34.51 ? 51  ALA A CA  1 
ATOM   220  C C   . ALA A 1 55  ? 7.789   26.409  2.700   1.00 32.01 ? 51  ALA A C   1 
ATOM   221  O O   . ALA A 1 55  ? 6.897   26.811  3.457   1.00 30.88 ? 51  ALA A O   1 
ATOM   222  C CB  . ALA A 1 55  ? 10.179  26.027  3.301   1.00 33.98 ? 51  ALA A CB  1 
ATOM   223  N N   . LYS A 1 56  ? 7.961   26.894  1.469   1.00 41.45 ? 52  LYS A N   1 
ATOM   224  C CA  . LYS A 1 56  ? 7.059   28.015  1.001   1.00 41.06 ? 52  LYS A CA  1 
ATOM   225  C C   . LYS A 1 56  ? 5.621   27.531  1.058   1.00 41.84 ? 52  LYS A C   1 
ATOM   226  O O   . LYS A 1 56  ? 4.754   28.144  1.696   1.00 39.16 ? 52  LYS A O   1 
ATOM   227  C CB  . LYS A 1 56  ? 7.459   28.579  -0.378  1.00 42.76 ? 52  LYS A CB  1 
ATOM   228  N N   . GLY A 1 57  ? 5.362   26.337  0.486   1.00 46.83 ? 53  GLY A N   1 
ATOM   229  C CA  . GLY A 1 57  ? 4.007   25.764  0.556   1.00 36.63 ? 53  GLY A CA  1 
ATOM   230  C C   . GLY A 1 57  ? 3.447   25.662  1.943   1.00 36.25 ? 53  GLY A C   1 
ATOM   231  O O   . GLY A 1 57  ? 2.246   25.843  2.151   1.00 38.09 ? 53  GLY A O   1 
ATOM   232  N N   . ALA A 1 58  ? 4.297   25.352  2.921   1.00 35.33 ? 54  ALA A N   1 
ATOM   233  C CA  . ALA A 1 58  ? 3.846   25.177  4.307   1.00 33.87 ? 54  ALA A CA  1 
ATOM   234  C C   . ALA A 1 58  ? 3.850   26.489  5.080   1.00 34.78 ? 54  ALA A C   1 
ATOM   235  O O   . ALA A 1 58  ? 3.404   26.519  6.210   1.00 37.26 ? 54  ALA A O   1 
ATOM   236  C CB  . ALA A 1 58  ? 4.723   24.121  5.037   1.00 35.12 ? 54  ALA A CB  1 
ATOM   237  N N   . GLY A 1 59  ? 4.393   27.547  4.467   1.00 37.96 ? 55  GLY A N   1 
ATOM   238  C CA  . GLY A 1 59  ? 4.290   28.907  5.049   1.00 36.11 ? 55  GLY A CA  1 
ATOM   239  C C   . GLY A 1 59  ? 5.351   29.092  6.142   1.00 37.96 ? 55  GLY A C   1 
ATOM   240  O O   . GLY A 1 59  ? 5.086   29.703  7.190   1.00 37.64 ? 55  GLY A O   1 
ATOM   241  N N   . ILE A 1 60  ? 6.524   28.504  5.935   1.00 35.83 ? 56  ILE A N   1 
ATOM   242  C CA  . ILE A 1 60  ? 7.599   28.560  6.978   1.00 35.05 ? 56  ILE A CA  1 
ATOM   243  C C   . ILE A 1 60  ? 8.841   28.832  6.215   1.00 30.81 ? 56  ILE A C   1 
ATOM   244  O O   . ILE A 1 60  ? 8.893   28.678  4.974   1.00 32.31 ? 56  ILE A O   1 
ATOM   245  C CB  . ILE A 1 60  ? 7.768   27.220  7.799   1.00 28.16 ? 56  ILE A CB  1 
ATOM   246  C CG1 . ILE A 1 60  ? 7.967   26.000  6.865   1.00 30.78 ? 56  ILE A CG1 1 
ATOM   247  C CG2 . ILE A 1 60  ? 6.646   27.088  8.851   1.00 30.56 ? 56  ILE A CG2 1 
ATOM   248  C CD1 . ILE A 1 60  ? 8.218   24.718  7.690   1.00 31.04 ? 56  ILE A CD1 1 
ATOM   249  N N   . SER A 1 61  ? 9.924   29.149  6.941   1.00 31.32 ? 57  SER A N   1 
ATOM   250  C CA  . SER A 1 61  ? 11.249  29.276  6.258   1.00 27.20 ? 57  SER A CA  1 
ATOM   251  C C   . SER A 1 61  ? 11.935  27.957  6.092   1.00 27.76 ? 57  SER A C   1 
ATOM   252  O O   . SER A 1 61  ? 11.592  26.983  6.757   1.00 26.83 ? 57  SER A O   1 
ATOM   253  C CB  . SER A 1 61  ? 12.145  30.169  7.112   1.00 28.05 ? 57  SER A CB  1 
ATOM   254  O OG  . SER A 1 61  ? 12.477  29.437  8.300   1.00 22.46 ? 57  SER A OG  1 
ATOM   255  N N   . ARG A 1 62  ? 12.924  27.904  5.213   1.00 24.98 ? 58  ARG A N   1 
ATOM   256  C CA  . ARG A 1 62  ? 13.753  26.759  5.101   1.00 30.25 ? 58  ARG A CA  1 
ATOM   257  C C   . ARG A 1 62  ? 14.455  26.254  6.351   1.00 31.86 ? 58  ARG A C   1 
ATOM   258  O O   . ARG A 1 62  ? 14.380  25.033  6.625   1.00 26.83 ? 58  ARG A O   1 
ATOM   259  C CB  . ARG A 1 62  ? 14.621  26.906  3.843   1.00 34.63 ? 58  ARG A CB  1 
ATOM   260  C CG  . ARG A 1 62  ? 15.997  26.303  3.890   1.00 45.26 ? 58  ARG A CG  1 
ATOM   261  C CD  . ARG A 1 62  ? 16.907  26.935  2.812   1.00 53.66 ? 58  ARG A CD  1 
ATOM   262  N NE  . ARG A 1 62  ? 17.826  25.920  2.331   1.00 51.96 ? 58  ARG A NE  1 
ATOM   263  C CZ  . ARG A 1 62  ? 17.446  24.952  1.493   1.00 63.55 ? 58  ARG A CZ  1 
ATOM   264  N NH1 . ARG A 1 62  ? 16.192  24.922  1.054   1.00 73.28 ? 58  ARG A NH1 1 
ATOM   265  N NH2 . ARG A 1 62  ? 18.292  24.020  1.078   1.00 58.59 ? 58  ARG A NH2 1 
ATOM   266  N N   . PRO A 1 63  ? 15.097  27.142  7.200   1.00 27.78 ? 59  PRO A N   1 
ATOM   267  C CA  . PRO A 1 63  ? 15.633  26.511  8.394   1.00 23.63 ? 59  PRO A CA  1 
ATOM   268  C C   . PRO A 1 63  ? 14.553  25.960  9.325   1.00 21.24 ? 59  PRO A C   1 
ATOM   269  O O   . PRO A 1 63  ? 14.798  24.995  10.022  1.00 23.81 ? 59  PRO A O   1 
ATOM   270  C CB  . PRO A 1 63  ? 16.392  27.692  9.156   1.00 22.93 ? 59  PRO A CB  1 
ATOM   271  C CG  . PRO A 1 63  ? 15.920  28.890  8.502   1.00 25.34 ? 59  PRO A CG  1 
ATOM   272  C CD  . PRO A 1 63  ? 15.572  28.542  7.043   1.00 30.80 ? 59  PRO A CD  1 
ATOM   273  N N   . THR A 1 64  ? 13.379  26.558  9.331   1.00 22.17 ? 60  THR A N   1 
ATOM   274  C CA  . THR A 1 64  ? 12.276  26.067  10.233  1.00 21.90 ? 60  THR A CA  1 
ATOM   275  C C   . THR A 1 64  ? 11.862  24.613  9.733   1.00 22.49 ? 60  THR A C   1 
ATOM   276  O O   . THR A 1 64  ? 11.597  23.725  10.536  1.00 26.47 ? 60  THR A O   1 
ATOM   277  C CB  . THR A 1 64  ? 11.096  27.026  10.226  1.00 25.02 ? 60  THR A CB  1 
ATOM   278  O OG1 . THR A 1 64  ? 11.445  28.180  10.989  1.00 22.07 ? 60  THR A OG1 1 
ATOM   279  C CG2 . THR A 1 64  ? 9.870   26.436  10.999  1.00 24.17 ? 60  THR A CG2 1 
ATOM   280  N N   . PHE A 1 65  ? 11.841  24.431  8.432   1.00 22.80 ? 61  PHE A N   1 
ATOM   281  C CA  . PHE A 1 65  ? 11.533  23.103  7.849   1.00 25.69 ? 61  PHE A CA  1 
ATOM   282  C C   . PHE A 1 65  ? 12.465  22.020  8.447   1.00 34.59 ? 61  PHE A C   1 
ATOM   283  O O   . PHE A 1 65  ? 11.997  20.940  8.882   1.00 31.01 ? 61  PHE A O   1 
ATOM   284  C CB  . PHE A 1 65  ? 11.777  23.124  6.377   1.00 26.43 ? 61  PHE A CB  1 
ATOM   285  C CG  . PHE A 1 65  ? 11.754  21.710  5.726   1.00 27.08 ? 61  PHE A CG  1 
ATOM   286  C CD1 . PHE A 1 65  ? 10.574  21.190  5.186   1.00 31.15 ? 61  PHE A CD1 1 
ATOM   287  C CD2 . PHE A 1 65  ? 12.931  20.920  5.668   1.00 28.50 ? 61  PHE A CD2 1 
ATOM   288  C CE1 . PHE A 1 65  ? 10.565  19.894  4.617   1.00 29.42 ? 61  PHE A CE1 1 
ATOM   289  C CE2 . PHE A 1 65  ? 12.943  19.623  5.119   1.00 33.09 ? 61  PHE A CE2 1 
ATOM   290  C CZ  . PHE A 1 65  ? 11.740  19.121  4.566   1.00 34.10 ? 61  PHE A CZ  1 
ATOM   291  N N   . TYR A 1 66  ? 13.773  22.356  8.485   1.00 34.47 ? 62  TYR A N   1 
ATOM   292  C CA  . TYR A 1 66  ? 14.828  21.441  8.956   1.00 34.53 ? 62  TYR A CA  1 
ATOM   293  C C   . TYR A 1 66  ? 14.686  21.161  10.363  1.00 31.47 ? 62  TYR A C   1 
ATOM   294  O O   . TYR A 1 66  ? 15.266  20.188  10.854  1.00 33.88 ? 62  TYR A O   1 
ATOM   295  C CB  . TYR A 1 66  ? 16.210  21.971  8.704   1.00 30.77 ? 62  TYR A CB  1 
ATOM   296  C CG  . TYR A 1 66  ? 16.599  21.775  7.280   1.00 36.46 ? 62  TYR A CG  1 
ATOM   297  C CD1 . TYR A 1 66  ? 16.741  20.468  6.736   1.00 32.19 ? 62  TYR A CD1 1 
ATOM   298  C CD2 . TYR A 1 66  ? 16.793  22.854  6.445   1.00 35.98 ? 62  TYR A CD2 1 
ATOM   299  C CE1 . TYR A 1 66  ? 17.093  20.320  5.409   1.00 34.66 ? 62  TYR A CE1 1 
ATOM   300  C CE2 . TYR A 1 66  ? 17.120  22.678  5.104   1.00 43.23 ? 62  TYR A CE2 1 
ATOM   301  C CZ  . TYR A 1 66  ? 17.278  21.393  4.614   1.00 37.13 ? 62  TYR A CZ  1 
ATOM   302  O OH  . TYR A 1 66  ? 17.611  21.254  3.289   1.00 43.05 ? 62  TYR A OH  1 
ATOM   303  N N   . PHE A 1 67  ? 13.910  21.980  11.059  1.00 33.57 ? 63  PHE A N   1 
ATOM   304  C CA  . PHE A 1 67  ? 13.530  21.593  12.415  1.00 30.24 ? 63  PHE A CA  1 
ATOM   305  C C   . PHE A 1 67  ? 12.581  20.387  12.503  1.00 44.11 ? 63  PHE A C   1 
ATOM   306  O O   . PHE A 1 67  ? 12.663  19.611  13.465  1.00 40.34 ? 63  PHE A O   1 
ATOM   307  C CB  . PHE A 1 67  ? 12.906  22.744  13.139  1.00 35.59 ? 63  PHE A CB  1 
ATOM   308  C CG  . PHE A 1 67  ? 12.505  22.434  14.558  1.00 37.14 ? 63  PHE A CG  1 
ATOM   309  C CD1 . PHE A 1 67  ? 13.477  22.401  15.604  1.00 43.60 ? 63  PHE A CD1 1 
ATOM   310  C CD2 . PHE A 1 67  ? 11.177  22.255  14.874  1.00 35.41 ? 63  PHE A CD2 1 
ATOM   311  C CE1 . PHE A 1 67  ? 13.099  22.134  16.937  1.00 37.51 ? 63  PHE A CE1 1 
ATOM   312  C CE2 . PHE A 1 67  ? 10.772  22.003  16.200  1.00 37.82 ? 63  PHE A CE2 1 
ATOM   313  C CZ  . PHE A 1 67  ? 11.731  21.925  17.223  1.00 41.19 ? 63  PHE A CZ  1 
ATOM   314  N N   . TYR A 1 68  ? 11.598  20.317  11.600  1.00 33.14 ? 64  TYR A N   1 
ATOM   315  C CA  . TYR A 1 68  ? 10.564  19.260  11.667  1.00 38.82 ? 64  TYR A CA  1 
ATOM   316  C C   . TYR A 1 68  ? 11.063  18.014  10.901  1.00 37.36 ? 64  TYR A C   1 
ATOM   317  O O   . TYR A 1 68  ? 10.713  16.905  11.292  1.00 39.09 ? 64  TYR A O   1 
ATOM   318  C CB  . TYR A 1 68  ? 9.213   19.744  11.081  1.00 36.74 ? 64  TYR A CB  1 
ATOM   319  C CG  . TYR A 1 68  ? 8.571   20.792  11.910  1.00 36.62 ? 64  TYR A CG  1 
ATOM   320  C CD1 . TYR A 1 68  ? 7.820   20.438  13.054  1.00 35.57 ? 64  TYR A CD1 1 
ATOM   321  C CD2 . TYR A 1 68  ? 8.774   22.173  11.620  1.00 33.26 ? 64  TYR A CD2 1 
ATOM   322  C CE1 . TYR A 1 68  ? 7.238   21.398  13.852  1.00 40.41 ? 64  TYR A CE1 1 
ATOM   323  C CE2 . TYR A 1 68  ? 8.204   23.136  12.438  1.00 35.84 ? 64  TYR A CE2 1 
ATOM   324  C CZ  . TYR A 1 68  ? 7.447   22.740  13.535  1.00 39.40 ? 64  TYR A CZ  1 
ATOM   325  O OH  . TYR A 1 68  ? 6.884   23.696  14.288  1.00 42.77 ? 64  TYR A OH  1 
ATOM   326  N N   . PHE A 1 69  ? 11.910  18.192  9.873   1.00 33.73 ? 65  PHE A N   1 
ATOM   327  C CA  . PHE A 1 69  ? 12.379  17.078  9.061   1.00 36.09 ? 65  PHE A CA  1 
ATOM   328  C C   . PHE A 1 69  ? 13.757  17.268  8.640   1.00 41.79 ? 65  PHE A C   1 
ATOM   329  O O   . PHE A 1 69  ? 14.148  18.371  8.108   1.00 35.25 ? 65  PHE A O   1 
ATOM   330  C CB  . PHE A 1 69  ? 11.531  16.829  7.753   1.00 32.94 ? 65  PHE A CB  1 
ATOM   331  C CG  . PHE A 1 69  ? 10.113  16.472  8.033   1.00 34.60 ? 65  PHE A CG  1 
ATOM   332  C CD1 . PHE A 1 69  ? 9.716   15.117  8.224   1.00 32.78 ? 65  PHE A CD1 1 
ATOM   333  C CD2 . PHE A 1 69  ? 9.141   17.463  8.083   1.00 31.19 ? 65  PHE A CD2 1 
ATOM   334  C CE1 . PHE A 1 69  ? 8.395   14.804  8.480   1.00 34.04 ? 65  PHE A CE1 1 
ATOM   335  C CE2 . PHE A 1 69  ? 7.829   17.154  8.332   1.00 30.89 ? 65  PHE A CE2 1 
ATOM   336  C CZ  . PHE A 1 69  ? 7.435   15.811  8.524   1.00 35.21 ? 65  PHE A CZ  1 
ATOM   337  N N   . PRO A 1 70  ? 14.514  16.163  8.767   1.00 40.13 ? 66  PRO A N   1 
ATOM   338  C CA  . PRO A 1 70  ? 15.849  16.254  8.346   1.00 36.83 ? 66  PRO A CA  1 
ATOM   339  C C   . PRO A 1 70  ? 16.066  16.405  6.889   1.00 41.34 ? 66  PRO A C   1 
ATOM   340  O O   . PRO A 1 70  ? 17.127  16.808  6.583   1.00 36.21 ? 66  PRO A O   1 
ATOM   341  C CB  . PRO A 1 70  ? 16.497  14.949  8.889   1.00 44.52 ? 66  PRO A CB  1 
ATOM   342  C CG  . PRO A 1 70  ? 15.357  14.010  9.096   1.00 41.27 ? 66  PRO A CG  1 
ATOM   343  C CD  . PRO A 1 70  ? 14.206  14.884  9.453   1.00 41.74 ? 66  PRO A CD  1 
ATOM   344  N N   . SER A 1 71  ? 15.118  16.104  5.972   1.00 35.43 ? 67  SER A N   1 
ATOM   345  C CA  . SER A 1 71  ? 15.415  16.093  4.525   1.00 33.22 ? 67  SER A CA  1 
ATOM   346  C C   . SER A 1 71  ? 14.048  15.890  3.782   1.00 35.92 ? 67  SER A C   1 
ATOM   347  O O   . SER A 1 71  ? 13.093  15.447  4.407   1.00 30.75 ? 67  SER A O   1 
ATOM   348  C CB  . SER A 1 71  ? 16.272  14.866  4.162   1.00 41.91 ? 67  SER A CB  1 
ATOM   349  O OG  . SER A 1 71  ? 15.640  13.696  4.672   1.00 41.45 ? 67  SER A OG  1 
ATOM   350  N N   . LYS A 1 72  ? 13.981  16.157  2.496   1.00 34.85 ? 68  LYS A N   1 
ATOM   351  C CA  . LYS A 1 72  ? 12.694  15.920  1.770   1.00 37.52 ? 68  LYS A CA  1 
ATOM   352  C C   . LYS A 1 72  ? 12.395  14.413  1.715   1.00 39.29 ? 68  LYS A C   1 
ATOM   353  O O   . LYS A 1 72  ? 11.199  14.030  1.722   1.00 33.49 ? 68  LYS A O   1 
ATOM   354  C CB  . LYS A 1 72  ? 12.672  16.562  0.375   1.00 36.95 ? 68  LYS A CB  1 
ATOM   355  C CG  . LYS A 1 72  ? 13.639  15.920  -0.615  1.00 41.88 ? 68  LYS A CG  1 
ATOM   356  C CD  . LYS A 1 72  ? 13.752  16.755  -1.874  1.00 45.70 ? 68  LYS A CD  1 
ATOM   357  C CE  . LYS A 1 72  ? 14.719  16.119  -2.868  1.00 48.53 ? 68  LYS A CE  1 
ATOM   358  N NZ  . LYS A 1 72  ? 14.693  16.863  -4.147  1.00 48.83 ? 68  LYS A NZ  1 
ATOM   359  N N   . GLU A 1 73  ? 13.468  13.592  1.756   1.00 34.50 ? 69  GLU A N   1 
ATOM   360  C CA  . GLU A 1 73  ? 13.373  12.109  1.846   1.00 36.43 ? 69  GLU A CA  1 
ATOM   361  C C   . GLU A 1 73  ? 12.686  11.692  3.103   1.00 39.76 ? 69  GLU A C   1 
ATOM   362  O O   . GLU A 1 73  ? 11.851  10.780  3.081   1.00 36.03 ? 69  GLU A O   1 
ATOM   363  C CB  . GLU A 1 73  ? 14.739  11.404  1.690   1.00 36.58 ? 69  GLU A CB  1 
ATOM   364  C CG  . GLU A 1 73  ? 15.311  11.562  0.278   1.00 39.89 ? 69  GLU A CG  1 
ATOM   365  C CD  . GLU A 1 73  ? 15.983  12.927  0.034   1.00 48.53 ? 69  GLU A CD  1 
ATOM   366  O OE1 . GLU A 1 73  ? 16.287  13.667  1.015   1.00 40.11 ? 69  GLU A OE1 1 
ATOM   367  O OE2 . GLU A 1 73  ? 16.215  13.259  -1.148  1.00 50.83 ? 69  GLU A OE2 1 
ATOM   368  N N   . ALA A 1 74  ? 12.946  12.372  4.223   1.00 32.13 ? 70  ALA A N   1 
ATOM   369  C CA  . ALA A 1 74  ? 12.245  11.980  5.437   1.00 27.77 ? 70  ALA A CA  1 
ATOM   370  C C   . ALA A 1 74  ? 10.764  12.344  5.396   1.00 24.34 ? 70  ALA A C   1 
ATOM   371  O O   . ALA A 1 74  ? 9.931   11.757  6.113   1.00 27.09 ? 70  ALA A O   1 
ATOM   372  C CB  . ALA A 1 74  ? 12.921  12.597  6.686   1.00 32.65 ? 70  ALA A CB  1 
ATOM   373  N N   . VAL A 1 75  ? 10.434  13.407  4.662   1.00 24.80 ? 71  VAL A N   1 
ATOM   374  C CA  . VAL A 1 75  ? 9.042   13.755  4.486   1.00 23.74 ? 71  VAL A CA  1 
ATOM   375  C C   . VAL A 1 75  ? 8.304   12.593  3.737   1.00 22.87 ? 71  VAL A C   1 
ATOM   376  O O   . VAL A 1 75  ? 7.242   12.199  4.169   1.00 24.43 ? 71  VAL A O   1 
ATOM   377  C CB  . VAL A 1 75  ? 8.876   15.033  3.662   1.00 26.52 ? 71  VAL A CB  1 
ATOM   378  C CG1 . VAL A 1 75  ? 7.401   15.327  3.433   1.00 26.55 ? 71  VAL A CG1 1 
ATOM   379  C CG2 . VAL A 1 75  ? 9.505   16.214  4.454   1.00 25.41 ? 71  VAL A CG2 1 
ATOM   380  N N   . LEU A 1 76  ? 8.899   12.144  2.672   1.00 24.19 ? 72  LEU A N   1 
ATOM   381  C CA  . LEU A 1 76  ? 8.248   10.998  1.883   1.00 26.20 ? 72  LEU A CA  1 
ATOM   382  C C   . LEU A 1 76  ? 8.101   9.769   2.773   1.00 26.55 ? 72  LEU A C   1 
ATOM   383  O O   . LEU A 1 76  ? 7.019   9.161   2.862   1.00 28.40 ? 72  LEU A O   1 
ATOM   384  C CB  . LEU A 1 76  ? 9.111   10.676  0.721   1.00 27.66 ? 72  LEU A CB  1 
ATOM   385  C CG  . LEU A 1 76  ? 8.618   9.446   -0.138  1.00 27.64 ? 72  LEU A CG  1 
ATOM   386  C CD1 . LEU A 1 76  ? 7.177   9.695   -0.595  1.00 26.78 ? 72  LEU A CD1 1 
ATOM   387  C CD2 . LEU A 1 76  ? 9.605   9.218   -1.274  1.00 29.98 ? 72  LEU A CD2 1 
ATOM   388  N N   . LEU A 1 77  ? 9.145   9.474   3.575   1.00 28.41 ? 73  LEU A N   1 
ATOM   389  C CA  . LEU A 1 77  ? 9.057   8.353   4.500   1.00 26.94 ? 73  LEU A CA  1 
ATOM   390  C C   . LEU A 1 77  ? 7.944   8.512   5.434   1.00 27.78 ? 73  LEU A C   1 
ATOM   391  O O   . LEU A 1 77  ? 7.176   7.562   5.733   1.00 25.98 ? 73  LEU A O   1 
ATOM   392  C CB  . LEU A 1 77  ? 10.416  8.105   5.268   1.00 25.20 ? 73  LEU A CB  1 
ATOM   393  C CG  . LEU A 1 77  ? 10.450  6.990   6.310   1.00 28.54 ? 73  LEU A CG  1 
ATOM   394  C CD1 . LEU A 1 77  ? 10.276  5.636   5.572   1.00 27.53 ? 73  LEU A CD1 1 
ATOM   395  C CD2 . LEU A 1 77  ? 11.782  6.988   7.086   1.00 31.58 ? 73  LEU A CD2 1 
ATOM   396  N N   . THR A 1 78  ? 7.752   9.733   5.963   1.00 25.52 ? 74  THR A N   1 
ATOM   397  C CA  . THR A 1 78  ? 6.632   9.891   6.827   1.00 22.04 ? 74  THR A CA  1 
ATOM   398  C C   . THR A 1 78  ? 5.298   9.736   6.082   1.00 22.09 ? 74  THR A C   1 
ATOM   399  O O   . THR A 1 78  ? 4.377   9.156   6.637   1.00 24.16 ? 74  THR A O   1 
ATOM   400  C CB  . THR A 1 78  ? 6.635   11.295  7.550   1.00 28.60 ? 74  THR A CB  1 
ATOM   401  O OG1 . THR A 1 78  ? 7.838   11.384  8.304   1.00 28.91 ? 74  THR A OG1 1 
ATOM   402  C CG2 . THR A 1 78  ? 5.474   11.409  8.511   1.00 25.97 ? 74  THR A CG2 1 
ATOM   403  N N   . LEU A 1 79  ? 5.181   10.345  4.902   1.00 24.40 ? 75  LEU A N   1 
ATOM   404  C CA  . LEU A 1 79  ? 3.940   10.190  4.120   1.00 25.48 ? 75  LEU A CA  1 
ATOM   405  C C   . LEU A 1 79  ? 3.649   8.684   3.874   1.00 22.97 ? 75  LEU A C   1 
ATOM   406  O O   . LEU A 1 79  ? 2.495   8.264   4.135   1.00 23.79 ? 75  LEU A O   1 
ATOM   407  C CB  . LEU A 1 79  ? 4.010   10.887  2.789   1.00 25.94 ? 75  LEU A CB  1 
ATOM   408  C CG  . LEU A 1 79  ? 3.932   12.416  2.943   1.00 24.91 ? 75  LEU A CG  1 
ATOM   409  C CD1 . LEU A 1 79  ? 4.392   12.954  1.610   1.00 28.16 ? 75  LEU A CD1 1 
ATOM   410  C CD2 . LEU A 1 79  ? 2.490   12.799  3.241   1.00 28.84 ? 75  LEU A CD2 1 
ATOM   411  N N   . LEU A 1 80  ? 4.702   7.946   3.530   1.00 23.02 ? 76  LEU A N   1 
ATOM   412  C CA  . LEU A 1 80  ? 4.503   6.502   3.141   1.00 22.88 ? 76  LEU A CA  1 
ATOM   413  C C   . LEU A 1 80  ? 4.063   5.747   4.384   1.00 24.01 ? 76  LEU A C   1 
ATOM   414  O O   . LEU A 1 80  ? 3.109   4.981   4.389   1.00 23.00 ? 76  LEU A O   1 
ATOM   415  C CB  . LEU A 1 80  ? 5.756   5.932   2.588   1.00 23.99 ? 76  LEU A CB  1 
ATOM   416  C CG  . LEU A 1 80  ? 5.675   4.442   2.119   1.00 27.31 ? 76  LEU A CG  1 
ATOM   417  C CD1 . LEU A 1 80  ? 4.586   4.253   1.070   1.00 27.35 ? 76  LEU A CD1 1 
ATOM   418  C CD2 . LEU A 1 80  ? 6.998   4.054   1.543   1.00 28.63 ? 76  LEU A CD2 1 
ATOM   419  N N   . ASP A 1 81  ? 4.728   6.040   5.510   1.00 24.39 ? 77  ASP A N   1 
ATOM   420  C CA  . ASP A 1 81  ? 4.416   5.399   6.764   1.00 23.68 ? 77  ASP A CA  1 
ATOM   421  C C   . ASP A 1 81  ? 2.974   5.617   7.141   1.00 26.53 ? 77  ASP A C   1 
ATOM   422  O O   . ASP A 1 81  ? 2.320   4.704   7.666   1.00 25.10 ? 77  ASP A O   1 
ATOM   423  C CB  . ASP A 1 81  ? 5.365   5.948   7.880   1.00 27.95 ? 77  ASP A CB  1 
ATOM   424  C CG  . ASP A 1 81  ? 5.240   5.169   9.192   1.00 41.34 ? 77  ASP A CG  1 
ATOM   425  O OD1 . ASP A 1 81  ? 5.564   3.968   9.245   1.00 39.11 ? 77  ASP A OD1 1 
ATOM   426  O OD2 . ASP A 1 81  ? 4.787   5.761   10.182  1.00 52.65 ? 77  ASP A OD2 1 
ATOM   427  N N   . ARG A 1 82  ? 2.446   6.834   6.916   1.00 26.13 ? 78  ARG A N   1 
ATOM   428  C CA  . ARG A 1 82  ? 1.060   7.077   7.221   1.00 23.35 ? 78  ARG A CA  1 
ATOM   429  C C   . ARG A 1 82  ? 0.130   6.246   6.304   1.00 24.56 ? 78  ARG A C   1 
ATOM   430  O O   . ARG A 1 82  ? -0.853  5.738   6.771   1.00 22.53 ? 78  ARG A O   1 
ATOM   431  C CB  . ARG A 1 82  ? 0.738   8.560   7.058   1.00 26.97 ? 78  ARG A CB  1 
ATOM   432  C CG  . ARG A 1 82  ? 1.297   9.322   8.291   1.00 35.20 ? 78  ARG A CG  1 
ATOM   433  C CD  . ARG A 1 82  ? 1.620   10.780  7.937   1.00 38.61 ? 78  ARG A CD  1 
ATOM   434  N NE  . ARG A 1 82  ? 0.406   11.530  7.581   1.00 42.17 ? 78  ARG A NE  1 
ATOM   435  C CZ  . ARG A 1 82  ? -0.438  12.113  8.457   1.00 50.41 ? 78  ARG A CZ  1 
ATOM   436  N NH1 . ARG A 1 82  ? -0.252  12.033  9.777   1.00 44.15 ? 78  ARG A NH1 1 
ATOM   437  N NH2 . ARG A 1 82  ? -1.487  12.776  8.011   1.00 47.47 ? 78  ARG A NH2 1 
ATOM   438  N N   . VAL A 1 83  ? 0.425   6.224   4.999   1.00 22.88 ? 79  VAL A N   1 
ATOM   439  C CA  . VAL A 1 83  ? -0.471  5.474   4.045   1.00 24.06 ? 79  VAL A CA  1 
ATOM   440  C C   . VAL A 1 83  ? -0.500  3.962   4.414   1.00 23.52 ? 79  VAL A C   1 
ATOM   441  O O   . VAL A 1 83  ? -1.545  3.307   4.475   1.00 24.67 ? 79  VAL A O   1 
ATOM   442  C CB  . VAL A 1 83  ? -0.045  5.731   2.566   1.00 26.81 ? 79  VAL A CB  1 
ATOM   443  C CG1 . VAL A 1 83  ? -0.888  4.889   1.589   1.00 28.92 ? 79  VAL A CG1 1 
ATOM   444  C CG2 . VAL A 1 83  ? -0.149  7.245   2.202   1.00 27.13 ? 79  VAL A CG2 1 
ATOM   445  N N   . VAL A 1 84  ? 0.676   3.401   4.587   1.00 20.46 ? 80  VAL A N   1 
ATOM   446  C CA  . VAL A 1 84  ? 0.858   1.967   4.903   1.00 20.76 ? 80  VAL A CA  1 
ATOM   447  C C   . VAL A 1 84  ? 0.141   1.634   6.207   1.00 23.99 ? 80  VAL A C   1 
ATOM   448  O O   . VAL A 1 84  ? -0.571  0.636   6.339   1.00 24.77 ? 80  VAL A O   1 
ATOM   449  C CB  . VAL A 1 84  ? 2.335   1.640   4.912   1.00 22.35 ? 80  VAL A CB  1 
ATOM   450  C CG1 . VAL A 1 84  ? 2.566   0.316   5.528   1.00 30.32 ? 80  VAL A CG1 1 
ATOM   451  C CG2 . VAL A 1 84  ? 2.921   1.664   3.464   1.00 21.44 ? 80  VAL A CG2 1 
ATOM   452  N N   . ASN A 1 85  ? 0.324   2.474   7.232   1.00 25.19 ? 81  ASN A N   1 
ATOM   453  C CA  . ASN A 1 85  ? -0.393  2.174   8.498   1.00 25.69 ? 81  ASN A CA  1 
ATOM   454  C C   . ASN A 1 85  ? -1.908  2.391   8.332   1.00 23.93 ? 81  ASN A C   1 
ATOM   455  O O   . ASN A 1 85  ? -2.675  1.721   8.967   1.00 24.68 ? 81  ASN A O   1 
ATOM   456  C CB  . ASN A 1 85  ? 0.182   3.054   9.664   1.00 28.92 ? 81  ASN A CB  1 
ATOM   457  C CG  . ASN A 1 85  ? 1.447   2.442   10.223  1.00 33.80 ? 81  ASN A CG  1 
ATOM   458  O OD1 . ASN A 1 85  ? 1.343   1.555   11.065  1.00 40.68 ? 81  ASN A OD1 1 
ATOM   459  N ND2 . ASN A 1 85  ? 2.614   2.762   9.655   1.00 31.98 ? 81  ASN A ND2 1 
ATOM   460  N N   . GLN A 1 86  ? -2.352  3.250   7.433   1.00 23.85 ? 82  GLN A N   1 
ATOM   461  C CA  . GLN A 1 86  ? -3.811  3.382   7.289   1.00 23.58 ? 82  GLN A CA  1 
ATOM   462  C C   . GLN A 1 86  ? -4.403  2.068   6.682   1.00 22.63 ? 82  GLN A C   1 
ATOM   463  O O   . GLN A 1 86  ? -5.470  1.618   7.078   1.00 22.20 ? 82  GLN A O   1 
ATOM   464  C CB  . GLN A 1 86  ? -4.089  4.538   6.350   1.00 28.86 ? 82  GLN A CB  1 
ATOM   465  C CG  . GLN A 1 86  ? -5.544  4.778   6.062   1.00 33.30 ? 82  GLN A CG  1 
ATOM   466  C CD  . GLN A 1 86  ? -5.697  6.015   5.182   1.00 44.84 ? 82  GLN A CD  1 
ATOM   467  O OE1 . GLN A 1 86  ? -4.814  6.866   5.127   1.00 49.75 ? 82  GLN A OE1 1 
ATOM   468  N NE2 . GLN A 1 86  ? -6.789  6.083   4.452   1.00 46.90 ? 82  GLN A NE2 1 
ATOM   469  N N   . ALA A 1 87  ? -3.698  1.512   5.684   1.00 22.10 ? 83  ALA A N   1 
ATOM   470  C CA  . ALA A 1 87  ? -4.089  0.228   5.084   1.00 21.82 ? 83  ALA A CA  1 
ATOM   471  C C   . ALA A 1 87  ? -4.063  -0.833  6.176   1.00 21.06 ? 83  ALA A C   1 
ATOM   472  O O   . ALA A 1 87  ? -4.970  -1.623  6.269   1.00 23.02 ? 83  ALA A O   1 
ATOM   473  C CB  . ALA A 1 87  ? -3.154  -0.159  3.886   1.00 22.53 ? 83  ALA A CB  1 
ATOM   474  N N   . ASP A 1 88  ? -2.970  -0.868  6.929   1.00 20.40 ? 84  ASP A N   1 
ATOM   475  C CA  . ASP A 1 88  ? -2.797  -1.897  7.863   1.00 21.72 ? 84  ASP A CA  1 
ATOM   476  C C   . ASP A 1 88  ? -3.968  -1.834  8.901   1.00 24.00 ? 84  ASP A C   1 
ATOM   477  O O   . ASP A 1 88  ? -4.554  -2.858  9.287   1.00 23.37 ? 84  ASP A O   1 
ATOM   478  C CB  . ASP A 1 88  ? -1.462  -1.774  8.563   1.00 22.56 ? 84  ASP A CB  1 
ATOM   479  C CG  . ASP A 1 88  ? -1.194  -3.018  9.367   1.00 32.92 ? 84  ASP A CG  1 
ATOM   480  O OD1 . ASP A 1 88  ? -1.311  -4.136  8.785   1.00 30.73 ? 84  ASP A OD1 1 
ATOM   481  O OD2 . ASP A 1 88  ? -1.005  -2.899  10.601  1.00 29.24 ? 84  ASP A OD2 1 
ATOM   482  N N   . MET A 1 89  ? -4.243  -0.635  9.386   1.00 23.88 ? 85  MET A N   1 
ATOM   483  C CA  . MET A 1 89  ? -5.313  -0.524  10.398  1.00 28.17 ? 85  MET A CA  1 
ATOM   484  C C   . MET A 1 89  ? -6.683  -0.839  9.818   1.00 24.84 ? 85  MET A C   1 
ATOM   485  O O   . MET A 1 89  ? -7.537  -1.387  10.490  1.00 24.54 ? 85  MET A O   1 
ATOM   486  C CB  . MET A 1 89  ? -5.273  0.892   10.998  1.00 29.77 ? 85  MET A CB  1 
ATOM   487  C CG  . MET A 1 89  ? -3.948  1.175   11.690  1.00 39.59 ? 85  MET A CG  1 
ATOM   488  S SD  . MET A 1 89  ? -4.017  2.898   12.296  1.00 52.08 ? 85  MET A SD  1 
ATOM   489  C CE  . MET A 1 89  ? -5.446  2.886   13.408  1.00 44.43 ? 85  MET A CE  1 
ATOM   490  N N   . ALA A 1 90  ? -6.927  -0.492  8.546   1.00 24.14 ? 86  ALA A N   1 
ATOM   491  C CA  . ALA A 1 90  ? -8.173  -0.816  7.926   1.00 24.85 ? 86  ALA A CA  1 
ATOM   492  C C   . ALA A 1 90  ? -8.281  -2.317  7.779   1.00 26.42 ? 86  ALA A C   1 
ATOM   493  O O   . ALA A 1 90  ? -9.348  -2.876  8.005   1.00 22.66 ? 86  ALA A O   1 
ATOM   494  C CB  . ALA A 1 90  ? -8.332  -0.138  6.558   1.00 26.78 ? 86  ALA A CB  1 
ATOM   495  N N   . LEU A 1 91  ? -7.201  -2.978  7.371   1.00 25.72 ? 87  LEU A N   1 
ATOM   496  C CA  . LEU A 1 91  ? -7.299  -4.463  7.326   1.00 25.15 ? 87  LEU A CA  1 
ATOM   497  C C   . LEU A 1 91  ? -7.560  -5.102  8.726   1.00 25.08 ? 87  LEU A C   1 
ATOM   498  O O   . LEU A 1 91  ? -8.378  -5.973  8.845   1.00 27.08 ? 87  LEU A O   1 
ATOM   499  C CB  . LEU A 1 91  ? -5.987  -5.053  6.760   1.00 25.97 ? 87  LEU A CB  1 
ATOM   500  C CG  . LEU A 1 91  ? -5.968  -6.606  6.661   1.00 33.06 ? 87  LEU A CG  1 
ATOM   501  C CD1 . LEU A 1 91  ? -6.987  -7.045  5.616   1.00 35.65 ? 87  LEU A CD1 1 
ATOM   502  C CD2 . LEU A 1 91  ? -4.561  -7.066  6.214   1.00 36.08 ? 87  LEU A CD2 1 
ATOM   503  N N   . GLN A 1 92  ? -6.864  -4.629  9.757   1.00 26.72 ? 88  GLN A N   1 
ATOM   504  C CA  . GLN A 1 92  ? -7.052  -5.153  11.138  1.00 29.72 ? 88  GLN A CA  1 
ATOM   505  C C   . GLN A 1 92  ? -8.492  -5.006  11.495  1.00 27.97 ? 88  GLN A C   1 
ATOM   506  O O   . GLN A 1 92  ? -9.070  -5.888  12.115  1.00 33.03 ? 88  GLN A O   1 
ATOM   507  C CB  . GLN A 1 92  ? -6.240  -4.332  12.125  1.00 34.83 ? 88  GLN A CB  1 
ATOM   508  C CG  . GLN A 1 92  ? -5.493  -5.179  13.101  1.00 49.13 ? 88  GLN A CG  1 
ATOM   509  C CD  . GLN A 1 92  ? -4.219  -4.453  13.465  1.00 61.78 ? 88  GLN A CD  1 
ATOM   510  O OE1 . GLN A 1 92  ? -3.231  -4.447  12.698  1.00 59.69 ? 88  GLN A OE1 1 
ATOM   511  N NE2 . GLN A 1 92  ? -4.246  -3.789  14.609  1.00 53.84 ? 88  GLN A NE2 1 
ATOM   512  N N   . THR A 1 93  ? -9.103  -3.891  11.085  1.00 29.39 ? 89  THR A N   1 
ATOM   513  C CA  . THR A 1 93  ? -10.514 -3.642  11.413  1.00 30.60 ? 89  THR A CA  1 
ATOM   514  C C   . THR A 1 93  ? -11.438 -4.629  10.760  1.00 35.32 ? 89  THR A C   1 
ATOM   515  O O   . THR A 1 93  ? -12.342 -5.215  11.397  1.00 33.07 ? 89  THR A O   1 
ATOM   516  C CB  . THR A 1 93  ? -10.862 -2.168  11.056  1.00 37.23 ? 89  THR A CB  1 
ATOM   517  O OG1 . THR A 1 93  ? -10.079 -1.333  11.923  1.00 35.65 ? 89  THR A OG1 1 
ATOM   518  C CG2 . THR A 1 93  ? -12.347 -1.844  11.168  1.00 40.48 ? 89  THR A CG2 1 
ATOM   519  N N   . LEU A 1 94  ? -11.205 -4.885  9.468   1.00 32.06 ? 90  LEU A N   1 
ATOM   520  C CA  . LEU A 1 94  ? -11.913 -5.963  8.816   1.00 30.69 ? 90  LEU A CA  1 
ATOM   521  C C   . LEU A 1 94  ? -11.694 -7.316  9.455   1.00 35.60 ? 90  LEU A C   1 
ATOM   522  O O   . LEU A 1 94  ? -12.673 -8.074  9.611   1.00 38.57 ? 90  LEU A O   1 
ATOM   523  C CB  . LEU A 1 94  ? -11.516 -6.006  7.325   1.00 32.79 ? 90  LEU A CB  1 
ATOM   524  C CG  . LEU A 1 94  ? -12.353 -6.571  6.217   1.00 44.01 ? 90  LEU A CG  1 
ATOM   525  C CD1 . LEU A 1 94  ? -13.793 -6.071  6.389   1.00 37.23 ? 90  LEU A CD1 1 
ATOM   526  C CD2 . LEU A 1 94  ? -11.681 -6.144  4.882   1.00 33.75 ? 90  LEU A CD2 1 
ATOM   527  N N   . ALA A 1 95  ? -10.444 -7.645  9.817   1.00 37.26 ? 91  ALA A N   1 
ATOM   528  C CA  . ALA A 1 95  ? -10.117 -8.952  10.374  1.00 42.47 ? 91  ALA A CA  1 
ATOM   529  C C   . ALA A 1 95  ? -10.846 -9.196  11.686  1.00 50.15 ? 91  ALA A C   1 
ATOM   530  O O   . ALA A 1 95  ? -11.228 -10.312 11.950  1.00 48.96 ? 91  ALA A O   1 
ATOM   531  C CB  . ALA A 1 95  ? -8.621  -9.118  10.605  1.00 36.02 ? 91  ALA A CB  1 
ATOM   532  N N   . GLU A 1 96  ? -10.955 -8.163  12.526  1.00 49.47 ? 92  GLU A N   1 
ATOM   533  C CA  . GLU A 1 96  ? -11.733 -8.241  13.763  1.00 51.65 ? 92  GLU A CA  1 
ATOM   534  C C   . GLU A 1 96  ? -13.249 -8.327  13.574  1.00 52.59 ? 92  GLU A C   1 
ATOM   535  O O   . GLU A 1 96  ? -13.932 -8.745  14.474  1.00 60.59 ? 92  GLU A O   1 
ATOM   536  C CB  . GLU A 1 96  ? -11.368 -7.069  14.687  1.00 45.75 ? 92  GLU A CB  1 
ATOM   537  C CG  . GLU A 1 96  ? -9.865  -7.016  14.938  1.00 49.39 ? 92  GLU A CG  1 
ATOM   538  C CD  . GLU A 1 96  ? -9.467  -5.718  15.580  1.00 55.02 ? 92  GLU A CD  1 
ATOM   539  O OE1 . GLU A 1 96  ? -10.338 -4.824  15.674  1.00 59.19 ? 92  GLU A OE1 1 
ATOM   540  O OE2 . GLU A 1 96  ? -8.293  -5.589  15.994  1.00 58.93 ? 92  GLU A OE2 1 
ATOM   541  N N   . ASN A 1 97  ? -13.789 -7.900  12.437  1.00 58.10 ? 93  ASN A N   1 
ATOM   542  C CA  . ASN A 1 97  ? -15.251 -7.963  12.216  1.00 60.19 ? 93  ASN A CA  1 
ATOM   543  C C   . ASN A 1 97  ? -15.561 -8.596  10.890  1.00 56.07 ? 93  ASN A C   1 
ATOM   544  O O   . ASN A 1 97  ? -15.697 -7.872  9.884   1.00 60.36 ? 93  ASN A O   1 
ATOM   545  C CB  . ASN A 1 97  ? -15.916 -6.581  12.187  1.00 56.35 ? 93  ASN A CB  1 
ATOM   546  C CG  . ASN A 1 97  ? -15.162 -5.531  12.978  1.00 60.66 ? 93  ASN A CG  1 
ATOM   547  O OD1 . ASN A 1 97  ? -15.145 -4.385  12.583  1.00 67.93 ? 93  ASN A OD1 1 
ATOM   548  N ND2 . ASN A 1 97  ? -14.540 -5.913  14.090  1.00 63.45 ? 93  ASN A ND2 1 
ATOM   549  N N   . PRO A 1 98  ? -15.703 -9.932  10.882  1.00 65.03 ? 94  PRO A N   1 
ATOM   550  C CA  . PRO A 1 98  ? -16.179 -10.718 9.716   1.00 63.27 ? 94  PRO A CA  1 
ATOM   551  C C   . PRO A 1 98  ? -17.365 -10.064 8.867   1.00 67.41 ? 94  PRO A C   1 
ATOM   552  O O   . PRO A 1 98  ? -18.522 -10.100 9.319   1.00 54.24 ? 94  PRO A O   1 
ATOM   553  C CB  . PRO A 1 98  ? -16.658 -12.044 10.381  1.00 64.06 ? 94  PRO A CB  1 
ATOM   554  C CG  . PRO A 1 98  ? -16.800 -11.725 11.873  1.00 59.39 ? 94  PRO A CG  1 
ATOM   555  C CD  . PRO A 1 98  ? -15.665 -10.749 12.110  1.00 61.28 ? 94  PRO A CD  1 
ATOM   556  N N   . ALA A 1 99  ? -17.122 -9.496  7.668   1.00 63.67 ? 95  ALA A N   1 
ATOM   557  C CA  . ALA A 1 99  ? -18.291 -9.205  6.769   1.00 57.93 ? 95  ALA A CA  1 
ATOM   558  C C   . ALA A 1 99  ? -19.065 -10.506 6.394   1.00 64.51 ? 95  ALA A C   1 
ATOM   559  O O   . ALA A 1 99  ? -18.493 -11.580 6.145   1.00 56.23 ? 95  ALA A O   1 
ATOM   560  C CB  . ALA A 1 99  ? -17.960 -8.309  5.543   1.00 47.36 ? 95  ALA A CB  1 
ATOM   561  N N   . ASP A 1 100 ? -20.388 -10.391 6.427   1.00 70.18 ? 96  ASP A N   1 
ATOM   562  C CA  . ASP A 1 100 ? -21.325 -11.511 6.400   1.00 66.98 ? 96  ASP A CA  1 
ATOM   563  C C   . ASP A 1 100 ? -21.717 -11.796 4.955   1.00 71.72 ? 96  ASP A C   1 
ATOM   564  O O   . ASP A 1 100 ? -22.618 -11.143 4.367   1.00 63.55 ? 96  ASP A O   1 
ATOM   565  C CB  . ASP A 1 100 ? -22.552 -11.112 7.207   1.00 73.75 ? 96  ASP A CB  1 
ATOM   566  C CG  . ASP A 1 100 ? -23.311 -12.273 7.706   1.00 76.69 ? 96  ASP A CG  1 
ATOM   567  O OD1 . ASP A 1 100 ? -23.400 -13.295 6.982   1.00 84.10 ? 96  ASP A OD1 1 
ATOM   568  O OD2 . ASP A 1 100 ? -23.823 -12.147 8.834   1.00 81.48 ? 96  ASP A OD2 1 
ATOM   569  N N   . THR A 1 101 ? -21.029 -12.769 4.374   1.00 69.33 ? 97  THR A N   1 
ATOM   570  C CA  . THR A 1 101 ? -20.969 -12.850 2.927   1.00 57.94 ? 97  THR A CA  1 
ATOM   571  C C   . THR A 1 101 ? -20.170 -14.116 2.514   1.00 59.13 ? 97  THR A C   1 
ATOM   572  O O   . THR A 1 101 ? -19.487 -14.749 3.342   1.00 59.77 ? 97  THR A O   1 
ATOM   573  C CB  . THR A 1 101 ? -20.396 -11.509 2.372   1.00 57.41 ? 97  THR A CB  1 
ATOM   574  O OG1 . THR A 1 101 ? -20.796 -11.319 1.000   1.00 60.20 ? 97  THR A OG1 1 
ATOM   575  C CG2 . THR A 1 101 ? -18.835 -11.393 2.593   1.00 44.29 ? 97  THR A CG2 1 
ATOM   576  N N   . ASP A 1 102 ? -20.262 -14.491 1.235   1.00 54.40 ? 98  ASP A N   1 
ATOM   577  C CA  . ASP A 1 102 ? -19.537 -15.638 0.747   1.00 41.84 ? 98  ASP A CA  1 
ATOM   578  C C   . ASP A 1 102 ? -17.964 -15.420 0.709   1.00 40.55 ? 98  ASP A C   1 
ATOM   579  O O   . ASP A 1 102 ? -17.456 -14.321 0.955   1.00 33.58 ? 98  ASP A O   1 
ATOM   580  C CB  . ASP A 1 102 ? -20.091 -15.984 -0.624  1.00 50.50 ? 98  ASP A CB  1 
ATOM   581  C CG  . ASP A 1 102 ? -19.985 -14.843 -1.591  1.00 48.93 ? 98  ASP A CG  1 
ATOM   582  O OD1 . ASP A 1 102 ? -18.913 -14.278 -1.725  1.00 46.13 ? 98  ASP A OD1 1 
ATOM   583  O OD2 . ASP A 1 102 ? -20.974 -14.530 -2.259  1.00 70.07 ? 98  ASP A OD2 1 
ATOM   584  N N   . ARG A 1 103 ? -17.230 -16.463 0.379   1.00 32.26 ? 99  ARG A N   1 
ATOM   585  C CA  . ARG A 1 103 ? -15.786 -16.405 0.370   1.00 35.82 ? 99  ARG A CA  1 
ATOM   586  C C   . ARG A 1 103 ? -15.239 -15.496 -0.732  1.00 29.53 ? 99  ARG A C   1 
ATOM   587  O O   . ARG A 1 103 ? -14.224 -14.828 -0.486  1.00 34.90 ? 99  ARG A O   1 
ATOM   588  C CB  . ARG A 1 103 ? -15.160 -17.795 0.347   1.00 36.63 ? 99  ARG A CB  1 
ATOM   589  C CG  . ARG A 1 103 ? -14.622 -18.301 -0.971  1.00 49.53 ? 99  ARG A CG  1 
ATOM   590  C CD  . ARG A 1 103 ? -15.632 -19.010 -1.865  1.00 59.80 ? 99  ARG A CD  1 
ATOM   591  N NE  . ARG A 1 103 ? -15.502 -20.474 -1.805  1.00 57.35 ? 99  ARG A NE  1 
ATOM   592  C CZ  . ARG A 1 103 ? -15.308 -21.246 -2.866  1.00 57.05 ? 99  ARG A CZ  1 
ATOM   593  N NH1 . ARG A 1 103 ? -15.224 -20.704 -4.076  1.00 64.27 ? 99  ARG A NH1 1 
ATOM   594  N NH2 . ARG A 1 103 ? -15.199 -22.566 -2.706  1.00 46.17 ? 99  ARG A NH2 1 
ATOM   595  N N   . GLU A 1 104 ? -15.900 -15.431 -1.883  1.00 25.02 ? 100 GLU A N   1 
ATOM   596  C CA  . GLU A 1 104 ? -15.377 -14.624 -2.949  1.00 27.47 ? 100 GLU A CA  1 
ATOM   597  C C   . GLU A 1 104 ? -15.462 -13.160 -2.433  1.00 31.56 ? 100 GLU A C   1 
ATOM   598  O O   . GLU A 1 104 ? -14.553 -12.319 -2.537  1.00 22.90 ? 100 GLU A O   1 
ATOM   599  C CB  . GLU A 1 104 ? -16.166 -14.767 -4.189  1.00 30.63 ? 100 GLU A CB  1 
ATOM   600  C CG  . GLU A 1 104 ? -15.528 -13.829 -5.169  1.00 36.90 ? 100 GLU A CG  1 
ATOM   601  C CD  . GLU A 1 104 ? -16.271 -13.619 -6.427  1.00 51.21 ? 100 GLU A CD  1 
ATOM   602  O OE1 . GLU A 1 104 ? -16.773 -14.606 -7.009  1.00 56.47 ? 100 GLU A OE1 1 
ATOM   603  O OE2 . GLU A 1 104 ? -16.316 -12.435 -6.840  1.00 55.80 ? 100 GLU A OE2 1 
ATOM   604  N N   . ASN A 1 105 ? -16.562 -12.864 -1.768  1.00 26.60 ? 101 ASN A N   1 
ATOM   605  C CA  . ASN A 1 105 ? -16.722 -11.490 -1.316  1.00 25.66 ? 101 ASN A CA  1 
ATOM   606  C C   . ASN A 1 105 ? -15.847 -11.181 -0.130  1.00 23.65 ? 101 ASN A C   1 
ATOM   607  O O   . ASN A 1 105 ? -15.495 -10.009 0.047   1.00 28.12 ? 101 ASN A O   1 
ATOM   608  C CB  . ASN A 1 105 ? -18.244 -11.203 -1.046  1.00 32.03 ? 101 ASN A CB  1 
ATOM   609  C CG  . ASN A 1 105 ? -18.512 -9.740  -0.960  1.00 40.60 ? 101 ASN A CG  1 
ATOM   610  O OD1 . ASN A 1 105 ? -18.793 -9.226  0.126   1.00 47.11 ? 101 ASN A OD1 1 
ATOM   611  N ND2 . ASN A 1 105 ? -18.330 -9.029  -2.074  1.00 40.38 ? 101 ASN A ND2 1 
ATOM   612  N N   . MET A 1 106 ? -15.511 -12.169 0.707   1.00 24.85 ? 102 MET A N   1 
ATOM   613  C CA  . MET A 1 106 ? -14.586 -11.978 1.855   1.00 24.98 ? 102 MET A CA  1 
ATOM   614  C C   . MET A 1 106 ? -13.202 -11.498 1.303   1.00 24.58 ? 102 MET A C   1 
ATOM   615  O O   . MET A 1 106 ? -12.587 -10.513 1.827   1.00 23.94 ? 102 MET A O   1 
ATOM   616  C CB  . MET A 1 106 ? -14.405 -13.314 2.652   1.00 32.17 ? 102 MET A CB  1 
ATOM   617  C CG  . MET A 1 106 ? -13.214 -13.421 3.654   1.00 47.66 ? 102 MET A CG  1 
ATOM   618  S SD  . MET A 1 106 ? -12.638 -15.081 4.298   1.00 57.80 ? 102 MET A SD  1 
ATOM   619  C CE  . MET A 1 106 ? -11.956 -14.712 5.916   1.00 60.16 ? 102 MET A CE  1 
ATOM   620  N N   . TRP A 1 107 ? -12.751 -12.168 0.261   1.00 23.23 ? 103 TRP A N   1 
ATOM   621  C CA  . TRP A 1 107 ? -11.432 -11.751 -0.373  1.00 20.37 ? 103 TRP A CA  1 
ATOM   622  C C   . TRP A 1 107 ? -11.524 -10.417 -1.043  1.00 19.79 ? 103 TRP A C   1 
ATOM   623  O O   . TRP A 1 107 ? -10.620 -9.597  -0.924  1.00 21.33 ? 103 TRP A O   1 
ATOM   624  C CB  . TRP A 1 107 ? -10.934 -12.866 -1.346  1.00 20.34 ? 103 TRP A CB  1 
ATOM   625  C CG  . TRP A 1 107 ? -10.482 -14.096 -0.547  1.00 22.26 ? 103 TRP A CG  1 
ATOM   626  C CD1 . TRP A 1 107 ? -11.129 -15.365 -0.443  1.00 25.29 ? 103 TRP A CD1 1 
ATOM   627  C CD2 . TRP A 1 107 ? -9.302  -14.218 0.288   1.00 22.21 ? 103 TRP A CD2 1 
ATOM   628  N NE1 . TRP A 1 107 ? -10.403 -16.216 0.381   1.00 23.47 ? 103 TRP A NE1 1 
ATOM   629  C CE2 . TRP A 1 107 ? -9.329  -15.594 0.863   1.00 24.35 ? 103 TRP A CE2 1 
ATOM   630  C CE3 . TRP A 1 107 ? -8.303  -13.346 0.681   1.00 22.56 ? 103 TRP A CE3 1 
ATOM   631  C CZ2 . TRP A 1 107 ? -8.330  -16.062 1.700   1.00 26.95 ? 103 TRP A CZ2 1 
ATOM   632  C CZ3 . TRP A 1 107 ? -7.303  -13.844 1.536   1.00 23.54 ? 103 TRP A CZ3 1 
ATOM   633  C CH2 . TRP A 1 107 ? -7.316  -15.171 2.021   1.00 24.54 ? 103 TRP A CH2 1 
ATOM   634  N N   . ARG A 1 108 ? -12.610 -10.165 -1.733  1.00 18.81 ? 104 ARG A N   1 
ATOM   635  C CA  . ARG A 1 108 ? -12.781 -8.927  -2.476  1.00 20.49 ? 104 ARG A CA  1 
ATOM   636  C C   . ARG A 1 108 ? -12.730 -7.765  -1.484  1.00 22.14 ? 104 ARG A C   1 
ATOM   637  O O   . ARG A 1 108 ? -12.107 -6.762  -1.744  1.00 20.56 ? 104 ARG A O   1 
ATOM   638  C CB  . ARG A 1 108 ? -14.104 -8.929  -3.272  1.00 22.50 ? 104 ARG A CB  1 
ATOM   639  C CG  . ARG A 1 108 ? -14.343 -7.592  -3.969  1.00 25.62 ? 104 ARG A CG  1 
ATOM   640  C CD  . ARG A 1 108 ? -15.609 -7.617  -4.807  1.00 24.70 ? 104 ARG A CD  1 
ATOM   641  N NE  . ARG A 1 108 ? -15.727 -8.824  -5.624  1.00 30.87 ? 104 ARG A NE  1 
ATOM   642  C CZ  . ARG A 1 108 ? -15.325 -8.888  -6.892  1.00 35.41 ? 104 ARG A CZ  1 
ATOM   643  N NH1 . ARG A 1 108 ? -14.789 -7.794  -7.490  1.00 37.44 ? 104 ARG A NH1 1 
ATOM   644  N NH2 . ARG A 1 108 ? -15.523 -10.026 -7.583  1.00 32.94 ? 104 ARG A NH2 1 
ATOM   645  N N   . THR A 1 109 ? -13.429 -7.901  -0.324  1.00 20.87 ? 105 THR A N   1 
ATOM   646  C CA  . THR A 1 109 ? -13.442 -6.836  0.644   1.00 21.60 ? 105 THR A CA  1 
ATOM   647  C C   . THR A 1 109 ? -12.069 -6.580  1.185   1.00 22.02 ? 105 THR A C   1 
ATOM   648  O O   . THR A 1 109 ? -11.729 -5.467  1.376   1.00 20.23 ? 105 THR A O   1 
ATOM   649  C CB  . THR A 1 109 ? -14.452 -7.183  1.824   1.00 24.07 ? 105 THR A CB  1 
ATOM   650  O OG1 . THR A 1 109 ? -15.710 -7.381  1.198   1.00 25.13 ? 105 THR A OG1 1 
ATOM   651  C CG2 . THR A 1 109 ? -14.579 -5.989  2.789   1.00 26.35 ? 105 THR A CG2 1 
ATOM   652  N N   . GLY A 1 110 ? -11.256 -7.617  1.397   1.00 21.87 ? 106 GLY A N   1 
ATOM   653  C CA  . GLY A 1 110 ? -9.944  -7.462  1.945   1.00 20.75 ? 106 GLY A CA  1 
ATOM   654  C C   . GLY A 1 110 ? -8.980  -6.854  0.898   1.00 19.67 ? 106 GLY A C   1 
ATOM   655  O O   . GLY A 1 110 ? -8.281  -5.856  1.166   1.00 20.36 ? 106 GLY A O   1 
ATOM   656  N N   . ILE A 1 111 ? -8.984  -7.380  -0.321  1.00 16.94 ? 107 ILE A N   1 
ATOM   657  C CA  . ILE A 1 111 ? -8.115  -6.727  -1.384  1.00 17.28 ? 107 ILE A CA  1 
ATOM   658  C C   . ILE A 1 111 ? -8.509  -5.278  -1.595  1.00 18.64 ? 107 ILE A C   1 
ATOM   659  O O   . ILE A 1 111 ? -7.668  -4.430  -1.906  1.00 18.55 ? 107 ILE A O   1 
ATOM   660  C CB  . ILE A 1 111 ? -8.288  -7.495  -2.711  1.00 18.07 ? 107 ILE A CB  1 
ATOM   661  C CG1 . ILE A 1 111 ? -7.785  -8.968  -2.457  1.00 18.02 ? 107 ILE A CG1 1 
ATOM   662  C CG2 . ILE A 1 111 ? -7.589  -6.770  -3.884  1.00 17.92 ? 107 ILE A CG2 1 
ATOM   663  C CD1 . ILE A 1 111 ? -8.063  -9.922  -3.620  1.00 22.31 ? 107 ILE A CD1 1 
ATOM   664  N N   . ASN A 1 112 ? -9.802  -4.985  -1.475  1.00 18.38 ? 108 ASN A N   1 
ATOM   665  C CA  . ASN A 1 112 ? -10.323 -3.626  -1.684  1.00 18.88 ? 108 ASN A CA  1 
ATOM   666  C C   . ASN A 1 112 ? -9.739  -2.586  -0.692  1.00 18.90 ? 108 ASN A C   1 
ATOM   667  O O   . ASN A 1 112 ? -9.617  -1.432  -1.032  1.00 21.57 ? 108 ASN A O   1 
ATOM   668  C CB  . ASN A 1 112 ? -11.884 -3.610  -1.625  1.00 19.25 ? 108 ASN A CB  1 
ATOM   669  C CG  . ASN A 1 112 ? -12.447 -2.255  -2.005  1.00 20.38 ? 108 ASN A CG  1 
ATOM   670  O OD1 . ASN A 1 112 ? -12.201 -1.787  -3.121  1.00 18.46 ? 108 ASN A OD1 1 
ATOM   671  N ND2 . ASN A 1 112 ? -13.138 -1.578  -1.075  1.00 18.70 ? 108 ASN A ND2 1 
ATOM   672  N N   . VAL A 1 113 ? -9.415  -2.994  0.539   1.00 19.45 ? 109 VAL A N   1 
ATOM   673  C CA  . VAL A 1 113 ? -8.764  -2.071  1.465   1.00 23.66 ? 109 VAL A CA  1 
ATOM   674  C C   . VAL A 1 113 ? -7.520  -1.461  0.828   1.00 21.34 ? 109 VAL A C   1 
ATOM   675  O O   . VAL A 1 113 ? -7.239  -0.247  0.928   1.00 22.75 ? 109 VAL A O   1 
ATOM   676  C CB  . VAL A 1 113 ? -8.333  -2.857  2.716   1.00 28.02 ? 109 VAL A CB  1 
ATOM   677  C CG1 . VAL A 1 113 ? -7.385  -2.036  3.550   1.00 31.68 ? 109 VAL A CG1 1 
ATOM   678  C CG2 . VAL A 1 113 ? -9.606  -3.190  3.494   1.00 25.34 ? 109 VAL A CG2 1 
ATOM   679  N N   . PHE A 1 114 ? -6.763  -2.303  0.123   1.00 20.23 ? 110 PHE A N   1 
ATOM   680  C CA  . PHE A 1 114 ? -5.459  -1.915  -0.501  1.00 18.15 ? 110 PHE A CA  1 
ATOM   681  C C   . PHE A 1 114 ? -5.706  -1.152  -1.776  1.00 18.70 ? 110 PHE A C   1 
ATOM   682  O O   . PHE A 1 114 ? -5.064  -0.101  -2.049  1.00 24.32 ? 110 PHE A O   1 
ATOM   683  C CB  . PHE A 1 114 ? -4.524  -3.135  -0.737  1.00 22.02 ? 110 PHE A CB  1 
ATOM   684  C CG  . PHE A 1 114 ? -4.082  -3.763  0.548   1.00 23.84 ? 110 PHE A CG  1 
ATOM   685  C CD1 . PHE A 1 114 ? -2.850  -3.510  1.062   1.00 25.98 ? 110 PHE A CD1 1 
ATOM   686  C CD2 . PHE A 1 114 ? -4.997  -4.524  1.299   1.00 26.90 ? 110 PHE A CD2 1 
ATOM   687  C CE1 . PHE A 1 114 ? -2.488  -4.002  2.319   1.00 27.38 ? 110 PHE A CE1 1 
ATOM   688  C CE2 . PHE A 1 114 ? -4.646  -5.043  2.573   1.00 29.23 ? 110 PHE A CE2 1 
ATOM   689  C CZ  . PHE A 1 114 ? -3.383  -4.747  3.073   1.00 25.84 ? 110 PHE A CZ  1 
ATOM   690  N N   . PHE A 1 115 ? -6.684  -1.593  -2.536  1.00 17.18 ? 111 PHE A N   1 
ATOM   691  C CA  . PHE A 1 115 ? -7.043  -0.841  -3.732  1.00 19.01 ? 111 PHE A CA  1 
ATOM   692  C C   . PHE A 1 115 ? -7.513  0.586   -3.392  1.00 22.22 ? 111 PHE A C   1 
ATOM   693  O O   . PHE A 1 115 ? -7.027  1.522   -3.993  1.00 19.24 ? 111 PHE A O   1 
ATOM   694  C CB  . PHE A 1 115 ? -8.181  -1.617  -4.402  1.00 18.96 ? 111 PHE A CB  1 
ATOM   695  C CG  . PHE A 1 115 ? -8.762  -0.979  -5.628  1.00 22.59 ? 111 PHE A CG  1 
ATOM   696  C CD1 . PHE A 1 115 ? -8.072  -0.843  -6.843  1.00 23.72 ? 111 PHE A CD1 1 
ATOM   697  C CD2 . PHE A 1 115 ? -10.110 -0.609  -5.591  1.00 27.50 ? 111 PHE A CD2 1 
ATOM   698  C CE1 . PHE A 1 115 ? -8.730  -0.260  -7.979  1.00 24.84 ? 111 PHE A CE1 1 
ATOM   699  C CE2 . PHE A 1 115 ? -10.759 -0.016  -6.694  1.00 32.41 ? 111 PHE A CE2 1 
ATOM   700  C CZ  . PHE A 1 115 ? -10.092 0.144   -7.896  1.00 24.23 ? 111 PHE A CZ  1 
ATOM   701  N N   . GLU A 1 116 ? -8.455  0.712   -2.459  1.00 21.64 ? 112 GLU A N   1 
ATOM   702  C CA  . GLU A 1 116 ? -8.869  2.064   -2.006  1.00 19.79 ? 112 GLU A CA  1 
ATOM   703  C C   . GLU A 1 116 ? -7.811  2.851   -1.263  1.00 21.21 ? 112 GLU A C   1 
ATOM   704  O O   . GLU A 1 116 ? -7.770  4.057   -1.421  1.00 25.49 ? 112 GLU A O   1 
ATOM   705  C CB  . GLU A 1 116 ? -10.133 1.964   -1.098  1.00 24.08 ? 112 GLU A CB  1 
ATOM   706  C CG  . GLU A 1 116 ? -11.330 1.549   -1.904  1.00 26.93 ? 112 GLU A CG  1 
ATOM   707  C CD  . GLU A 1 116 ? -11.769 2.656   -2.883  1.00 39.99 ? 112 GLU A CD  1 
ATOM   708  O OE1 . GLU A 1 116 ? -11.518 3.847   -2.566  1.00 40.31 ? 112 GLU A OE1 1 
ATOM   709  O OE2 . GLU A 1 116 ? -12.383 2.360   -3.945  1.00 42.22 ? 112 GLU A OE2 1 
ATOM   710  N N   . THR A 1 117 ? -7.054  2.243   -0.352  1.00 19.40 ? 113 THR A N   1 
ATOM   711  C CA  . THR A 1 117 ? -6.096  2.985   0.441   1.00 21.57 ? 113 THR A CA  1 
ATOM   712  C C   . THR A 1 117 ? -4.987  3.530   -0.424  1.00 23.50 ? 113 THR A C   1 
ATOM   713  O O   . THR A 1 117 ? -4.721  4.781   -0.413  1.00 21.10 ? 113 THR A O   1 
ATOM   714  C CB  . THR A 1 117 ? -5.536  2.142   1.667   1.00 20.58 ? 113 THR A CB  1 
ATOM   715  O OG1 . THR A 1 117 ? -6.686  1.754   2.427   1.00 22.64 ? 113 THR A OG1 1 
ATOM   716  C CG2 . THR A 1 117 ? -4.600  3.027   2.575   1.00 25.08 ? 113 THR A CG2 1 
ATOM   717  N N   . PHE A 1 118 ? -4.310  2.656   -1.162  1.00 20.98 ? 114 PHE A N   1 
ATOM   718  C CA  . PHE A 1 118 ? -3.160  3.170   -1.994  1.00 19.71 ? 114 PHE A CA  1 
ATOM   719  C C   . PHE A 1 118 ? -3.683  3.939   -3.156  1.00 22.32 ? 114 PHE A C   1 
ATOM   720  O O   . PHE A 1 118 ? -3.056  4.893   -3.626  1.00 20.77 ? 114 PHE A O   1 
ATOM   721  C CB  . PHE A 1 118 ? -2.284  1.988   -2.426  1.00 20.64 ? 114 PHE A CB  1 
ATOM   722  C CG  . PHE A 1 118 ? -1.540  1.422   -1.243  1.00 22.60 ? 114 PHE A CG  1 
ATOM   723  C CD1 . PHE A 1 118 ? -0.358  2.075   -0.795  1.00 20.28 ? 114 PHE A CD1 1 
ATOM   724  C CD2 . PHE A 1 118 ? -1.982  0.285   -0.612  1.00 21.84 ? 114 PHE A CD2 1 
ATOM   725  C CE1 . PHE A 1 118 ? 0.358   1.557   0.301   1.00 23.49 ? 114 PHE A CE1 1 
ATOM   726  C CE2 . PHE A 1 118 ? -1.284  -0.212  0.548   1.00 27.28 ? 114 PHE A CE2 1 
ATOM   727  C CZ  . PHE A 1 118 ? -0.130  0.430   0.983   1.00 28.21 ? 114 PHE A CZ  1 
ATOM   728  N N   . GLY A 1 119 ? -4.866  3.540   -3.624  1.00 20.74 ? 115 GLY A N   1 
ATOM   729  C CA  . GLY A 1 119 ? -5.445  4.215   -4.808  1.00 22.27 ? 115 GLY A CA  1 
ATOM   730  C C   . GLY A 1 119 ? -5.953  5.650   -4.501  1.00 25.76 ? 115 GLY A C   1 
ATOM   731  O O   . GLY A 1 119 ? -6.100  6.496   -5.416  1.00 24.55 ? 115 GLY A O   1 
ATOM   732  N N   . SER A 1 120 ? -6.131  5.907   -3.233  1.00 22.20 ? 116 SER A N   1 
ATOM   733  C CA  . SER A 1 120 ? -6.472  7.301   -2.764  1.00 26.55 ? 116 SER A CA  1 
ATOM   734  C C   . SER A 1 120 ? -5.240  8.164   -2.516  1.00 26.42 ? 116 SER A C   1 
ATOM   735  O O   . SER A 1 120 ? -5.376  9.350   -2.185  1.00 25.71 ? 116 SER A O   1 
ATOM   736  C CB  . SER A 1 120 ? -7.294  7.228   -1.477  1.00 30.70 ? 116 SER A CB  1 
ATOM   737  O OG  . SER A 1 120 ? -8.567  6.722   -1.856  1.00 32.89 ? 116 SER A OG  1 
ATOM   738  N N   . HIS A 1 121 ? -4.053  7.545   -2.564  1.00 23.49 ? 117 HIS A N   1 
ATOM   739  C CA  . HIS A 1 121 ? -2.758  8.185   -2.357  1.00 24.67 ? 117 HIS A CA  1 
ATOM   740  C C   . HIS A 1 121 ? -1.754  7.783   -3.417  1.00 22.40 ? 117 HIS A C   1 
ATOM   741  O O   . HIS A 1 121 ? -0.668  7.304   -3.090  1.00 20.95 ? 117 HIS A O   1 
ATOM   742  C CB  . HIS A 1 121 ? -2.198  7.922   -0.933  1.00 26.20 ? 117 HIS A CB  1 
ATOM   743  C CG  . HIS A 1 121 ? -3.119  8.393   0.139   1.00 28.39 ? 117 HIS A CG  1 
ATOM   744  N ND1 . HIS A 1 121 ? -3.142  9.698   0.581   1.00 29.11 ? 117 HIS A ND1 1 
ATOM   745  C CD2 . HIS A 1 121 ? -4.088  7.710   0.858   1.00 28.34 ? 117 HIS A CD2 1 
ATOM   746  C CE1 . HIS A 1 121 ? -4.148  9.812   1.505   1.00 28.70 ? 117 HIS A CE1 1 
ATOM   747  N NE2 . HIS A 1 121 ? -4.722  8.616   1.662   1.00 32.32 ? 117 HIS A NE2 1 
ATOM   748  N N   . LYS A 1 122 ? -2.147  7.951   -4.701  1.00 20.73 ? 118 LYS A N   1 
ATOM   749  C CA  . LYS A 1 122 ? -1.324  7.440   -5.802  1.00 26.96 ? 118 LYS A CA  1 
ATOM   750  C C   . LYS A 1 122 ? 0.010   8.091   -5.835  1.00 24.36 ? 118 LYS A C   1 
ATOM   751  O O   . LYS A 1 122 ? 1.000   7.450   -6.167  1.00 21.75 ? 118 LYS A O   1 
ATOM   752  C CB  . LYS A 1 122 ? -2.001  7.648   -7.160  1.00 21.96 ? 118 LYS A CB  1 
ATOM   753  C CG  . LYS A 1 122 ? -3.262  6.848   -7.283  1.00 23.84 ? 118 LYS A CG  1 
ATOM   754  C CD  . LYS A 1 122 ? -3.942  7.212   -8.581  1.00 27.04 ? 118 LYS A CD  1 
ATOM   755  C CE  . LYS A 1 122 ? -4.753  6.044   -9.005  1.00 34.13 ? 118 LYS A CE  1 
ATOM   756  N NZ  . LYS A 1 122 ? -6.086  6.121   -8.415  1.00 33.53 ? 118 LYS A NZ  1 
ATOM   757  N N   . ALA A 1 123 ? 0.051   9.420   -5.557  1.00 23.46 ? 119 ALA A N   1 
ATOM   758  C CA  . ALA A 1 123 ? 1.370   10.076  -5.736  1.00 23.36 ? 119 ALA A CA  1 
ATOM   759  C C   . ALA A 1 123 ? 2.349   9.546   -4.688  1.00 20.70 ? 119 ALA A C   1 
ATOM   760  O O   . ALA A 1 123 ? 3.550   9.391   -4.967  1.00 23.80 ? 119 ALA A O   1 
ATOM   761  C CB  . ALA A 1 123 ? 1.226   11.652  -5.589  1.00 24.22 ? 119 ALA A CB  1 
ATOM   762  N N   . VAL A 1 124 ? 1.896   9.359   -3.456  1.00 21.18 ? 120 VAL A N   1 
ATOM   763  C CA  . VAL A 1 124 ? 2.788   8.874   -2.394  1.00 22.06 ? 120 VAL A CA  1 
ATOM   764  C C   . VAL A 1 124 ? 3.187   7.429   -2.679  1.00 23.95 ? 120 VAL A C   1 
ATOM   765  O O   . VAL A 1 124 ? 4.315   7.026   -2.405  1.00 24.50 ? 120 VAL A O   1 
ATOM   766  C CB  . VAL A 1 124 ? 2.109   8.960   -0.994  1.00 24.20 ? 120 VAL A CB  1 
ATOM   767  C CG1 . VAL A 1 124 ? 2.874   8.217   0.112   1.00 24.19 ? 120 VAL A CG1 1 
ATOM   768  C CG2 . VAL A 1 124 ? 1.972   10.470  -0.575  1.00 24.28 ? 120 VAL A CG2 1 
ATOM   769  N N   . THR A 1 125 ? 2.196   6.631   -3.125  1.00 21.89 ? 121 THR A N   1 
ATOM   770  C CA  . THR A 1 125 ? 2.473   5.216   -3.515  1.00 22.73 ? 121 THR A CA  1 
ATOM   771  C C   . THR A 1 125 ? 3.552   5.213   -4.585  1.00 23.89 ? 121 THR A C   1 
ATOM   772  O O   . THR A 1 125 ? 4.549   4.441   -4.478  1.00 24.58 ? 121 THR A O   1 
ATOM   773  C CB  . THR A 1 125 ? 1.157   4.597   -4.032  1.00 21.30 ? 121 THR A CB  1 
ATOM   774  O OG1 . THR A 1 125 ? 0.212   4.622   -2.960  1.00 24.28 ? 121 THR A OG1 1 
ATOM   775  C CG2 . THR A 1 125 ? 1.416   3.115   -4.478  1.00 26.38 ? 121 THR A CG2 1 
ATOM   776  N N   . ARG A 1 126 ? 3.418   6.073   -5.614  1.00 24.35 ? 122 ARG A N   1 
ATOM   777  C CA  . ARG A 1 126 ? 4.430   6.070   -6.699  1.00 27.70 ? 122 ARG A CA  1 
ATOM   778  C C   . ARG A 1 126 ? 5.793   6.512   -6.195  1.00 30.22 ? 122 ARG A C   1 
ATOM   779  O O   . ARG A 1 126 ? 6.792   5.896   -6.464  1.00 23.76 ? 122 ARG A O   1 
ATOM   780  C CB  . ARG A 1 126 ? 4.046   7.026   -7.841  1.00 35.55 ? 122 ARG A CB  1 
ATOM   781  C CG  . ARG A 1 126 ? 2.945   6.454   -8.727  1.00 58.83 ? 122 ARG A CG  1 
ATOM   782  C CD  . ARG A 1 126 ? 2.881   7.104   -10.120 1.00 65.40 ? 122 ARG A CD  1 
ATOM   783  N NE  . ARG A 1 126 ? 1.487   7.226   -10.574 1.00 69.08 ? 122 ARG A NE  1 
ATOM   784  C CZ  . ARG A 1 126 ? 0.725   8.319   -10.436 1.00 72.22 ? 122 ARG A CZ  1 
ATOM   785  N NH1 . ARG A 1 126 ? 1.209   9.448   -9.866  1.00 58.75 ? 122 ARG A NH1 1 
ATOM   786  N NH2 . ARG A 1 126 ? -0.535  8.282   -10.878 1.00 67.92 ? 122 ARG A NH2 1 
ATOM   787  N N   . ALA A 1 127 ? 5.857   7.612   -5.457  1.00 24.89 ? 123 ALA A N   1 
ATOM   788  C CA  . ALA A 1 127 ? 7.173   8.077   -5.001  1.00 25.87 ? 123 ALA A CA  1 
ATOM   789  C C   . ALA A 1 127 ? 7.772   7.126   -3.983  1.00 27.56 ? 123 ALA A C   1 
ATOM   790  O O   . ALA A 1 127 ? 9.036   6.871   -3.915  1.00 25.57 ? 123 ALA A O   1 
ATOM   791  C CB  . ALA A 1 127 ? 6.999   9.491   -4.386  1.00 24.97 ? 123 ALA A CB  1 
ATOM   792  N N   . GLY A 1 128 ? 6.890   6.573   -3.161  1.00 23.23 ? 124 GLY A N   1 
ATOM   793  C CA  . GLY A 1 128 ? 7.302   5.604   -2.146  1.00 24.30 ? 124 GLY A CA  1 
ATOM   794  C C   . GLY A 1 128 ? 7.846   4.325   -2.779  1.00 28.84 ? 124 GLY A C   1 
ATOM   795  O O   . GLY A 1 128 ? 8.812   3.730   -2.276  1.00 28.76 ? 124 GLY A O   1 
ATOM   796  N N   . GLN A 1 129 ? 7.227   3.856   -3.871  1.00 24.84 ? 125 GLN A N   1 
ATOM   797  C CA  . GLN A 1 129 ? 7.806   2.686   -4.531  1.00 28.32 ? 125 GLN A CA  1 
ATOM   798  C C   . GLN A 1 129 ? 9.166   3.025   -5.182  1.00 29.19 ? 125 GLN A C   1 
ATOM   799  O O   . GLN A 1 129 ? 10.120  2.221   -5.124  1.00 30.75 ? 125 GLN A O   1 
ATOM   800  C CB  . GLN A 1 129 ? 6.836   2.074   -5.566  1.00 29.95 ? 125 GLN A CB  1 
ATOM   801  C CG  . GLN A 1 129 ? 5.743   1.207   -4.908  1.00 29.44 ? 125 GLN A CG  1 
ATOM   802  C CD  . GLN A 1 129 ? 6.314   -0.106  -4.346  1.00 32.72 ? 125 GLN A CD  1 
ATOM   803  O OE1 . GLN A 1 129 ? 7.313   -0.645  -4.896  1.00 37.68 ? 125 GLN A OE1 1 
ATOM   804  N NE2 . GLN A 1 129 ? 5.707   -0.626  -3.273  1.00 32.61 ? 125 GLN A NE2 1 
ATOM   805  N N   . ALA A 1 130 ? 9.257   4.184   -5.769  1.00 27.85 ? 126 ALA A N   1 
ATOM   806  C CA  . ALA A 1 130 ? 10.478  4.612   -6.445  1.00 33.11 ? 126 ALA A CA  1 
ATOM   807  C C   . ALA A 1 130 ? 11.608  4.759   -5.440  1.00 36.90 ? 126 ALA A C   1 
ATOM   808  O O   . ALA A 1 130 ? 12.755  4.375   -5.725  1.00 33.95 ? 126 ALA A O   1 
ATOM   809  C CB  . ALA A 1 130 ? 10.233  5.910   -7.200  1.00 31.66 ? 126 ALA A CB  1 
ATOM   810  N N   . ALA A 1 131 ? 11.303  5.249   -4.230  1.00 30.53 ? 127 ALA A N   1 
ATOM   811  C CA  . ALA A 1 131 ? 12.328  5.377   -3.200  1.00 28.62 ? 127 ALA A CA  1 
ATOM   812  C C   . ALA A 1 131 ? 12.875  4.042   -2.681  1.00 34.93 ? 127 ALA A C   1 
ATOM   813  O O   . ALA A 1 131 ? 13.918  4.082   -2.024  1.00 33.71 ? 127 ALA A O   1 
ATOM   814  C CB  . ALA A 1 131 ? 11.809  6.157   -2.015  1.00 27.93 ? 127 ALA A CB  1 
ATOM   815  N N   . ARG A 1 132 ? 12.195  2.876   -2.894  1.00 30.02 ? 128 ARG A N   1 
ATOM   816  C CA  . ARG A 1 132 ? 12.764  1.582   -2.463  1.00 30.72 ? 128 ARG A CA  1 
ATOM   817  C C   . ARG A 1 132 ? 14.195  1.372   -2.966  1.00 38.19 ? 128 ARG A C   1 
ATOM   818  O O   . ARG A 1 132 ? 15.001  0.706   -2.307  1.00 38.49 ? 128 ARG A O   1 
ATOM   819  C CB  . ARG A 1 132 ? 11.935  0.394   -2.935  1.00 32.36 ? 128 ARG A CB  1 
ATOM   820  C CG  . ARG A 1 132 ? 10.668  0.230   -2.145  1.00 33.68 ? 128 ARG A CG  1 
ATOM   821  C CD  . ARG A 1 132 ? 9.739   -0.786  -2.816  1.00 38.59 ? 128 ARG A CD  1 
ATOM   822  N NE  . ARG A 1 132 ? 10.354  -2.094  -2.862  1.00 40.88 ? 128 ARG A NE  1 
ATOM   823  C CZ  . ARG A 1 132 ? 10.201  -2.989  -3.837  1.00 59.81 ? 128 ARG A CZ  1 
ATOM   824  N NH1 . ARG A 1 132 ? 9.362   -2.770  -4.849  1.00 60.36 ? 128 ARG A NH1 1 
ATOM   825  N NH2 . ARG A 1 132 ? 10.880  -4.134  -3.781  1.00 55.09 ? 128 ARG A NH2 1 
ATOM   826  N N   . ALA A 1 133 ? 14.509  1.947   -4.101  1.00 33.00 ? 129 ALA A N   1 
ATOM   827  C CA  . ALA A 1 133 ? 15.804  1.727   -4.712  1.00 40.53 ? 129 ALA A CA  1 
ATOM   828  C C   . ALA A 1 133 ? 16.908  2.514   -4.003  1.00 45.19 ? 129 ALA A C   1 
ATOM   829  O O   . ALA A 1 133 ? 18.051  2.113   -4.047  1.00 44.95 ? 129 ALA A O   1 
ATOM   830  C CB  . ALA A 1 133 ? 15.755  2.023   -6.208  1.00 36.47 ? 129 ALA A CB  1 
ATOM   831  N N   . THR A 1 134 ? 16.572  3.606   -3.327  1.00 42.05 ? 130 THR A N   1 
ATOM   832  C CA  . THR A 1 134 ? 17.606  4.470   -2.753  1.00 45.89 ? 130 THR A CA  1 
ATOM   833  C C   . THR A 1 134 ? 17.516  4.560   -1.233  1.00 49.75 ? 130 THR A C   1 
ATOM   834  O O   . THR A 1 134 ? 18.484  4.940   -0.575  1.00 43.76 ? 130 THR A O   1 
ATOM   835  C CB  . THR A 1 134 ? 17.555  5.900   -3.361  1.00 48.02 ? 130 THR A CB  1 
ATOM   836  O OG1 . THR A 1 134 ? 16.231  6.450   -3.196  1.00 48.91 ? 130 THR A OG1 1 
ATOM   837  C CG2 . THR A 1 134 ? 17.898  5.886   -4.864  1.00 46.09 ? 130 THR A CG2 1 
ATOM   838  N N   . SER A 1 135 ? 16.366  4.230   -0.648  1.00 37.18 ? 131 SER A N   1 
ATOM   839  C CA  . SER A 1 135 ? 16.262  4.385   0.788   1.00 37.46 ? 131 SER A CA  1 
ATOM   840  C C   . SER A 1 135 ? 16.104  3.044   1.491   1.00 40.38 ? 131 SER A C   1 
ATOM   841  O O   . SER A 1 135 ? 15.148  2.279   1.235   1.00 32.40 ? 131 SER A O   1 
ATOM   842  C CB  . SER A 1 135 ? 15.142  5.370   1.178   1.00 35.36 ? 131 SER A CB  1 
ATOM   843  O OG  . SER A 1 135 ? 14.795  5.120   2.533   1.00 34.42 ? 131 SER A OG  1 
ATOM   844  N N   . VAL A 1 136 ? 17.052  2.731   2.372   1.00 37.26 ? 132 VAL A N   1 
ATOM   845  C CA  . VAL A 1 136 ? 16.933  1.534   3.165   1.00 36.90 ? 132 VAL A CA  1 
ATOM   846  C C   . VAL A 1 136 ? 15.714  1.606   4.105   1.00 36.40 ? 132 VAL A C   1 
ATOM   847  O O   . VAL A 1 136 ? 15.060  0.572   4.344   1.00 30.60 ? 132 VAL A O   1 
ATOM   848  C CB  . VAL A 1 136 ? 18.214  1.247   3.968   1.00 40.66 ? 132 VAL A CB  1 
ATOM   849  C CG1 . VAL A 1 136 ? 18.084  -0.058  4.771   1.00 44.45 ? 132 VAL A CG1 1 
ATOM   850  C CG2 . VAL A 1 136 ? 19.351  1.124   2.981   1.00 40.07 ? 132 VAL A CG2 1 
ATOM   851  N N   . GLU A 1 137 ? 15.399  2.785   4.651   1.00 30.16 ? 133 GLU A N   1 
ATOM   852  C CA  . GLU A 1 137 ? 14.272  2.774   5.601   1.00 30.96 ? 133 GLU A CA  1 
ATOM   853  C C   . GLU A 1 137 ? 12.937  2.566   4.787   1.00 30.03 ? 133 GLU A C   1 
ATOM   854  O O   . GLU A 1 137 ? 12.011  1.968   5.305   1.00 30.61 ? 133 GLU A O   1 
ATOM   855  C CB  . GLU A 1 137 ? 14.130  3.997   6.493   1.00 36.36 ? 133 GLU A CB  1 
ATOM   856  C CG  . GLU A 1 137 ? 15.325  4.323   7.352   1.00 43.74 ? 133 GLU A CG  1 
ATOM   857  C CD  . GLU A 1 137 ? 16.057  5.478   6.736   1.00 57.73 ? 133 GLU A CD  1 
ATOM   858  O OE1 . GLU A 1 137 ? 16.839  5.287   5.744   1.00 59.75 ? 133 GLU A OE1 1 
ATOM   859  O OE2 . GLU A 1 137 ? 15.764  6.593   7.222   1.00 64.26 ? 133 GLU A OE2 1 
ATOM   860  N N   . VAL A 1 138 ? 12.868  3.142   3.586   1.00 27.06 ? 134 VAL A N   1 
ATOM   861  C CA  . VAL A 1 138 ? 11.639  2.955   2.738   1.00 28.73 ? 134 VAL A CA  1 
ATOM   862  C C   . VAL A 1 138 ? 11.586  1.446   2.359   1.00 26.59 ? 134 VAL A C   1 
ATOM   863  O O   . VAL A 1 138 ? 10.513  0.813   2.479   1.00 29.30 ? 134 VAL A O   1 
ATOM   864  C CB  . VAL A 1 138 ? 11.647  3.884   1.495   1.00 29.49 ? 134 VAL A CB  1 
ATOM   865  C CG1 . VAL A 1 138 ? 10.538  3.463   0.456   1.00 24.31 ? 134 VAL A CG1 1 
ATOM   866  C CG2 . VAL A 1 138 ? 11.481  5.376   1.915   1.00 28.27 ? 134 VAL A CG2 1 
ATOM   867  N N   . ALA A 1 139 ? 12.715  0.865   1.902   1.00 29.50 ? 135 ALA A N   1 
ATOM   868  C CA  . ALA A 1 139 ? 12.720  -0.606  1.546   1.00 30.58 ? 135 ALA A CA  1 
ATOM   869  C C   . ALA A 1 139 ? 12.303  -1.464  2.768   1.00 29.15 ? 135 ALA A C   1 
ATOM   870  O O   . ALA A 1 139 ? 11.434  -2.364  2.682   1.00 28.17 ? 135 ALA A O   1 
ATOM   871  C CB  . ALA A 1 139 ? 14.065  -1.043  0.874   1.00 27.61 ? 135 ALA A CB  1 
ATOM   872  N N   . GLU A 1 140 ? 12.814  -1.169  3.963   1.00 28.47 ? 136 GLU A N   1 
ATOM   873  C CA  . GLU A 1 140 ? 12.426  -1.956  5.141   1.00 26.55 ? 136 GLU A CA  1 
ATOM   874  C C   . GLU A 1 140 ? 10.971  -1.763  5.559   1.00 27.73 ? 136 GLU A C   1 
ATOM   875  O O   . GLU A 1 140 ? 10.339  -2.694  6.074   1.00 29.93 ? 136 GLU A O   1 
ATOM   876  C CB  . GLU A 1 140 ? 13.364  -1.641  6.349   1.00 35.16 ? 136 GLU A CB  1 
ATOM   877  C CG  . GLU A 1 140 ? 14.823  -2.024  5.992   1.00 45.64 ? 136 GLU A CG  1 
ATOM   878  C CD  . GLU A 1 140 ? 15.818  -1.840  7.152   1.00 58.03 ? 136 GLU A CD  1 
ATOM   879  O OE1 . GLU A 1 140 ? 15.429  -1.259  8.183   1.00 58.30 ? 136 GLU A OE1 1 
ATOM   880  O OE2 . GLU A 1 140 ? 16.995  -2.278  7.033   1.00 60.64 ? 136 GLU A OE2 1 
ATOM   881  N N   . LEU A 1 141 ? 10.424  -0.558  5.353   1.00 28.16 ? 137 LEU A N   1 
ATOM   882  C CA  . LEU A 1 141 ? 9.002   -0.322  5.705   1.00 24.75 ? 137 LEU A CA  1 
ATOM   883  C C   . LEU A 1 141 ? 8.119   -1.191  4.789   1.00 26.17 ? 137 LEU A C   1 
ATOM   884  O O   . LEU A 1 141 ? 7.215   -1.874  5.274   1.00 22.26 ? 137 LEU A O   1 
ATOM   885  C CB  . LEU A 1 141 ? 8.637   1.159   5.477   1.00 26.56 ? 137 LEU A CB  1 
ATOM   886  C CG  . LEU A 1 141 ? 7.242   1.672   5.771   1.00 30.49 ? 137 LEU A CG  1 
ATOM   887  C CD1 . LEU A 1 141 ? 6.817   1.455   7.208   1.00 35.21 ? 137 LEU A CD1 1 
ATOM   888  C CD2 . LEU A 1 141 ? 7.300   3.191   5.511   1.00 31.10 ? 137 LEU A CD2 1 
ATOM   889  N N   . TRP A 1 142 ? 8.406   -1.151  3.500   1.00 22.85 ? 138 TRP A N   1 
ATOM   890  C CA  . TRP A 1 142 ? 7.563   -1.899  2.523   1.00 26.56 ? 138 TRP A CA  1 
ATOM   891  C C   . TRP A 1 142 ? 7.708   -3.371  2.862   1.00 23.42 ? 138 TRP A C   1 
ATOM   892  O O   . TRP A 1 142 ? 6.732   -4.086  2.962   1.00 25.11 ? 138 TRP A O   1 
ATOM   893  C CB  . TRP A 1 142 ? 8.030   -1.687  1.109   1.00 26.01 ? 138 TRP A CB  1 
ATOM   894  C CG  . TRP A 1 142 ? 7.560   -0.468  0.448   1.00 29.62 ? 138 TRP A CG  1 
ATOM   895  C CD1 . TRP A 1 142 ? 8.339   0.587   -0.035  1.00 29.84 ? 138 TRP A CD1 1 
ATOM   896  C CD2 . TRP A 1 142 ? 6.160   -0.133  0.049   1.00 33.45 ? 138 TRP A CD2 1 
ATOM   897  N NE1 . TRP A 1 142 ? 7.574   1.517   -0.696  1.00 30.82 ? 138 TRP A NE1 1 
ATOM   898  C CE2 . TRP A 1 142 ? 6.249   1.191   -0.659  1.00 31.68 ? 138 TRP A CE2 1 
ATOM   899  C CE3 . TRP A 1 142 ? 4.904   -0.741  0.238   1.00 29.36 ? 138 TRP A CE3 1 
ATOM   900  C CZ2 . TRP A 1 142 ? 5.109   1.849   -1.181  1.00 32.32 ? 138 TRP A CZ2 1 
ATOM   901  C CZ3 . TRP A 1 142 ? 3.766   -0.064  -0.270  1.00 29.77 ? 138 TRP A CZ3 1 
ATOM   902  C CH2 . TRP A 1 142 ? 3.860   1.193   -0.970  1.00 32.69 ? 138 TRP A CH2 1 
ATOM   903  N N   . SER A 1 143 ? 8.940   -3.832  3.094   1.00 23.11 ? 139 SER A N   1 
ATOM   904  C CA  . SER A 1 143 ? 9.177   -5.239  3.445   1.00 23.97 ? 139 SER A CA  1 
ATOM   905  C C   . SER A 1 143 ? 8.511   -5.700  4.737   1.00 23.05 ? 139 SER A C   1 
ATOM   906  O O   . SER A 1 143 ? 7.927   -6.784  4.793   1.00 21.40 ? 139 SER A O   1 
ATOM   907  C CB  . SER A 1 143 ? 10.714  -5.529  3.363   1.00 26.20 ? 139 SER A CB  1 
ATOM   908  O OG  . SER A 1 143 ? 11.044  -6.733  4.015   1.00 30.01 ? 139 SER A OG  1 
ATOM   909  N N   . THR A 1 144 ? 8.595   -4.929  5.839   1.00 21.32 ? 140 THR A N   1 
ATOM   910  C CA  . THR A 1 144 ? 7.886   -5.325  7.072   1.00 24.06 ? 140 THR A CA  1 
ATOM   911  C C   . THR A 1 144 ? 6.420   -5.495  6.870   1.00 23.14 ? 140 THR A C   1 
ATOM   912  O O   . THR A 1 144 ? 5.806   -6.402  7.385   1.00 20.93 ? 140 THR A O   1 
ATOM   913  C CB  . THR A 1 144 ? 8.034   -4.209  8.155   1.00 29.20 ? 140 THR A CB  1 
ATOM   914  O OG1 . THR A 1 144 ? 9.435   -4.056  8.333   1.00 36.85 ? 140 THR A OG1 1 
ATOM   915  C CG2 . THR A 1 144 ? 7.395   -4.634  9.468   1.00 32.93 ? 140 THR A CG2 1 
ATOM   916  N N   . PHE A 1 145 ? 5.799   -4.536  6.211   1.00 21.88 ? 141 PHE A N   1 
ATOM   917  C CA  . PHE A 1 145 ? 4.362   -4.665  6.074   1.00 22.35 ? 141 PHE A CA  1 
ATOM   918  C C   . PHE A 1 145 ? 3.964   -5.742  5.064   1.00 20.17 ? 141 PHE A C   1 
ATOM   919  O O   . PHE A 1 145 ? 2.966   -6.362  5.293   1.00 19.76 ? 141 PHE A O   1 
ATOM   920  C CB  . PHE A 1 145 ? 3.788   -3.353  5.666   1.00 23.38 ? 141 PHE A CB  1 
ATOM   921  C CG  . PHE A 1 145 ? 3.613   -2.459  6.935   1.00 27.10 ? 141 PHE A CG  1 
ATOM   922  C CD1 . PHE A 1 145 ? 2.453   -2.613  7.733   1.00 27.84 ? 141 PHE A CD1 1 
ATOM   923  C CD2 . PHE A 1 145 ? 4.693   -1.618  7.374   1.00 29.09 ? 141 PHE A CD2 1 
ATOM   924  C CE1 . PHE A 1 145 ? 2.303   -1.819  8.881   1.00 32.59 ? 141 PHE A CE1 1 
ATOM   925  C CE2 . PHE A 1 145 ? 4.543   -0.873  8.554   1.00 35.11 ? 141 PHE A CE2 1 
ATOM   926  C CZ  . PHE A 1 145 ? 3.373   -0.980  9.284   1.00 29.87 ? 141 PHE A CZ  1 
ATOM   927  N N   . MET A 1 146 ? 4.694   -5.855  3.986   1.00 19.99 ? 142 MET A N   1 
ATOM   928  C CA  . MET A 1 146 ? 4.316   -7.024  3.084   1.00 21.24 ? 142 MET A CA  1 
ATOM   929  C C   . MET A 1 146 ? 4.415   -8.376  3.879   1.00 19.48 ? 142 MET A C   1 
ATOM   930  O O   . MET A 1 146 ? 3.597   -9.293  3.688   1.00 20.61 ? 142 MET A O   1 
ATOM   931  C CB  . MET A 1 146 ? 5.220   -7.112  1.875   1.00 23.76 ? 142 MET A CB  1 
ATOM   932  C CG  . MET A 1 146 ? 4.654   -8.240  0.964   1.00 32.95 ? 142 MET A CG  1 
ATOM   933  S SD  . MET A 1 146 ? 5.085   -8.209  -0.788  1.00 44.41 ? 142 MET A SD  1 
ATOM   934  C CE  . MET A 1 146 ? 5.190   -6.416  -1.005  1.00 54.49 ? 142 MET A CE  1 
ATOM   935  N N   . GLN A 1 147 ? 5.443   -8.524  4.739   1.00 19.01 ? 143 GLN A N   1 
ATOM   936  C CA  . GLN A 1 147 ? 5.581   -9.766  5.526   1.00 20.29 ? 143 GLN A CA  1 
ATOM   937  C C   . GLN A 1 147 ? 4.396   -9.965  6.406   1.00 19.39 ? 143 GLN A C   1 
ATOM   938  O O   . GLN A 1 147 ? 3.875   -11.058 6.509   1.00 18.42 ? 143 GLN A O   1 
ATOM   939  C CB  . GLN A 1 147 ? 6.849   -9.813  6.385   1.00 20.71 ? 143 GLN A CB  1 
ATOM   940  C CG  . GLN A 1 147 ? 8.121   -9.821  5.535   1.00 28.20 ? 143 GLN A CG  1 
ATOM   941  C CD  . GLN A 1 147 ? 9.422   -9.755  6.395   1.00 37.88 ? 143 GLN A CD  1 
ATOM   942  O OE1 . GLN A 1 147 ? 10.134  -8.755  6.416   1.00 43.87 ? 143 GLN A OE1 1 
ATOM   943  N NE2 . GLN A 1 147 ? 9.700   -10.808 7.107   1.00 36.28 ? 143 GLN A NE2 1 
ATOM   944  N N   . LYS A 1 148 ? 3.898   -8.875  6.989   1.00 19.08 ? 144 LYS A N   1 
ATOM   945  C CA  . LYS A 1 148 ? 2.731   -9.011  7.814   1.00 22.09 ? 144 LYS A CA  1 
ATOM   946  C C   . LYS A 1 148 ? 1.485   -9.439  7.084   1.00 17.85 ? 144 LYS A C   1 
ATOM   947  O O   . LYS A 1 148 ? 0.739   -10.256 7.565   1.00 18.53 ? 144 LYS A O   1 
ATOM   948  C CB  . LYS A 1 148 ? 2.459   -7.613  8.465   1.00 24.54 ? 144 LYS A CB  1 
ATOM   949  C CG  . LYS A 1 148 ? 1.265   -7.687  9.425   1.00 31.61 ? 144 LYS A CG  1 
ATOM   950  C CD  . LYS A 1 148 ? 1.132   -6.368  10.249  1.00 32.71 ? 144 LYS A CD  1 
ATOM   951  C CE  . LYS A 1 148 ? -0.264  -6.414  10.946  1.00 37.10 ? 144 LYS A CE  1 
ATOM   952  N NZ  . LYS A 1 148 ? -0.469  -5.233  11.851  1.00 46.33 ? 144 LYS A NZ  1 
ATOM   953  N N   . TRP A 1 149 ? 1.271   -8.855  5.893   1.00 18.99 ? 145 TRP A N   1 
ATOM   954  C CA  . TRP A 1 149 ? 0.077   -9.098  5.137   1.00 18.93 ? 145 TRP A CA  1 
ATOM   955  C C   . TRP A 1 149 ? 0.121   -10.479 4.534   1.00 18.51 ? 145 TRP A C   1 
ATOM   956  O O   . TRP A 1 149 ? -0.881  -11.114 4.389   1.00 17.63 ? 145 TRP A O   1 
ATOM   957  C CB  . TRP A 1 149 ? 0.030   -7.999  4.060   1.00 19.95 ? 145 TRP A CB  1 
ATOM   958  C CG  . TRP A 1 149 ? -0.187  -6.614  4.727   1.00 22.49 ? 145 TRP A CG  1 
ATOM   959  C CD1 . TRP A 1 149 ? -0.836  -6.373  5.946   1.00 24.87 ? 145 TRP A CD1 1 
ATOM   960  C CD2 . TRP A 1 149 ? 0.188   -5.265  4.186   1.00 26.03 ? 145 TRP A CD2 1 
ATOM   961  N NE1 . TRP A 1 149 ? -0.856  -5.024  6.243   1.00 22.67 ? 145 TRP A NE1 1 
ATOM   962  C CE2 . TRP A 1 149 ? -0.195  -4.293  5.235   1.00 24.24 ? 145 TRP A CE2 1 
ATOM   963  C CE3 . TRP A 1 149 ? 0.925   -4.784  3.035   1.00 26.00 ? 145 TRP A CE3 1 
ATOM   964  C CZ2 . TRP A 1 149 ? -0.037  -2.903  5.038   1.00 22.60 ? 145 TRP A CZ2 1 
ATOM   965  C CZ3 . TRP A 1 149 ? 1.128   -3.353  2.878   1.00 24.03 ? 145 TRP A CZ3 1 
ATOM   966  C CH2 . TRP A 1 149 ? 0.583   -2.457  3.825   1.00 24.61 ? 145 TRP A CH2 1 
ATOM   967  N N   . ILE A 1 150 ? 1.324   -10.880 4.100   1.00 17.19 ? 146 ILE A N   1 
ATOM   968  C CA  . ILE A 1 150 ? 1.504   -12.288 3.637   1.00 17.03 ? 146 ILE A CA  1 
ATOM   969  C C   . ILE A 1 150 ? 1.190   -13.285 4.779   1.00 17.31 ? 146 ILE A C   1 
ATOM   970  O O   . ILE A 1 150 ? 0.498   -14.253 4.554   1.00 16.72 ? 146 ILE A O   1 
ATOM   971  C CB  . ILE A 1 150 ? 2.970   -12.495 3.130   1.00 14.93 ? 146 ILE A CB  1 
ATOM   972  C CG1 . ILE A 1 150 ? 3.033   -11.796 1.778   1.00 15.28 ? 146 ILE A CG1 1 
ATOM   973  C CG2 . ILE A 1 150 ? 3.271   -14.056 2.964   1.00 16.27 ? 146 ILE A CG2 1 
ATOM   974  C CD1 . ILE A 1 150 ? 4.525   -11.720 1.229   1.00 16.11 ? 146 ILE A CD1 1 
ATOM   975  N N   . ALA A 1 151 ? 1.732   -13.047 5.981   1.00 17.95 ? 147 ALA A N   1 
ATOM   976  C CA  . ALA A 1 151 ? 1.504   -13.993 7.122   1.00 19.27 ? 147 ALA A CA  1 
ATOM   977  C C   . ALA A 1 151 ? -0.011  -14.015 7.418   1.00 22.04 ? 147 ALA A C   1 
ATOM   978  O O   . ALA A 1 151 ? -0.584  -15.075 7.614   1.00 19.60 ? 147 ALA A O   1 
ATOM   979  C CB  . ALA A 1 151 ? 2.292   -13.590 8.385   1.00 20.40 ? 147 ALA A CB  1 
ATOM   980  N N   . TYR A 1 152 ? -0.662  -12.844 7.352   1.00 20.29 ? 148 TYR A N   1 
ATOM   981  C CA  . TYR A 1 152 ? -2.145  -12.876 7.591   1.00 22.26 ? 148 TYR A CA  1 
ATOM   982  C C   . TYR A 1 152 ? -2.859  -13.659 6.479   1.00 21.07 ? 148 TYR A C   1 
ATOM   983  O O   . TYR A 1 152 ? -3.709  -14.491 6.717   1.00 18.85 ? 148 TYR A O   1 
ATOM   984  C CB  . TYR A 1 152 ? -2.643  -11.422 7.710   1.00 22.33 ? 148 TYR A CB  1 
ATOM   985  C CG  . TYR A 1 152 ? -4.088  -11.388 7.792   1.00 26.09 ? 148 TYR A CG  1 
ATOM   986  C CD1 . TYR A 1 152 ? -4.716  -11.742 8.998   1.00 29.21 ? 148 TYR A CD1 1 
ATOM   987  C CD2 . TYR A 1 152 ? -4.864  -11.118 6.671   1.00 26.82 ? 148 TYR A CD2 1 
ATOM   988  C CE1 . TYR A 1 152 ? -6.093  -11.735 9.113   1.00 27.70 ? 148 TYR A CE1 1 
ATOM   989  C CE2 . TYR A 1 152 ? -6.228  -11.172 6.748   1.00 28.42 ? 148 TYR A CE2 1 
ATOM   990  C CZ  . TYR A 1 152 ? -6.813  -11.448 8.000   1.00 30.34 ? 148 TYR A CZ  1 
ATOM   991  O OH  . TYR A 1 152 ? -8.155  -11.470 8.137   1.00 34.69 ? 148 TYR A OH  1 
ATOM   992  N N   . THR A 1 153 ? -2.491  -13.420 5.214   1.00 18.85 ? 149 THR A N   1 
ATOM   993  C CA  . THR A 1 153 ? -3.092  -14.138 4.098   1.00 18.49 ? 149 THR A CA  1 
ATOM   994  C C   . THR A 1 153 ? -2.917  -15.663 4.248   1.00 17.85 ? 149 THR A C   1 
ATOM   995  O O   . THR A 1 153 ? -3.842  -16.412 4.038   1.00 19.43 ? 149 THR A O   1 
ATOM   996  C CB  . THR A 1 153 ? -2.425  -13.720 2.728   1.00 18.47 ? 149 THR A CB  1 
ATOM   997  O OG1 . THR A 1 153 ? -2.612  -12.286 2.522   1.00 20.38 ? 149 THR A OG1 1 
ATOM   998  C CG2 . THR A 1 153 ? -3.028  -14.519 1.568   1.00 19.86 ? 149 THR A CG2 1 
ATOM   999  N N   . ALA A 1 154 ? -1.691  -16.101 4.601   1.00 19.30 ? 150 ALA A N   1 
ATOM   1000 C CA  . ALA A 1 154 ? -1.435  -17.541 4.706   1.00 20.44 ? 150 ALA A CA  1 
ATOM   1001 C C   . ALA A 1 154 ? -2.288  -18.089 5.927   1.00 21.00 ? 150 ALA A C   1 
ATOM   1002 O O   . ALA A 1 154 ? -2.774  -19.197 5.859   1.00 21.92 ? 150 ALA A O   1 
ATOM   1003 C CB  . ALA A 1 154 ? 0.024   -17.811 4.982   1.00 20.88 ? 150 ALA A CB  1 
ATOM   1004 N N   . ALA A 1 155 ? -2.377  -17.307 7.012   1.00 23.33 ? 151 ALA A N   1 
ATOM   1005 C CA  . ALA A 1 155 ? -3.185  -17.758 8.197   1.00 23.44 ? 151 ALA A CA  1 
ATOM   1006 C C   . ALA A 1 155 ? -4.662  -17.962 7.815   1.00 25.25 ? 151 ALA A C   1 
ATOM   1007 O O   . ALA A 1 155 ? -5.320  -18.958 8.221   1.00 22.83 ? 151 ALA A O   1 
ATOM   1008 C CB  . ALA A 1 155 ? -3.016  -16.739 9.401   1.00 24.74 ? 151 ALA A CB  1 
ATOM   1009 N N   . VAL A 1 156 ? -5.202  -17.091 6.938   1.00 22.37 ? 152 VAL A N   1 
ATOM   1010 C CA  . VAL A 1 156 ? -6.612  -17.261 6.506   1.00 21.07 ? 152 VAL A CA  1 
ATOM   1011 C C   . VAL A 1 156 ? -6.708  -18.464 5.579   1.00 25.28 ? 152 VAL A C   1 
ATOM   1012 O O   . VAL A 1 156 ? -7.589  -19.285 5.702   1.00 23.34 ? 152 VAL A O   1 
ATOM   1013 C CB  . VAL A 1 156 ? -7.162  -15.999 5.813   1.00 22.97 ? 152 VAL A CB  1 
ATOM   1014 C CG1 . VAL A 1 156 ? -8.554  -16.208 5.234   1.00 25.07 ? 152 VAL A CG1 1 
ATOM   1015 C CG2 . VAL A 1 156 ? -7.093  -14.737 6.738   1.00 25.45 ? 152 VAL A CG2 1 
ATOM   1016 N N   . ILE A 1 157 ? -5.782  -18.626 4.629   1.00 21.17 ? 153 ILE A N   1 
ATOM   1017 C CA  . ILE A 1 157 ? -5.826  -19.824 3.792   1.00 19.32 ? 153 ILE A CA  1 
ATOM   1018 C C   . ILE A 1 157 ? -5.784  -21.114 4.667   1.00 21.62 ? 153 ILE A C   1 
ATOM   1019 O O   . ILE A 1 157 ? -6.464  -22.106 4.386   1.00 26.00 ? 153 ILE A O   1 
ATOM   1020 C CB  . ILE A 1 157 ? -4.592  -19.783 2.797   1.00 19.50 ? 153 ILE A CB  1 
ATOM   1021 C CG1 . ILE A 1 157 ? -4.830  -18.624 1.715   1.00 18.72 ? 153 ILE A CG1 1 
ATOM   1022 C CG2 . ILE A 1 157 ? -4.459  -21.093 1.992   1.00 20.44 ? 153 ILE A CG2 1 
ATOM   1023 C CD1 . ILE A 1 157 ? -3.582  -18.320 0.824   1.00 19.37 ? 153 ILE A CD1 1 
ATOM   1024 N N   . ASP A 1 158 ? -4.871  -21.160 5.608   1.00 23.22 ? 154 ASP A N   1 
ATOM   1025 C CA  . ASP A 1 158 ? -4.781  -22.352 6.490   1.00 26.65 ? 154 ASP A CA  1 
ATOM   1026 C C   . ASP A 1 158 ? -6.099  -22.560 7.283   1.00 28.72 ? 154 ASP A C   1 
ATOM   1027 O O   . ASP A 1 158 ? -6.520  -23.691 7.441   1.00 30.96 ? 154 ASP A O   1 
ATOM   1028 C CB  . ASP A 1 158 ? -3.702  -22.111 7.528   1.00 27.58 ? 154 ASP A CB  1 
ATOM   1029 C CG  . ASP A 1 158 ? -2.291  -22.394 6.978   1.00 36.10 ? 154 ASP A CG  1 
ATOM   1030 O OD1 . ASP A 1 158 ? -2.152  -23.262 6.051   1.00 38.28 ? 154 ASP A OD1 1 
ATOM   1031 O OD2 . ASP A 1 158 ? -1.345  -21.712 7.471   1.00 42.87 ? 154 ASP A OD2 1 
ATOM   1032 N N   . ALA A 1 159 ? -6.633  -21.493 7.854   1.00 29.66 ? 155 ALA A N   1 
ATOM   1033 C CA  . ALA A 1 159 ? -7.976  -21.604 8.532   1.00 34.65 ? 155 ALA A CA  1 
ATOM   1034 C C   . ALA A 1 159 ? -8.993  -22.186 7.544   1.00 35.41 ? 155 ALA A C   1 
ATOM   1035 O O   . ALA A 1 159 ? -9.704  -23.113 7.892   1.00 30.16 ? 155 ALA A O   1 
ATOM   1036 C CB  . ALA A 1 159 ? -8.438  -20.265 9.103   1.00 32.35 ? 155 ALA A CB  1 
ATOM   1037 N N   . GLU A 1 160 ? -9.004  -21.727 6.276   1.00 28.75 ? 156 GLU A N   1 
ATOM   1038 C CA  . GLU A 1 160 ? -9.873  -22.280 5.263   1.00 27.17 ? 156 GLU A CA  1 
ATOM   1039 C C   . GLU A 1 160 ? -9.607  -23.732 4.945   1.00 31.36 ? 156 GLU A C   1 
ATOM   1040 O O   . GLU A 1 160 ? -10.541 -24.494 4.646   1.00 35.93 ? 156 GLU A O   1 
ATOM   1041 C CB  . GLU A 1 160 ? -9.854  -21.473 3.919   1.00 29.20 ? 156 GLU A CB  1 
ATOM   1042 C CG  . GLU A 1 160 ? -10.397 -20.065 3.981   1.00 30.74 ? 156 GLU A CG  1 
ATOM   1043 C CD  . GLU A 1 160 ? -11.909 -20.081 4.080   1.00 35.57 ? 156 GLU A CD  1 
ATOM   1044 O OE1 . GLU A 1 160 ? -12.596 -19.873 3.063   1.00 28.25 ? 156 GLU A OE1 1 
ATOM   1045 O OE2 . GLU A 1 160 ? -12.396 -20.447 5.169   1.00 38.21 ? 156 GLU A OE2 1 
ATOM   1046 N N   . ARG A 1 161 ? -8.339  -24.130 4.973   1.00 25.09 ? 157 ARG A N   1 
ATOM   1047 C CA  . ARG A 1 161 ? -8.080  -25.559 4.642   1.00 25.26 ? 157 ARG A CA  1 
ATOM   1048 C C   . ARG A 1 161 ? -8.507  -26.413 5.940   1.00 26.11 ? 157 ARG A C   1 
ATOM   1049 O O   . ARG A 1 161 ? -8.934  -27.520 5.797   1.00 31.52 ? 157 ARG A O   1 
ATOM   1050 C CB  . ARG A 1 161 ? -6.594  -25.732 4.407   1.00 25.53 ? 157 ARG A CB  1 
ATOM   1051 C CG  . ARG A 1 161 ? -6.203  -25.155 3.006   1.00 22.06 ? 157 ARG A CG  1 
ATOM   1052 C CD  . ARG A 1 161 ? -4.649  -25.102 2.890   1.00 20.76 ? 157 ARG A CD  1 
ATOM   1053 N NE  . ARG A 1 161 ? -4.316  -24.598 1.551   1.00 21.42 ? 157 ARG A NE  1 
ATOM   1054 C CZ  . ARG A 1 161 ? -3.102  -24.616 1.046   1.00 22.50 ? 157 ARG A CZ  1 
ATOM   1055 N NH1 . ARG A 1 161 ? -2.129  -25.122 1.814   1.00 23.06 ? 157 ARG A NH1 1 
ATOM   1056 N NH2 . ARG A 1 161 ? -2.918  -24.168 -0.222  1.00 22.36 ? 157 ARG A NH2 1 
ATOM   1057 N N   . ASP A 1 162 ? -8.237  -25.921 7.131   1.00 31.65 ? 158 ASP A N   1 
ATOM   1058 C CA  . ASP A 1 162 ? -8.675  -26.628 8.372   1.00 39.28 ? 158 ASP A CA  1 
ATOM   1059 C C   . ASP A 1 162 ? -10.188 -26.885 8.394   1.00 47.40 ? 158 ASP A C   1 
ATOM   1060 O O   . ASP A 1 162 ? -10.637 -27.984 8.744   1.00 50.59 ? 158 ASP A O   1 
ATOM   1061 C CB  . ASP A 1 162 ? -8.287  -25.842 9.611   1.00 41.17 ? 158 ASP A CB  1 
ATOM   1062 C CG  . ASP A 1 162 ? -6.807  -25.836 9.820   1.00 50.25 ? 158 ASP A CG  1 
ATOM   1063 O OD1 . ASP A 1 162 ? -6.118  -26.593 9.089   1.00 62.55 ? 158 ASP A OD1 1 
ATOM   1064 O OD2 . ASP A 1 162 ? -6.329  -25.088 10.699  1.00 56.39 ? 158 ASP A OD2 1 
ATOM   1065 N N   . ARG A 1 163 ? -10.952 -25.870 8.014   1.00 40.41 ? 159 ARG A N   1 
ATOM   1066 C CA  . ARG A 1 163 ? -12.394 -25.961 7.839   1.00 47.03 ? 159 ARG A CA  1 
ATOM   1067 C C   . ARG A 1 163 ? -12.855 -26.886 6.742   1.00 40.95 ? 159 ARG A C   1 
ATOM   1068 O O   . ARG A 1 163 ? -14.017 -27.207 6.653   1.00 45.64 ? 159 ARG A O   1 
ATOM   1069 C CB  . ARG A 1 163 ? -12.951 -24.567 7.561   1.00 43.62 ? 159 ARG A CB  1 
ATOM   1070 C CG  . ARG A 1 163 ? -14.370 -24.395 8.054   1.00 67.18 ? 159 ARG A CG  1 
ATOM   1071 C CD  . ARG A 1 163 ? -14.897 -23.009 7.724   1.00 67.44 ? 159 ARG A CD  1 
ATOM   1072 N NE  . ARG A 1 163 ? -13.827 -22.053 7.415   1.00 61.78 ? 159 ARG A NE  1 
ATOM   1073 C CZ  . ARG A 1 163 ? -12.964 -21.540 8.301   1.00 71.15 ? 159 ARG A CZ  1 
ATOM   1074 N NH1 . ARG A 1 163 ? -13.006 -21.924 9.572   1.00 70.26 ? 159 ARG A NH1 1 
ATOM   1075 N NH2 . ARG A 1 163 ? -12.030 -20.653 7.908   1.00 66.85 ? 159 ARG A NH2 1 
ATOM   1076 N N   . GLY A 1 164 ? -11.982 -27.295 5.851   1.00 39.77 ? 160 GLY A N   1 
ATOM   1077 C CA  . GLY A 1 164 ? -12.388 -28.128 4.746   1.00 31.86 ? 160 GLY A CA  1 
ATOM   1078 C C   . GLY A 1 164 ? -13.003 -27.327 3.617   1.00 38.28 ? 160 GLY A C   1 
ATOM   1079 O O   . GLY A 1 164 ? -13.539 -27.902 2.679   1.00 37.64 ? 160 GLY A O   1 
ATOM   1080 N N   . ALA A 1 165 ? -12.912 -25.993 3.689   1.00 33.34 ? 161 ALA A N   1 
ATOM   1081 C CA  . ALA A 1 165 ? -13.394 -25.067 2.613   1.00 31.62 ? 161 ALA A CA  1 
ATOM   1082 C C   . ALA A 1 165 ? -12.389 -24.898 1.409   1.00 31.54 ? 161 ALA A C   1 
ATOM   1083 O O   . ALA A 1 165 ? -12.763 -24.659 0.275   1.00 34.08 ? 161 ALA A O   1 
ATOM   1084 C CB  . ALA A 1 165 ? -13.682 -23.726 3.285   1.00 37.01 ? 161 ALA A CB  1 
ATOM   1085 N N   . ALA A 1 166 ? -11.101 -25.111 1.650   1.00 33.96 ? 162 ALA A N   1 
ATOM   1086 C CA  . ALA A 1 166 ? -10.081 -24.989 0.571   1.00 27.20 ? 162 ALA A CA  1 
ATOM   1087 C C   . ALA A 1 166 ? -9.193  -26.260 0.502   1.00 25.80 ? 162 ALA A C   1 
ATOM   1088 O O   . ALA A 1 166 ? -8.929  -26.839 1.543   1.00 27.61 ? 162 ALA A O   1 
ATOM   1089 C CB  . ALA A 1 166 ? -9.179  -23.821 0.898   1.00 25.56 ? 162 ALA A CB  1 
ATOM   1090 N N   . PRO A 1 167 ? -8.750  -26.664 -0.686  1.00 31.04 ? 163 PRO A N   1 
ATOM   1091 C CA  . PRO A 1 167 ? -7.949  -27.903 -0.790  1.00 31.26 ? 163 PRO A CA  1 
ATOM   1092 C C   . PRO A 1 167 ? -6.516  -27.666 -0.400  1.00 31.73 ? 163 PRO A C   1 
ATOM   1093 O O   . PRO A 1 167 ? -5.986  -26.545 -0.523  1.00 27.22 ? 163 PRO A O   1 
ATOM   1094 C CB  . PRO A 1 167 ? -8.036  -28.282 -2.282  1.00 28.34 ? 163 PRO A CB  1 
ATOM   1095 C CG  . PRO A 1 167 ? -8.205  -26.930 -2.943  1.00 31.19 ? 163 PRO A CG  1 
ATOM   1096 C CD  . PRO A 1 167 ? -9.032  -26.087 -2.018  1.00 29.88 ? 163 PRO A CD  1 
ATOM   1097 N N   . ARG A 1 168 ? -5.875  -28.716 0.075   1.00 25.93 ? 164 ARG A N   1 
ATOM   1098 C CA  . ARG A 1 168 ? -4.434  -28.606 0.398   1.00 31.26 ? 164 ARG A CA  1 
ATOM   1099 C C   . ARG A 1 168 ? -3.541  -28.780 -0.792  1.00 28.76 ? 164 ARG A C   1 
ATOM   1100 O O   . ARG A 1 168 ? -3.194  -29.926 -1.189  1.00 29.85 ? 164 ARG A O   1 
ATOM   1101 C CB  . ARG A 1 168 ? -4.124  -29.652 1.437   1.00 38.57 ? 164 ARG A CB  1 
ATOM   1102 C CG  . ARG A 1 168 ? -3.460  -29.038 2.600   1.00 48.67 ? 164 ARG A CG  1 
ATOM   1103 C CD  . ARG A 1 168 ? -1.962  -29.284 2.493   1.00 61.83 ? 164 ARG A CD  1 
ATOM   1104 N NE  . ARG A 1 168 ? -1.585  -29.954 3.723   1.00 64.36 ? 164 ARG A NE  1 
ATOM   1105 C CZ  . ARG A 1 168 ? -0.366  -30.332 4.078   1.00 68.10 ? 164 ARG A CZ  1 
ATOM   1106 N NH1 . ARG A 1 168 ? 0.696   -30.103 3.318   1.00 67.77 ? 164 ARG A NH1 1 
ATOM   1107 N NH2 . ARG A 1 168 ? -0.227  -30.917 5.244   1.00 57.03 ? 164 ARG A NH2 1 
ATOM   1108 N N   . THR A 1 169 ? -3.138  -27.666 -1.417  1.00 26.21 ? 165 THR A N   1 
ATOM   1109 C CA  . THR A 1 169 ? -2.440  -27.702 -2.699  1.00 23.82 ? 165 THR A CA  1 
ATOM   1110 C C   . THR A 1 169 ? -1.010  -27.174 -2.403  1.00 29.52 ? 165 THR A C   1 
ATOM   1111 O O   . THR A 1 169 ? -0.226  -27.767 -1.663  1.00 30.35 ? 165 THR A O   1 
ATOM   1112 C CB  . THR A 1 169 ? -3.210  -26.846 -3.773  1.00 26.60 ? 165 THR A CB  1 
ATOM   1113 O OG1 . THR A 1 169 ? -3.486  -25.495 -3.241  1.00 24.51 ? 165 THR A OG1 1 
ATOM   1114 C CG2 . THR A 1 169 ? -4.544  -27.527 -4.211  1.00 25.99 ? 165 THR A CG2 1 
ATOM   1115 N N   . LEU A 1 170 ? -0.703  -25.969 -2.824  1.00 25.88 ? 166 LEU A N   1 
ATOM   1116 C CA  . LEU A 1 170 ? 0.588   -25.396 -2.502  1.00 24.82 ? 166 LEU A CA  1 
ATOM   1117 C C   . LEU A 1 170 ? 0.679   -25.101 -0.984  1.00 24.31 ? 166 LEU A C   1 
ATOM   1118 O O   . LEU A 1 170 ? -0.346  -24.815 -0.365  1.00 24.88 ? 166 LEU A O   1 
ATOM   1119 C CB  . LEU A 1 170 ? 0.684   -24.015 -3.158  1.00 23.43 ? 166 LEU A CB  1 
ATOM   1120 C CG  . LEU A 1 170 ? 0.868   -23.907 -4.653  1.00 29.45 ? 166 LEU A CG  1 
ATOM   1121 C CD1 . LEU A 1 170 ? 1.014   -22.374 -4.957  1.00 23.09 ? 166 LEU A CD1 1 
ATOM   1122 C CD2 . LEU A 1 170 ? 2.117   -24.695 -5.107  1.00 28.69 ? 166 LEU A CD2 1 
ATOM   1123 N N   . PRO A 1 171 ? 1.909   -25.045 -0.434  1.00 22.56 ? 167 PRO A N   1 
ATOM   1124 C CA  . PRO A 1 171 ? 2.168   -24.434 0.902   1.00 23.23 ? 167 PRO A CA  1 
ATOM   1125 C C   . PRO A 1 171 ? 1.569   -23.046 0.964   1.00 24.70 ? 167 PRO A C   1 
ATOM   1126 O O   . PRO A 1 171 ? 1.743   -22.224 0.029   1.00 22.82 ? 167 PRO A O   1 
ATOM   1127 C CB  . PRO A 1 171 ? 3.687   -24.353 0.999   1.00 22.59 ? 167 PRO A CB  1 
ATOM   1128 C CG  . PRO A 1 171 ? 4.197   -25.443 0.022   1.00 24.55 ? 167 PRO A CG  1 
ATOM   1129 C CD  . PRO A 1 171 ? 3.194   -25.378 -1.123  1.00 22.01 ? 167 PRO A CD  1 
ATOM   1130 N N   . ALA A 1 172 ? 0.814   -22.825 2.042   1.00 21.86 ? 168 ALA A N   1 
ATOM   1131 C CA  . ALA A 1 172 ? -0.080  -21.673 2.131   1.00 22.50 ? 168 ALA A CA  1 
ATOM   1132 C C   . ALA A 1 172 ? 0.778   -20.406 2.104   1.00 19.66 ? 168 ALA A C   1 
ATOM   1133 O O   . ALA A 1 172 ? 0.360   -19.370 1.537   1.00 20.97 ? 168 ALA A O   1 
ATOM   1134 C CB  . ALA A 1 172 ? -0.940  -21.758 3.424   1.00 22.45 ? 168 ALA A CB  1 
ATOM   1135 N N   . HIS A 1 173 ? 1.984   -20.453 2.680   1.00 17.81 ? 169 HIS A N   1 
ATOM   1136 C CA  . HIS A 1 173 ? 2.792   -19.226 2.840   1.00 19.03 ? 169 HIS A CA  1 
ATOM   1137 C C   . HIS A 1 173 ? 3.435   -18.856 1.483   1.00 19.55 ? 169 HIS A C   1 
ATOM   1138 O O   . HIS A 1 173 ? 3.507   -17.672 1.129   1.00 18.38 ? 169 HIS A O   1 
ATOM   1139 C CB  . HIS A 1 173 ? 3.865   -19.424 3.900   1.00 21.29 ? 169 HIS A CB  1 
ATOM   1140 C CG  . HIS A 1 173 ? 4.493   -18.112 4.404   1.00 20.15 ? 169 HIS A CG  1 
ATOM   1141 N ND1 . HIS A 1 173 ? 5.552   -17.529 3.804   1.00 23.26 ? 169 HIS A ND1 1 
ATOM   1142 C CD2 . HIS A 1 173 ? 4.017   -17.193 5.357   1.00 23.43 ? 169 HIS A CD2 1 
ATOM   1143 C CE1 . HIS A 1 173 ? 5.836   -16.352 4.422   1.00 25.10 ? 169 HIS A CE1 1 
ATOM   1144 N NE2 . HIS A 1 173 ? 4.885   -16.159 5.395   1.00 24.70 ? 169 HIS A NE2 1 
ATOM   1145 N N   . GLU A 1 174 ? 3.740   -19.865 0.662   1.00 18.07 ? 170 GLU A N   1 
ATOM   1146 C CA  . GLU A 1 174 ? 4.260   -19.596 -0.671  1.00 18.77 ? 170 GLU A CA  1 
ATOM   1147 C C   . GLU A 1 174 ? 3.185   -19.034 -1.590  1.00 16.82 ? 170 GLU A C   1 
ATOM   1148 O O   . GLU A 1 174 ? 3.453   -18.062 -2.342  1.00 14.82 ? 170 GLU A O   1 
ATOM   1149 C CB  . GLU A 1 174 ? 4.886   -20.887 -1.294  1.00 22.49 ? 170 GLU A CB  1 
ATOM   1150 C CG  . GLU A 1 174 ? 6.155   -21.259 -0.471  1.00 30.39 ? 170 GLU A CG  1 
ATOM   1151 C CD  . GLU A 1 174 ? 6.719   -22.657 -0.789  1.00 35.19 ? 170 GLU A CD  1 
ATOM   1152 O OE1 . GLU A 1 174 ? 6.231   -23.283 -1.771  1.00 27.81 ? 170 GLU A OE1 1 
ATOM   1153 O OE2 . GLU A 1 174 ? 7.630   -23.126 -0.016  1.00 38.83 ? 170 GLU A OE2 1 
ATOM   1154 N N   . LEU A 1 175 ? 2.020   -19.668 -1.535  1.00 16.08 ? 171 LEU A N   1 
ATOM   1155 C CA  . LEU A 1 175 ? 0.860   -19.148 -2.309  1.00 17.26 ? 171 LEU A CA  1 
ATOM   1156 C C   . LEU A 1 175 ? 0.580   -17.673 -1.889  1.00 16.54 ? 171 LEU A C   1 
ATOM   1157 O O   . LEU A 1 175 ? 0.349   -16.820 -2.743  1.00 15.24 ? 171 LEU A O   1 
ATOM   1158 C CB  . LEU A 1 175 ? -0.397  -20.043 -2.051  1.00 15.98 ? 171 LEU A CB  1 
ATOM   1159 C CG  . LEU A 1 175 ? -1.707  -19.583 -2.703  1.00 16.01 ? 171 LEU A CG  1 
ATOM   1160 C CD1 . LEU A 1 175 ? -1.501  -19.370 -4.228  1.00 17.80 ? 171 LEU A CD1 1 
ATOM   1161 C CD2 . LEU A 1 175 ? -2.790  -20.700 -2.473  1.00 18.53 ? 171 LEU A CD2 1 
ATOM   1162 N N   . ALA A 1 176 ? 0.510   -17.440 -0.599  1.00 15.66 ? 172 ALA A N   1 
ATOM   1163 C CA  . ALA A 1 176 ? 0.260   -16.030 -0.091  1.00 18.60 ? 172 ALA A CA  1 
ATOM   1164 C C   . ALA A 1 176 ? 1.313   -15.037 -0.573  1.00 18.96 ? 172 ALA A C   1 
ATOM   1165 O O   . ALA A 1 176 ? 0.982   -13.947 -0.929  1.00 16.11 ? 172 ALA A O   1 
ATOM   1166 C CB  . ALA A 1 176 ? 0.179   -16.002 1.403   1.00 16.90 ? 172 ALA A CB  1 
ATOM   1167 N N   . THR A 1 177 ? 2.568   -15.457 -0.617  1.00 16.24 ? 173 THR A N   1 
ATOM   1168 C CA  . THR A 1 177 ? 3.614   -14.583 -1.016  1.00 16.78 ? 173 THR A CA  1 
ATOM   1169 C C   . THR A 1 177 ? 3.360   -14.191 -2.501  1.00 16.25 ? 173 THR A C   1 
ATOM   1170 O O   . THR A 1 177 ? 3.467   -12.990 -2.832  1.00 16.17 ? 173 THR A O   1 
ATOM   1171 C CB  . THR A 1 177 ? 5.019   -15.272 -0.859  1.00 19.35 ? 173 THR A CB  1 
ATOM   1172 O OG1 . THR A 1 177 ? 5.243   -15.561 0.524   1.00 19.58 ? 173 THR A OG1 1 
ATOM   1173 C CG2 . THR A 1 177 ? 6.186   -14.281 -1.269  1.00 18.94 ? 173 THR A CG2 1 
ATOM   1174 N N   . ALA A 1 178 ? 3.210   -15.159 -3.381  1.00 14.90 ? 174 ALA A N   1 
ATOM   1175 C CA  . ALA A 1 178 ? 3.000   -14.832 -4.812  1.00 15.22 ? 174 ALA A CA  1 
ATOM   1176 C C   . ALA A 1 178 ? 1.737   -13.943 -5.021  1.00 15.32 ? 174 ALA A C   1 
ATOM   1177 O O   . ALA A 1 178 ? 1.745   -13.051 -5.890  1.00 15.29 ? 174 ALA A O   1 
ATOM   1178 C CB  . ALA A 1 178 ? 2.887   -16.128 -5.662  1.00 15.37 ? 174 ALA A CB  1 
ATOM   1179 N N   . LEU A 1 179 ? 0.631   -14.257 -4.334  1.00 13.62 ? 175 LEU A N   1 
ATOM   1180 C CA  . LEU A 1 179 ? -0.585  -13.477 -4.511  1.00 12.69 ? 175 LEU A CA  1 
ATOM   1181 C C   . LEU A 1 179 ? -0.345  -12.014 -4.034  1.00 13.83 ? 175 LEU A C   1 
ATOM   1182 O O   . LEU A 1 179 ? -0.821  -11.074 -4.650  1.00 14.49 ? 175 LEU A O   1 
ATOM   1183 C CB  . LEU A 1 179 ? -1.767  -14.118 -3.716  1.00 13.06 ? 175 LEU A CB  1 
ATOM   1184 C CG  . LEU A 1 179 ? -2.249  -15.480 -4.434  1.00 14.78 ? 175 LEU A CG  1 
ATOM   1185 C CD1 . LEU A 1 179 ? -3.328  -16.122 -3.514  1.00 15.80 ? 175 LEU A CD1 1 
ATOM   1186 C CD2 . LEU A 1 179 ? -2.709  -15.295 -5.906  1.00 17.66 ? 175 LEU A CD2 1 
ATOM   1187 N N   . ASN A 1 180 ? 0.302   -11.850 -2.896  1.00 14.21 ? 176 ASN A N   1 
ATOM   1188 C CA  . ASN A 1 180 ? 0.579   -10.487 -2.472  1.00 14.30 ? 176 ASN A CA  1 
ATOM   1189 C C   . ASN A 1 180 ? 1.524   -9.713  -3.429  1.00 16.73 ? 176 ASN A C   1 
ATOM   1190 O O   . ASN A 1 180 ? 1.370   -8.472  -3.608  1.00 16.27 ? 176 ASN A O   1 
ATOM   1191 C CB  . ASN A 1 180 ? 1.199   -10.549 -1.000  1.00 14.92 ? 176 ASN A CB  1 
ATOM   1192 C CG  . ASN A 1 180 ? 0.106   -10.613 0.075   1.00 16.57 ? 176 ASN A CG  1 
ATOM   1193 O OD1 . ASN A 1 180 ? -0.212  -9.548  0.630   1.00 23.92 ? 176 ASN A OD1 1 
ATOM   1194 N ND2 . ASN A 1 180 ? -0.443  -11.777 0.380   1.00 16.53 ? 176 ASN A ND2 1 
ATOM   1195 N N   . LEU A 1 181 ? 2.553   -10.419 -3.980  1.00 14.25 ? 177 LEU A N   1 
ATOM   1196 C CA  . LEU A 1 181 ? 3.440   -9.779  -4.928  1.00 13.56 ? 177 LEU A CA  1 
ATOM   1197 C C   . LEU A 1 181 ? 2.694   -9.421  -6.179  1.00 14.12 ? 177 LEU A C   1 
ATOM   1198 O O   . LEU A 1 181 ? 2.886   -8.367  -6.736  1.00 15.20 ? 177 LEU A O   1 
ATOM   1199 C CB  . LEU A 1 181 ? 4.665   -10.656 -5.239  1.00 13.22 ? 177 LEU A CB  1 
ATOM   1200 C CG  . LEU A 1 181 ? 5.700   -10.727 -4.082  1.00 14.21 ? 177 LEU A CG  1 
ATOM   1201 C CD1 . LEU A 1 181 ? 6.641   -11.891 -4.370  1.00 19.28 ? 177 LEU A CD1 1 
ATOM   1202 C CD2 . LEU A 1 181 ? 6.425   -9.427  -3.868  1.00 17.34 ? 177 LEU A CD2 1 
ATOM   1203 N N   . MET A 1 182 ? 1.805   -10.330 -6.622  1.00 15.22 ? 178 MET A N   1 
ATOM   1204 C CA  . MET A 1 182 ? 0.985   -10.036 -7.774  1.00 14.89 ? 178 MET A CA  1 
ATOM   1205 C C   . MET A 1 182 ? 0.201   -8.746  -7.508  1.00 15.99 ? 178 MET A C   1 
ATOM   1206 O O   . MET A 1 182 ? 0.188   -7.848  -8.364  1.00 14.46 ? 178 MET A O   1 
ATOM   1207 C CB  . MET A 1 182 ? -0.011  -11.149 -8.066  1.00 14.76 ? 178 MET A CB  1 
ATOM   1208 C CG  . MET A 1 182 ? -1.010  -10.703 -9.151  1.00 16.96 ? 178 MET A CG  1 
ATOM   1209 S SD  . MET A 1 182 ? -2.218  -11.997 -9.604  1.00 20.87 ? 178 MET A SD  1 
ATOM   1210 C CE  . MET A 1 182 ? -3.226  -12.084 -8.101  1.00 16.76 ? 178 MET A CE  1 
ATOM   1211 N N   . ASN A 1 183 ? -0.479  -8.665  -6.355  1.00 15.87 ? 179 ASN A N   1 
ATOM   1212 C CA  . ASN A 1 183 ? -1.261  -7.441  -6.083  1.00 18.95 ? 179 ASN A CA  1 
ATOM   1213 C C   . ASN A 1 183 ? -0.440  -6.201  -6.032  1.00 15.31 ? 179 ASN A C   1 
ATOM   1214 O O   . ASN A 1 183 ? -0.825  -5.137  -6.596  1.00 16.78 ? 179 ASN A O   1 
ATOM   1215 C CB  . ASN A 1 183 ? -2.059  -7.529  -4.766  1.00 17.39 ? 179 ASN A CB  1 
ATOM   1216 C CG  . ASN A 1 183 ? -3.232  -8.384  -4.903  1.00 20.72 ? 179 ASN A CG  1 
ATOM   1217 O OD1 . ASN A 1 183 ? -3.274  -9.254  -5.819  1.00 18.33 ? 179 ASN A OD1 1 
ATOM   1218 N ND2 . ASN A 1 183 ? -4.178  -8.284  -3.933  1.00 20.17 ? 179 ASN A ND2 1 
ATOM   1219 N N   . GLU A 1 184 ? 0.717   -6.282  -5.389  1.00 16.96 ? 180 GLU A N   1 
ATOM   1220 C CA  . GLU A 1 184 ? 1.612   -5.062  -5.302  1.00 17.38 ? 180 GLU A CA  1 
ATOM   1221 C C   . GLU A 1 184 ? 1.923   -4.573  -6.725  1.00 17.85 ? 180 GLU A C   1 
ATOM   1222 O O   . GLU A 1 184 ? 1.712   -3.380  -7.057  1.00 17.15 ? 180 GLU A O   1 
ATOM   1223 C CB  . GLU A 1 184 ? 2.947   -5.402  -4.573  1.00 19.37 ? 180 GLU A CB  1 
ATOM   1224 C CG  . GLU A 1 184 ? 3.932   -4.223  -4.576  1.00 23.82 ? 180 GLU A CG  1 
ATOM   1225 C CD  . GLU A 1 184 ? 5.409   -4.649  -4.299  1.00 33.41 ? 180 GLU A CD  1 
ATOM   1226 O OE1 . GLU A 1 184 ? 5.669   -5.417  -3.428  1.00 37.00 ? 180 GLU A OE1 1 
ATOM   1227 O OE2 . GLU A 1 184 ? 6.337   -4.275  -5.006  1.00 45.25 ? 180 GLU A OE2 1 
ATOM   1228 N N   . ARG A 1 185 ? 2.347   -5.506  -7.603  1.00 14.98 ? 181 ARG A N   1 
ATOM   1229 C CA  . ARG A 1 185 ? 2.788   -5.120  -8.954  1.00 15.77 ? 181 ARG A CA  1 
ATOM   1230 C C   . ARG A 1 185 ? 1.630   -4.678  -9.827  1.00 14.52 ? 181 ARG A C   1 
ATOM   1231 O O   . ARG A 1 185 ? 1.716   -3.649  -10.596 1.00 16.32 ? 181 ARG A O   1 
ATOM   1232 C CB  . ARG A 1 185 ? 3.520   -6.366  -9.632  1.00 13.26 ? 181 ARG A CB  1 
ATOM   1233 C CG  . ARG A 1 185 ? 4.035   -6.045  -11.040 1.00 15.40 ? 181 ARG A CG  1 
ATOM   1234 C CD  . ARG A 1 185 ? 5.209   -5.038  -10.957 1.00 18.81 ? 181 ARG A CD  1 
ATOM   1235 N NE  . ARG A 1 185 ? 5.647   -4.740  -12.297 1.00 21.78 ? 181 ARG A NE  1 
ATOM   1236 C CZ  . ARG A 1 185 ? 5.221   -3.726  -13.041 1.00 25.78 ? 181 ARG A CZ  1 
ATOM   1237 N NH1 . ARG A 1 185 ? 4.274   -2.930  -12.569 1.00 24.54 ? 181 ARG A NH1 1 
ATOM   1238 N NH2 . ARG A 1 185 ? 5.698   -3.593  -14.294 1.00 24.96 ? 181 ARG A NH2 1 
ATOM   1239 N N   . THR A 1 186 ? 0.475   -5.366  -9.655  1.00 15.12 ? 182 THR A N   1 
ATOM   1240 C CA  . THR A 1 186 ? -0.659  -5.167  -10.625 1.00 16.61 ? 182 THR A CA  1 
ATOM   1241 C C   . THR A 1 186 ? -1.440  -3.894  -10.215 1.00 18.38 ? 182 THR A C   1 
ATOM   1242 O O   . THR A 1 186 ? -1.769  -3.093  -11.063 1.00 17.01 ? 182 THR A O   1 
ATOM   1243 C CB  . THR A 1 186 ? -1.545  -6.447  -10.673 1.00 19.50 ? 182 THR A CB  1 
ATOM   1244 O OG1 . THR A 1 186 ? -0.707  -7.576  -11.063 1.00 17.67 ? 182 THR A OG1 1 
ATOM   1245 C CG2 . THR A 1 186 ? -2.687  -6.361  -11.738 1.00 19.09 ? 182 THR A CG2 1 
ATOM   1246 N N   . LEU A 1 187 ? -1.703  -3.735  -8.908  1.00 16.74 ? 183 LEU A N   1 
ATOM   1247 C CA  . LEU A 1 187 ? -2.379  -2.498  -8.400  1.00 18.72 ? 183 LEU A CA  1 
ATOM   1248 C C   . LEU A 1 187 ? -1.542  -1.351  -8.804  1.00 18.26 ? 183 LEU A C   1 
ATOM   1249 O O   . LEU A 1 187 ? -2.062  -0.370  -9.375  1.00 19.72 ? 183 LEU A O   1 
ATOM   1250 C CB  . LEU A 1 187 ? -2.569  -2.539  -6.900  1.00 17.94 ? 183 LEU A CB  1 
ATOM   1251 C CG  . LEU A 1 187 ? -3.718  -3.503  -6.519  1.00 19.09 ? 183 LEU A CG  1 
ATOM   1252 C CD1 . LEU A 1 187 ? -3.753  -3.649  -4.983  1.00 20.32 ? 183 LEU A CD1 1 
ATOM   1253 C CD2 . LEU A 1 187 ? -5.119  -3.243  -7.151  1.00 19.29 ? 183 LEU A CD2 1 
ATOM   1254 N N   . PHE A 1 188 ? -0.244  -1.491  -8.637  1.00 18.09 ? 184 PHE A N   1 
ATOM   1255 C CA  . PHE A 1 188 ? 0.649   -0.354  -8.905  1.00 20.64 ? 184 PHE A CA  1 
ATOM   1256 C C   . PHE A 1 188 ? 0.664   0.042   -10.439 1.00 19.10 ? 184 PHE A C   1 
ATOM   1257 O O   . PHE A 1 188 ? 0.506   1.233   -10.828 1.00 19.15 ? 184 PHE A O   1 
ATOM   1258 C CB  . PHE A 1 188 ? 2.061   -0.661  -8.380  1.00 21.60 ? 184 PHE A CB  1 
ATOM   1259 C CG  . PHE A 1 188 ? 3.041   0.461   -8.638  1.00 24.80 ? 184 PHE A CG  1 
ATOM   1260 C CD1 . PHE A 1 188 ? 3.277   1.430   -7.604  1.00 30.14 ? 184 PHE A CD1 1 
ATOM   1261 C CD2 . PHE A 1 188 ? 3.668   0.634   -9.877  1.00 28.03 ? 184 PHE A CD2 1 
ATOM   1262 C CE1 . PHE A 1 188 ? 4.147   2.500   -7.821  1.00 27.08 ? 184 PHE A CE1 1 
ATOM   1263 C CE2 . PHE A 1 188 ? 4.507   1.753   -10.112 1.00 30.76 ? 184 PHE A CE2 1 
ATOM   1264 C CZ  . PHE A 1 188 ? 4.768   2.669   -9.073  1.00 25.70 ? 184 PHE A CZ  1 
ATOM   1265 N N   . ALA A 1 189 ? 0.762   -0.947  -11.307 1.00 18.94 ? 185 ALA A N   1 
ATOM   1266 C CA  . ALA A 1 189 ? 0.680   -0.695  -12.772 1.00 19.23 ? 185 ALA A CA  1 
ATOM   1267 C C   . ALA A 1 189 ? -0.608  0.023   -13.108 1.00 17.09 ? 185 ALA A C   1 
ATOM   1268 O O   . ALA A 1 189 ? -0.601  0.971   -13.951 1.00 19.97 ? 185 ALA A O   1 
ATOM   1269 C CB  . ALA A 1 189 ? 0.697   -2.024  -13.564 1.00 19.41 ? 185 ALA A CB  1 
ATOM   1270 N N   . SER A 1 190 ? -1.707  -0.365  -12.465 1.00 16.15 ? 186 SER A N   1 
ATOM   1271 C CA  . SER A 1 190 ? -2.994  0.154   -12.867 1.00 18.90 ? 186 SER A CA  1 
ATOM   1272 C C   . SER A 1 190 ? -3.031  1.613   -12.369 1.00 22.36 ? 186 SER A C   1 
ATOM   1273 O O   . SER A 1 190 ? -3.516  2.545   -13.130 1.00 23.23 ? 186 SER A O   1 
ATOM   1274 C CB  . SER A 1 190 ? -4.136  -0.581  -12.164 1.00 21.04 ? 186 SER A CB  1 
ATOM   1275 O OG  . SER A 1 190 ? -4.375  -1.867  -12.723 1.00 27.12 ? 186 SER A OG  1 
ATOM   1276 N N   . PHE A 1 191 ? -2.619  1.817   -11.101 1.00 19.76 ? 187 PHE A N   1 
ATOM   1277 C CA  . PHE A 1 191 ? -2.646  3.191   -10.559 1.00 21.70 ? 187 PHE A CA  1 
ATOM   1278 C C   . PHE A 1 191 ? -1.790  4.110   -11.413 1.00 30.29 ? 187 PHE A C   1 
ATOM   1279 O O   . PHE A 1 191 ? -2.139  5.303   -11.554 1.00 29.41 ? 187 PHE A O   1 
ATOM   1280 C CB  . PHE A 1 191 ? -2.096  3.261   -9.114  1.00 21.10 ? 187 PHE A CB  1 
ATOM   1281 C CG  . PHE A 1 191 ? -2.949  2.515   -8.100  1.00 23.04 ? 187 PHE A CG  1 
ATOM   1282 C CD1 . PHE A 1 191 ? -4.294  2.323   -8.279  1.00 22.64 ? 187 PHE A CD1 1 
ATOM   1283 C CD2 . PHE A 1 191 ? -2.359  2.061   -6.945  1.00 23.67 ? 187 PHE A CD2 1 
ATOM   1284 C CE1 . PHE A 1 191 ? -5.009  1.613   -7.312  1.00 25.57 ? 187 PHE A CE1 1 
ATOM   1285 C CE2 . PHE A 1 191 ? -3.066  1.423   -5.965  1.00 27.16 ? 187 PHE A CE2 1 
ATOM   1286 C CZ  . PHE A 1 191 ? -4.395  1.176   -6.156  1.00 25.83 ? 187 PHE A CZ  1 
ATOM   1287 N N   . ALA A 1 192 ? -0.614  3.621   -11.871 1.00 30.88 ? 188 ALA A N   1 
ATOM   1288 C CA  . ALA A 1 192 ? 0.291   4.410   -12.749 1.00 32.38 ? 188 ALA A CA  1 
ATOM   1289 C C   . ALA A 1 192 ? -0.220  4.527   -14.195 1.00 32.62 ? 188 ALA A C   1 
ATOM   1290 O O   . ALA A 1 192 ? 0.296   5.309   -14.935 1.00 42.34 ? 188 ALA A O   1 
ATOM   1291 C CB  . ALA A 1 192 ? 1.730   3.885   -12.684 1.00 37.59 ? 188 ALA A CB  1 
ATOM   1292 N N   . GLY A 1 193 ? -1.260  3.801   -14.590 1.00 30.14 ? 189 GLY A N   1 
ATOM   1293 C CA  . GLY A 1 193 ? -1.611  3.747   -16.007 1.00 31.46 ? 189 GLY A CA  1 
ATOM   1294 C C   . GLY A 1 193 ? -0.364  3.278   -16.775 1.00 39.63 ? 189 GLY A C   1 
ATOM   1295 O O   . GLY A 1 193 ? -0.084  3.807   -17.874 1.00 37.29 ? 189 GLY A O   1 
ATOM   1296 N N   . GLU A 1 194 ? 0.432   2.338   -16.212 1.00 27.53 ? 190 GLU A N   1 
ATOM   1297 C CA  . GLU A 1 194 ? 1.598   1.793   -17.016 1.00 25.25 ? 190 GLU A CA  1 
ATOM   1298 C C   . GLU A 1 194 ? 1.120   1.079   -18.262 1.00 25.09 ? 190 GLU A C   1 
ATOM   1299 O O   . GLU A 1 194 ? -0.008  0.645   -18.375 1.00 25.47 ? 190 GLU A O   1 
ATOM   1300 C CB  . GLU A 1 194 ? 2.468   0.807   -16.191 1.00 23.18 ? 190 GLU A CB  1 
ATOM   1301 C CG  . GLU A 1 194 ? 3.218   1.489   -15.088 1.00 30.36 ? 190 GLU A CG  1 
ATOM   1302 C CD  . GLU A 1 194 ? 4.013   0.481   -14.244 1.00 34.43 ? 190 GLU A CD  1 
ATOM   1303 O OE1 . GLU A 1 194 ? 3.904   -0.752  -14.552 1.00 31.15 ? 190 GLU A OE1 1 
ATOM   1304 O OE2 . GLU A 1 194 ? 4.784   0.928   -13.346 1.00 35.83 ? 190 GLU A OE2 1 
ATOM   1305 N N   . GLN A 1 195 ? 2.032   0.912   -19.231 1.00 25.62 ? 191 GLN A N   1 
ATOM   1306 C CA  . GLN A 1 195 ? 1.748   0.143   -20.413 1.00 28.87 ? 191 GLN A CA  1 
ATOM   1307 C C   . GLN A 1 195 ? 2.726   -1.020  -20.340 1.00 30.79 ? 191 GLN A C   1 
ATOM   1308 O O   . GLN A 1 195 ? 3.981   -0.826  -20.443 1.00 31.36 ? 191 GLN A O   1 
ATOM   1309 C CB  . GLN A 1 195 ? 2.013   1.013   -21.641 1.00 38.25 ? 191 GLN A CB  1 
ATOM   1310 C CG  . GLN A 1 195 ? 1.905   0.287   -22.959 1.00 49.52 ? 191 GLN A CG  1 
ATOM   1311 C CD  . GLN A 1 195 ? 0.485   0.319   -23.442 1.00 63.25 ? 191 GLN A CD  1 
ATOM   1312 O OE1 . GLN A 1 195 ? -0.385  -0.359  -22.872 1.00 64.90 ? 191 GLN A OE1 1 
ATOM   1313 N NE2 . GLN A 1 195 ? 0.219   1.149   -24.464 1.00 55.85 ? 191 GLN A NE2 1 
ATOM   1314 N N   . PRO A 1 196 ? 2.211   -2.239  -20.125 1.00 27.37 ? 192 PRO A N   1 
ATOM   1315 C CA  . PRO A 1 196 ? 0.817   -2.658  -19.997 1.00 23.86 ? 192 PRO A CA  1 
ATOM   1316 C C   . PRO A 1 196 ? 0.268   -2.556  -18.559 1.00 20.74 ? 192 PRO A C   1 
ATOM   1317 O O   . PRO A 1 196 ? 1.024   -2.620  -17.547 1.00 20.42 ? 192 PRO A O   1 
ATOM   1318 C CB  . PRO A 1 196 ? 0.903   -4.172  -20.358 1.00 28.35 ? 192 PRO A CB  1 
ATOM   1319 C CG  . PRO A 1 196 ? 2.150   -4.572  -19.637 1.00 31.45 ? 192 PRO A CG  1 
ATOM   1320 C CD  . PRO A 1 196 ? 3.142   -3.392  -19.965 1.00 29.99 ? 192 PRO A CD  1 
ATOM   1321 N N   . SER A 1 197 ? -1.066  -2.516  -18.443 1.00 21.87 ? 193 SER A N   1 
ATOM   1322 C CA  . SER A 1 197 ? -1.690  -2.577  -17.122 1.00 19.51 ? 193 SER A CA  1 
ATOM   1323 C C   . SER A 1 197 ? -3.146  -2.981  -17.299 1.00 23.97 ? 193 SER A C   1 
ATOM   1324 O O   . SER A 1 197 ? -3.664  -2.871  -18.368 1.00 20.70 ? 193 SER A O   1 
ATOM   1325 C CB  . SER A 1 197 ? -1.598  -1.229  -16.352 1.00 22.72 ? 193 SER A CB  1 
ATOM   1326 O OG  . SER A 1 197 ? -2.230  -0.186  -17.071 1.00 23.47 ? 193 SER A OG  1 
ATOM   1327 N N   . VAL A 1 198 ? -3.777  -3.494  -16.252 1.00 18.37 ? 194 VAL A N   1 
ATOM   1328 C CA  . VAL A 1 198 ? -5.221  -3.775  -16.254 1.00 18.79 ? 194 VAL A CA  1 
ATOM   1329 C C   . VAL A 1 198 ? -5.814  -2.410  -15.966 1.00 19.47 ? 194 VAL A C   1 
ATOM   1330 O O   . VAL A 1 198 ? -5.363  -1.750  -15.048 1.00 17.79 ? 194 VAL A O   1 
ATOM   1331 C CB  . VAL A 1 198 ? -5.576  -4.753  -15.124 1.00 18.88 ? 194 VAL A CB  1 
ATOM   1332 C CG1 . VAL A 1 198 ? -7.073  -5.005  -15.066 1.00 17.68 ? 194 VAL A CG1 1 
ATOM   1333 C CG2 . VAL A 1 198 ? -4.942  -6.111  -15.391 1.00 22.41 ? 194 VAL A CG2 1 
ATOM   1334 N N   . PRO A 1 199 ? -6.853  -1.982  -16.711 1.00 18.68 ? 195 PRO A N   1 
ATOM   1335 C CA  . PRO A 1 199 ? -7.488  -0.707  -16.297 1.00 21.80 ? 195 PRO A CA  1 
ATOM   1336 C C   . PRO A 1 199 ? -7.966  -0.682  -14.839 1.00 19.02 ? 195 PRO A C   1 
ATOM   1337 O O   . PRO A 1 199 ? -8.439  -1.724  -14.248 1.00 18.84 ? 195 PRO A O   1 
ATOM   1338 C CB  . PRO A 1 199 ? -8.722  -0.604  -17.208 1.00 21.68 ? 195 PRO A CB  1 
ATOM   1339 C CG  . PRO A 1 199 ? -8.424  -1.556  -18.375 1.00 26.20 ? 195 PRO A CG  1 
ATOM   1340 C CD  . PRO A 1 199 ? -7.615  -2.690  -17.779 1.00 21.12 ? 195 PRO A CD  1 
ATOM   1341 N N   . GLU A 1 200 ? -7.876  0.503   -14.238 1.00 16.84 ? 196 GLU A N   1 
ATOM   1342 C CA  . GLU A 1 200 ? -8.145  0.566   -12.803 1.00 20.24 ? 196 GLU A CA  1 
ATOM   1343 C C   . GLU A 1 200 ? -9.557  0.106   -12.475 1.00 17.64 ? 196 GLU A C   1 
ATOM   1344 O O   . GLU A 1 200 ? -9.831  -0.514  -11.411 1.00 20.17 ? 196 GLU A O   1 
ATOM   1345 C CB  . GLU A 1 200 ? -7.913  2.048   -12.371 1.00 26.29 ? 196 GLU A CB  1 
ATOM   1346 C CG  . GLU A 1 200 ? -8.077  2.286   -10.884 1.00 32.87 ? 196 GLU A CG  1 
ATOM   1347 C CD  . GLU A 1 200 ? -7.513  3.682   -10.462 1.00 39.79 ? 196 GLU A CD  1 
ATOM   1348 O OE1 . GLU A 1 200 ? -6.703  4.299   -11.204 1.00 48.03 ? 196 GLU A OE1 1 
ATOM   1349 O OE2 . GLU A 1 200 ? -7.843  4.150   -9.376  1.00 46.55 ? 196 GLU A OE2 1 
ATOM   1350 N N   . ALA A 1 201 ? -10.522 0.353   -13.387 1.00 19.47 ? 197 ALA A N   1 
ATOM   1351 C CA  . ALA A 1 201 ? -11.906 -0.073  -13.155 1.00 18.02 ? 197 ALA A CA  1 
ATOM   1352 C C   . ALA A 1 201 ? -12.137 -1.598  -13.341 1.00 19.73 ? 197 ALA A C   1 
ATOM   1353 O O   . ALA A 1 201 ? -13.198 -2.106  -13.029 1.00 22.88 ? 197 ALA A O   1 
ATOM   1354 C CB  . ALA A 1 201 ? -12.853 0.720   -14.123 1.00 23.81 ? 197 ALA A CB  1 
ATOM   1355 N N   . ARG A 1 202 ? -11.124 -2.345  -13.757 1.00 17.50 ? 198 ARG A N   1 
ATOM   1356 C CA  . ARG A 1 202 ? -11.190 -3.820  -13.923 1.00 17.35 ? 198 ARG A CA  1 
ATOM   1357 C C   . ARG A 1 202 ? -10.234 -4.602  -12.981 1.00 17.85 ? 198 ARG A C   1 
ATOM   1358 O O   . ARG A 1 202 ? -10.303 -5.817  -12.868 1.00 17.16 ? 198 ARG A O   1 
ATOM   1359 C CB  . ARG A 1 202 ? -10.871 -4.239  -15.389 1.00 19.95 ? 198 ARG A CB  1 
ATOM   1360 C CG  . ARG A 1 202 ? -11.974 -3.750  -16.387 1.00 22.17 ? 198 ARG A CG  1 
ATOM   1361 C CD  . ARG A 1 202 ? -13.295 -4.546  -16.259 1.00 23.90 ? 198 ARG A CD  1 
ATOM   1362 N NE  . ARG A 1 202 ? -12.994 -5.995  -16.162 1.00 28.16 ? 198 ARG A NE  1 
ATOM   1363 C CZ  . ARG A 1 202 ? -13.657 -6.816  -15.370 1.00 30.56 ? 198 ARG A CZ  1 
ATOM   1364 N NH1 . ARG A 1 202 ? -14.776 -6.362  -14.783 1.00 31.07 ? 198 ARG A NH1 1 
ATOM   1365 N NH2 . ARG A 1 202 ? -13.320 -8.111  -15.274 1.00 28.41 ? 198 ARG A NH2 1 
ATOM   1366 N N   . VAL A 1 203 ? -9.373  -3.886  -12.329 1.00 15.03 ? 199 VAL A N   1 
ATOM   1367 C CA  . VAL A 1 203 ? -8.235  -4.571  -11.632 1.00 17.32 ? 199 VAL A CA  1 
ATOM   1368 C C   . VAL A 1 203 ? -8.764  -5.348  -10.377 1.00 16.94 ? 199 VAL A C   1 
ATOM   1369 O O   . VAL A 1 203 ? -8.319  -6.428  -10.072 1.00 17.05 ? 199 VAL A O   1 
ATOM   1370 C CB  . VAL A 1 203 ? -7.082  -3.604  -11.368 1.00 19.70 ? 199 VAL A CB  1 
ATOM   1371 C CG1 . VAL A 1 203 ? -7.397  -2.604  -10.257 1.00 19.99 ? 199 VAL A CG1 1 
ATOM   1372 C CG2 . VAL A 1 203 ? -5.735  -4.412  -11.042 1.00 18.18 ? 199 VAL A CG2 1 
ATOM   1373 N N   . LEU A 1 204 ? -9.727  -4.784  -9.642  1.00 18.73 ? 200 LEU A N   1 
ATOM   1374 C CA  . LEU A 1 204 ? -10.184 -5.540  -8.486  1.00 20.11 ? 200 LEU A CA  1 
ATOM   1375 C C   . LEU A 1 204 ? -10.740 -6.878  -8.905  1.00 20.86 ? 200 LEU A C   1 
ATOM   1376 O O   . LEU A 1 204 ? -10.387 -7.905  -8.305  1.00 20.06 ? 200 LEU A O   1 
ATOM   1377 C CB  . LEU A 1 204 ? -11.213 -4.704  -7.684  1.00 19.95 ? 200 LEU A CB  1 
ATOM   1378 C CG  . LEU A 1 204 ? -11.656 -5.306  -6.346  1.00 22.54 ? 200 LEU A CG  1 
ATOM   1379 C CD1 . LEU A 1 204 ? -10.398 -5.516  -5.517  1.00 21.27 ? 200 LEU A CD1 1 
ATOM   1380 C CD2 . LEU A 1 204 ? -12.652 -4.247  -5.767  1.00 25.41 ? 200 LEU A CD2 1 
ATOM   1381 N N   . ASP A 1 205 ? -11.656 -6.871  -9.880  1.00 18.76 ? 201 ASP A N   1 
ATOM   1382 C CA  . ASP A 1 205 ? -12.339 -8.095  -10.291 1.00 21.68 ? 201 ASP A CA  1 
ATOM   1383 C C   . ASP A 1 205 ? -11.249 -9.113  -10.799 1.00 19.59 ? 201 ASP A C   1 
ATOM   1384 O O   . ASP A 1 205 ? -11.347 -10.345 -10.604 1.00 19.43 ? 201 ASP A O   1 
ATOM   1385 C CB  . ASP A 1 205 ? -13.306 -7.905  -11.473 1.00 25.13 ? 201 ASP A CB  1 
ATOM   1386 C CG  . ASP A 1 205 ? -14.760 -7.473  -11.091 1.00 37.73 ? 201 ASP A CG  1 
ATOM   1387 O OD1 . ASP A 1 205 ? -15.119 -7.398  -9.923  1.00 31.28 ? 201 ASP A OD1 1 
ATOM   1388 O OD2 . ASP A 1 205 ? -15.567 -7.236  -12.057 1.00 42.44 ? 201 ASP A OD2 1 
ATOM   1389 N N   . THR A 1 206 ? -10.261 -8.575  -11.514 1.00 17.41 ? 202 THR A N   1 
ATOM   1390 C CA  . THR A 1 206 ? -9.204  -9.456  -12.084 1.00 16.55 ? 202 THR A CA  1 
ATOM   1391 C C   . THR A 1 206 ? -8.452  -10.174 -10.951 1.00 16.17 ? 202 THR A C   1 
ATOM   1392 O O   . THR A 1 206 ? -8.230  -11.401 -10.962 1.00 15.40 ? 202 THR A O   1 
ATOM   1393 C CB  . THR A 1 206 ? -8.221  -8.591  -12.863 1.00 16.02 ? 202 THR A CB  1 
ATOM   1394 O OG1 . THR A 1 206 ? -8.999  -7.993  -13.940 1.00 17.61 ? 202 THR A OG1 1 
ATOM   1395 C CG2 . THR A 1 206 ? -7.046  -9.459  -13.463 1.00 19.45 ? 202 THR A CG2 1 
ATOM   1396 N N   . LEU A 1 207 ? -8.025  -9.392  -9.958  1.00 14.99 ? 203 LEU A N   1 
ATOM   1397 C CA  . LEU A 1 207 ? -7.330  -9.949  -8.809  1.00 15.44 ? 203 LEU A CA  1 
ATOM   1398 C C   . LEU A 1 207 ? -8.174  -10.874 -7.993  1.00 17.07 ? 203 LEU A C   1 
ATOM   1399 O O   . LEU A 1 207 ? -7.683  -11.952 -7.589  1.00 16.59 ? 203 LEU A O   1 
ATOM   1400 C CB  . LEU A 1 207 ? -6.784  -8.782  -7.930  1.00 14.36 ? 203 LEU A CB  1 
ATOM   1401 C CG  . LEU A 1 207 ? -5.706  -7.922  -8.677  1.00 14.95 ? 203 LEU A CG  1 
ATOM   1402 C CD1 . LEU A 1 207 ? -5.375  -6.744  -7.770  1.00 17.34 ? 203 LEU A CD1 1 
ATOM   1403 C CD2 . LEU A 1 207 ? -4.374  -8.655  -9.035  1.00 16.39 ? 203 LEU A CD2 1 
ATOM   1404 N N   . VAL A 1 208 ? -9.429  -10.532 -7.739  1.00 16.42 ? 204 VAL A N   1 
ATOM   1405 C CA  . VAL A 1 208 ? -10.211 -11.426 -6.879  1.00 14.97 ? 204 VAL A CA  1 
ATOM   1406 C C   . VAL A 1 208 ? -10.387 -12.776 -7.618  1.00 15.90 ? 204 VAL A C   1 
ATOM   1407 O O   . VAL A 1 208 ? -10.261 -13.860 -7.025  1.00 16.63 ? 204 VAL A O   1 
ATOM   1408 C CB  . VAL A 1 208 ? -11.616 -10.823 -6.652  1.00 16.36 ? 204 VAL A CB  1 
ATOM   1409 C CG1 . VAL A 1 208 ? -12.478 -11.918 -5.956  1.00 18.69 ? 204 VAL A CG1 1 
ATOM   1410 C CG2 . VAL A 1 208 ? -11.494 -9.523  -5.751  1.00 17.83 ? 204 VAL A CG2 1 
ATOM   1411 N N   . HIS A 1 209 ? -10.588 -12.712 -8.917  1.00 16.40 ? 205 HIS A N   1 
ATOM   1412 C CA  . HIS A 1 209 ? -10.683 -14.004 -9.655  1.00 17.55 ? 205 HIS A CA  1 
ATOM   1413 C C   . HIS A 1 209 ? -9.448  -14.925 -9.436  1.00 16.90 ? 205 HIS A C   1 
ATOM   1414 O O   . HIS A 1 209 ? -9.540  -16.105 -9.118  1.00 17.79 ? 205 HIS A O   1 
ATOM   1415 C CB  . HIS A 1 209 ? -10.913 -13.760 -11.120 1.00 18.09 ? 205 HIS A CB  1 
ATOM   1416 C CG  . HIS A 1 209 ? -10.750 -15.039 -11.984 1.00 19.28 ? 205 HIS A CG  1 
ATOM   1417 N ND1 . HIS A 1 209 ? -11.765 -15.964 -12.159 1.00 21.68 ? 205 HIS A ND1 1 
ATOM   1418 C CD2 . HIS A 1 209 ? -9.639  -15.553 -12.600 1.00 17.38 ? 205 HIS A CD2 1 
ATOM   1419 C CE1 . HIS A 1 209 ? -11.337 -16.998 -12.936 1.00 19.47 ? 205 HIS A CE1 1 
ATOM   1420 N NE2 . HIS A 1 209 ? -10.010 -16.794 -13.161 1.00 19.31 ? 205 HIS A NE2 1 
ATOM   1421 N N   . ILE A 1 210 ? -8.286  -14.375 -9.637  1.00 15.70 ? 206 ILE A N   1 
ATOM   1422 C CA  . ILE A 1 210 ? -7.051  -15.157 -9.479  1.00 15.95 ? 206 ILE A CA  1 
ATOM   1423 C C   . ILE A 1 210 ? -6.838  -15.622 -8.033  1.00 16.94 ? 206 ILE A C   1 
ATOM   1424 O O   . ILE A 1 210 ? -6.412  -16.756 -7.828  1.00 16.21 ? 206 ILE A O   1 
ATOM   1425 C CB  . ILE A 1 210 ? -5.812  -14.318 -9.965  1.00 15.15 ? 206 ILE A CB  1 
ATOM   1426 C CG1 . ILE A 1 210 ? -5.948  -14.045 -11.469 1.00 14.98 ? 206 ILE A CG1 1 
ATOM   1427 C CG2 . ILE A 1 210 ? -4.497  -15.166 -9.875  1.00 15.56 ? 206 ILE A CG2 1 
ATOM   1428 C CD1 . ILE A 1 210 ? -4.885  -12.957 -11.915 1.00 18.49 ? 206 ILE A CD1 1 
ATOM   1429 N N   . TRP A 1 211 ? -7.085  -14.768 -7.023  1.00 16.61 ? 207 TRP A N   1 
ATOM   1430 C CA  . TRP A 1 211 ? -7.019  -15.241 -5.603  1.00 17.49 ? 207 TRP A CA  1 
ATOM   1431 C C   . TRP A 1 211 ? -8.020  -16.355 -5.362  1.00 19.51 ? 207 TRP A C   1 
ATOM   1432 O O   . TRP A 1 211 ? -7.651  -17.411 -4.809  1.00 17.42 ? 207 TRP A O   1 
ATOM   1433 C CB  . TRP A 1 211 ? -7.393  -14.095 -4.685  1.00 17.70 ? 207 TRP A CB  1 
ATOM   1434 C CG  . TRP A 1 211 ? -6.251  -13.148 -4.468  1.00 17.74 ? 207 TRP A CG  1 
ATOM   1435 C CD1 . TRP A 1 211 ? -5.541  -12.357 -5.463  1.00 18.13 ? 207 TRP A CD1 1 
ATOM   1436 C CD2 . TRP A 1 211 ? -5.637  -12.829 -3.215  1.00 18.62 ? 207 TRP A CD2 1 
ATOM   1437 N NE1 . TRP A 1 211 ? -4.588  -11.596 -4.856  1.00 17.17 ? 207 TRP A NE1 1 
ATOM   1438 C CE2 . TRP A 1 211 ? -4.573  -11.849 -3.507  1.00 17.59 ? 207 TRP A CE2 1 
ATOM   1439 C CE3 . TRP A 1 211 ? -5.795  -13.309 -1.874  1.00 17.48 ? 207 TRP A CE3 1 
ATOM   1440 C CZ2 . TRP A 1 211 ? -3.688  -11.348 -2.486  1.00 18.87 ? 207 TRP A CZ2 1 
ATOM   1441 C CZ3 . TRP A 1 211 ? -4.917  -12.814 -0.907  1.00 16.46 ? 207 TRP A CZ3 1 
ATOM   1442 C CH2 . TRP A 1 211 ? -3.888  -11.867 -1.193  1.00 17.51 ? 207 TRP A CH2 1 
ATOM   1443 N N   . VAL A 1 212 ? -9.286  -16.194 -5.759  1.00 18.83 ? 208 VAL A N   1 
ATOM   1444 C CA  . VAL A 1 212 ? -10.272 -17.283 -5.430  1.00 19.40 ? 208 VAL A CA  1 
ATOM   1445 C C   . VAL A 1 212 ? -10.011 -18.581 -6.166  1.00 19.17 ? 208 VAL A C   1 
ATOM   1446 O O   . VAL A 1 212 ? -10.052 -19.630 -5.536  1.00 19.76 ? 208 VAL A O   1 
ATOM   1447 C CB  . VAL A 1 212 ? -11.775 -16.868 -5.695  1.00 19.39 ? 208 VAL A CB  1 
ATOM   1448 C CG1 . VAL A 1 212 ? -12.766 -18.113 -5.587  1.00 26.51 ? 208 VAL A CG1 1 
ATOM   1449 C CG2 . VAL A 1 212 ? -12.095 -15.761 -4.706  1.00 20.26 ? 208 VAL A CG2 1 
ATOM   1450 N N   . THR A 1 213 ? -9.668  -18.525 -7.445  1.00 18.04 ? 209 THR A N   1 
ATOM   1451 C CA  . THR A 1 213 ? -9.419  -19.783 -8.108  1.00 18.79 ? 209 THR A CA  1 
ATOM   1452 C C   . THR A 1 213 ? -8.119  -20.439 -7.599  1.00 20.44 ? 209 THR A C   1 
ATOM   1453 O O   . THR A 1 213 ? -8.098  -21.681 -7.510  1.00 19.15 ? 209 THR A O   1 
ATOM   1454 C CB  . THR A 1 213 ? -9.325  -19.621 -9.629  1.00 22.56 ? 209 THR A CB  1 
ATOM   1455 O OG1 . THR A 1 213 ? -8.352  -18.610 -9.916  1.00 20.49 ? 209 THR A OG1 1 
ATOM   1456 C CG2 . THR A 1 213 ? -10.696 -19.239 -10.268 1.00 21.40 ? 209 THR A CG2 1 
ATOM   1457 N N   . SER A 1 214 ? -7.069  -19.659 -7.270  1.00 16.01 ? 210 SER A N   1 
ATOM   1458 C CA  . SER A 1 214 ? -5.829  -20.256 -6.796  1.00 16.84 ? 210 SER A CA  1 
ATOM   1459 C C   . SER A 1 214 ? -5.945  -20.753 -5.338  1.00 18.73 ? 210 SER A C   1 
ATOM   1460 O O   . SER A 1 214 ? -5.320  -21.769 -4.951  1.00 19.38 ? 210 SER A O   1 
ATOM   1461 C CB  . SER A 1 214 ? -4.651  -19.283 -7.036  1.00 16.19 ? 210 SER A CB  1 
ATOM   1462 O OG  . SER A 1 214 ? -4.665  -18.287 -6.104  1.00 21.19 ? 210 SER A OG  1 
ATOM   1463 N N   . ILE A 1 215 ? -6.809  -20.143 -4.540  1.00 16.60 ? 211 ILE A N   1 
ATOM   1464 C CA  . ILE A 1 215 ? -6.926  -20.621 -3.133  1.00 18.24 ? 211 ILE A CA  1 
ATOM   1465 C C   . ILE A 1 215 ? -7.894  -21.851 -3.094  1.00 21.00 ? 211 ILE A C   1 
ATOM   1466 O O   . ILE A 1 215 ? -7.666  -22.781 -2.292  1.00 19.91 ? 211 ILE A O   1 
ATOM   1467 C CB  . ILE A 1 215 ? -7.428  -19.505 -2.267  1.00 17.51 ? 211 ILE A CB  1 
ATOM   1468 C CG1 . ILE A 1 215 ? -6.278  -18.482 -2.113  1.00 14.91 ? 211 ILE A CG1 1 
ATOM   1469 C CG2 . ILE A 1 215 ? -7.810  -20.019 -0.850  1.00 18.54 ? 211 ILE A CG2 1 
ATOM   1470 C CD1 . ILE A 1 215 ? -6.689  -17.082 -1.557  1.00 17.56 ? 211 ILE A CD1 1 
ATOM   1471 N N   . TYR A 1 216 ? -8.947  -21.804 -3.886  1.00 20.35 ? 212 TYR A N   1 
ATOM   1472 C CA  . TYR A 1 216 ? -10.035 -22.804 -3.740  1.00 23.41 ? 212 TYR A CA  1 
ATOM   1473 C C   . TYR A 1 216 ? -9.995  -23.877 -4.761  1.00 26.36 ? 212 TYR A C   1 
ATOM   1474 O O   . TYR A 1 216 ? -10.671 -24.904 -4.567  1.00 27.58 ? 212 TYR A O   1 
ATOM   1475 C CB  . TYR A 1 216 ? -11.443 -22.146 -3.669  1.00 19.46 ? 212 TYR A CB  1 
ATOM   1476 C CG  . TYR A 1 216 ? -11.551 -21.289 -2.437  1.00 23.28 ? 212 TYR A CG  1 
ATOM   1477 C CD1 . TYR A 1 216 ? -11.822 -21.821 -1.146  1.00 23.94 ? 212 TYR A CD1 1 
ATOM   1478 C CD2 . TYR A 1 216 ? -11.364 -19.912 -2.536  1.00 21.59 ? 212 TYR A CD2 1 
ATOM   1479 C CE1 . TYR A 1 216 ? -11.843 -21.013 0.000   1.00 22.17 ? 212 TYR A CE1 1 
ATOM   1480 C CE2 . TYR A 1 216 ? -11.406 -19.109 -1.422  1.00 22.80 ? 212 TYR A CE2 1 
ATOM   1481 C CZ  . TYR A 1 216 ? -11.707 -19.643 -0.165  1.00 27.55 ? 212 TYR A CZ  1 
ATOM   1482 O OH  . TYR A 1 216 ? -11.664 -18.802 0.916   1.00 26.00 ? 212 TYR A OH  1 
ATOM   1483 N N   . GLY A 1 217 ? -9.186  -23.707 -5.810  1.00 24.83 ? 213 GLY A N   1 
ATOM   1484 C CA  . GLY A 1 217 ? -9.165  -24.641 -6.946  1.00 26.71 ? 213 GLY A CA  1 
ATOM   1485 C C   . GLY A 1 217 ? -8.188  -25.825 -6.705  1.00 27.28 ? 213 GLY A C   1 
ATOM   1486 O O   . GLY A 1 217 ? -7.100  -25.660 -6.141  1.00 27.93 ? 213 GLY A O   1 
ATOM   1487 N N   . GLU A 1 218 ? -8.576  -27.025 -7.138  1.00 32.67 ? 214 GLU A N   1 
ATOM   1488 C CA  . GLU A 1 218 ? -7.808  -28.277 -6.725  1.00 42.62 ? 214 GLU A CA  1 
ATOM   1489 C C   . GLU A 1 218 ? -6.816  -28.657 -7.790  1.00 45.82 ? 214 GLU A C   1 
ATOM   1490 O O   . GLU A 1 218 ? -7.017  -28.244 -8.946  1.00 49.13 ? 214 GLU A O   1 
ATOM   1491 C CB  . GLU A 1 218 ? -8.730  -29.442 -6.318  1.00 44.52 ? 214 GLU A CB  1 
ATOM   1492 C CG  . GLU A 1 218 ? -8.110  -30.479 -5.340  1.00 48.84 ? 214 GLU A CG  1 
HETATM 1493 C C1  . 5TE B 2 .   ? 1.719   -1.746  -2.728  1.00 29.05 ? 301 5TE A C1  1 
HETATM 1494 C C2  . 5TE B 2 .   ? -0.733  -2.384  -3.118  1.00 29.63 ? 301 5TE A C2  1 
HETATM 1495 C C3  . 5TE B 2 .   ? -0.696  -1.380  -4.298  1.00 28.27 ? 301 5TE A C3  1 
HETATM 1496 N N1  . 5TE B 2 .   ? -1.011  -6.927  -0.684  1.00 29.51 ? 301 5TE A N1  1 
HETATM 1497 C C4  . 5TE B 2 .   ? 0.283   -0.238  -4.176  1.00 25.46 ? 301 5TE A C4  1 
HETATM 1498 C C5  . 5TE B 2 .   ? 0.772   -3.916  -1.856  1.00 29.80 ? 301 5TE A C5  1 
HETATM 1499 C C6  . 5TE B 2 .   ? -0.280  -4.858  -1.693  1.00 29.04 ? 301 5TE A C6  1 
HETATM 1500 C C7  . 5TE B 2 .   ? -0.100  -5.983  -0.869  1.00 29.33 ? 301 5TE A C7  1 
HETATM 1501 C C8  . 5TE B 2 .   ? 1.080   -6.189  -0.142  1.00 34.85 ? 301 5TE A C8  1 
HETATM 1502 C C9  . 5TE B 2 .   ? 2.113   -5.233  -0.245  1.00 34.40 ? 301 5TE A C9  1 
HETATM 1503 C C10 . 5TE B 2 .   ? 1.926   -4.093  -1.092  1.00 34.11 ? 301 5TE A C10 1 
HETATM 1504 C C11 . 5TE B 2 .   ? -2.251  -7.036  -1.172  1.00 26.87 ? 301 5TE A C11 1 
HETATM 1505 C C12 . 5TE B 2 .   ? -2.987  -8.256  -0.696  1.00 30.53 ? 301 5TE A C12 1 
HETATM 1506 C C13 . 5TE B 2 .   ? -3.353  -8.013  0.771   1.00 32.55 ? 301 5TE A C13 1 
HETATM 1507 C C14 . 5TE B 2 .   ? -4.222  -9.205  1.306   1.00 29.13 ? 301 5TE A C14 1 
HETATM 1508 C C15 . 5TE B 2 .   ? -5.625  -9.071  0.811   1.00 28.54 ? 301 5TE A C15 1 
HETATM 1509 C C16 . 5TE B 2 .   ? -6.529  -9.579  1.965   1.00 30.82 ? 301 5TE A C16 1 
HETATM 1510 C C17 . 5TE B 2 .   ? -5.657  -9.948  3.143   1.00 28.50 ? 301 5TE A C17 1 
HETATM 1511 C C18 . 5TE B 2 .   ? -4.332  -9.244  2.829   1.00 29.62 ? 301 5TE A C18 1 
HETATM 1512 O O   . 5TE B 2 .   ? -2.826  -6.234  -1.905  1.00 27.66 ? 301 5TE A O   1 
HETATM 1513 N N   . 5TE B 2 .   ? 0.629   -2.720  -2.637  1.00 30.53 ? 301 5TE A N   1 
HETATM 1514 C C   . 5TE B 2 .   ? 1.719   -0.774  -3.912  1.00 26.93 ? 301 5TE A C   1 
HETATM 1515 S S   . SO4 C 3 .   ? -19.181 -19.826 -0.306  1.00 82.23 ? 302 SO4 A S   1 
HETATM 1516 O O1  . SO4 C 3 .   ? -18.888 -18.502 0.263   1.00 79.27 ? 302 SO4 A O1  1 
HETATM 1517 O O2  . SO4 C 3 .   ? -18.378 -20.758 0.526   1.00 80.79 ? 302 SO4 A O2  1 
HETATM 1518 O O3  . SO4 C 3 .   ? -20.620 -20.155 -0.140  1.00 82.03 ? 302 SO4 A O3  1 
HETATM 1519 O O4  . SO4 C 3 .   ? -18.832 -19.866 -1.774  1.00 70.46 ? 302 SO4 A O4  1 
HETATM 1520 S S   . SO4 D 3 .   ? 8.854   9.937   -8.143  1.00 66.28 ? 303 SO4 A S   1 
HETATM 1521 O O1  . SO4 D 3 .   ? 9.560   10.303  -6.860  1.00 53.25 ? 303 SO4 A O1  1 
HETATM 1522 O O2  . SO4 D 3 .   ? 9.220   8.559   -8.593  1.00 86.84 ? 303 SO4 A O2  1 
HETATM 1523 O O3  . SO4 D 3 .   ? 7.351   9.946   -7.976  1.00 60.67 ? 303 SO4 A O3  1 
HETATM 1524 O O4  . SO4 D 3 .   ? 9.322   10.800  -9.268  1.00 71.57 ? 303 SO4 A O4  1 
HETATM 1525 O O   . HOH E 4 .   ? 6.511   -0.161  -12.130 1.00 36.93 ? 401 HOH A O   1 
HETATM 1526 O O   . HOH E 4 .   ? -5.589  -24.482 -4.202  1.00 26.66 ? 402 HOH A O   1 
HETATM 1527 O O   . HOH E 4 .   ? -15.034 -21.442 5.257   1.00 57.12 ? 403 HOH A O   1 
HETATM 1528 O O   . HOH E 4 .   ? 5.168   11.329  -7.914  1.00 49.98 ? 404 HOH A O   1 
HETATM 1529 O O   . HOH E 4 .   ? 3.584   -2.450  -16.555 1.00 25.87 ? 405 HOH A O   1 
HETATM 1530 O O   . HOH E 4 .   ? -5.708  -23.818 -0.843  1.00 22.80 ? 406 HOH A O   1 
HETATM 1531 O O   . HOH E 4 .   ? 0.643   -17.088 8.824   1.00 26.87 ? 407 HOH A O   1 
HETATM 1532 O O   . HOH E 4 .   ? 10.554  9.106   -4.705  1.00 33.72 ? 408 HOH A O   1 
HETATM 1533 O O   . HOH E 4 .   ? -11.304 -2.319  -10.127 1.00 18.18 ? 409 HOH A O   1 
HETATM 1534 O O   . HOH E 4 .   ? 13.062  31.320  10.098  1.00 25.79 ? 410 HOH A O   1 
HETATM 1535 O O   . HOH E 4 .   ? 7.309   -14.696 1.997   1.00 29.85 ? 411 HOH A O   1 
HETATM 1536 O O   . HOH E 4 .   ? -13.828 -11.286 -9.893  1.00 21.83 ? 412 HOH A O   1 
HETATM 1537 O O   . HOH E 4 .   ? -0.659  10.670  -2.821  1.00 24.01 ? 413 HOH A O   1 
HETATM 1538 O O   . HOH E 4 .   ? -15.224 -20.700 3.031   1.00 45.79 ? 414 HOH A O   1 
HETATM 1539 O O   . HOH E 4 .   ? 1.267   -20.941 6.896   1.00 46.42 ? 415 HOH A O   1 
HETATM 1540 O O   . HOH E 4 .   ? 0.359   -10.964 10.237  1.00 29.35 ? 416 HOH A O   1 
HETATM 1541 O O   . HOH E 4 .   ? -2.462  -3.671  -13.784 1.00 22.81 ? 417 HOH A O   1 
HETATM 1542 O O   . HOH E 4 .   ? 5.400   -13.453 6.234   1.00 24.78 ? 418 HOH A O   1 
HETATM 1543 O O   . HOH E 4 .   ? 15.578  17.445  11.665  1.00 45.34 ? 419 HOH A O   1 
HETATM 1544 O O   . HOH E 4 .   ? -12.824 -4.474  -10.976 1.00 22.24 ? 420 HOH A O   1 
HETATM 1545 O O   . HOH E 4 .   ? -17.963 -17.200 -2.991  1.00 46.77 ? 421 HOH A O   1 
HETATM 1546 O O   . HOH E 4 .   ? 0.677   -25.109 3.884   1.00 34.53 ? 422 HOH A O   1 
HETATM 1547 O O   . HOH E 4 .   ? 6.023   -3.584  -7.860  1.00 29.56 ? 423 HOH A O   1 
HETATM 1548 O O   . HOH E 4 .   ? -4.497  9.532   -5.546  1.00 30.62 ? 424 HOH A O   1 
HETATM 1549 O O   . HOH E 4 .   ? -10.354 2.483   -15.443 1.00 24.27 ? 425 HOH A O   1 
HETATM 1550 O O   . HOH E 4 .   ? -13.285 -2.905  1.594   1.00 25.26 ? 426 HOH A O   1 
HETATM 1551 O O   . HOH E 4 .   ? -16.623 -9.145  3.443   1.00 54.31 ? 427 HOH A O   1 
HETATM 1552 O O   . HOH E 4 .   ? -16.319 -5.127  -6.913  1.00 43.00 ? 428 HOH A O   1 
HETATM 1553 O O   . HOH E 4 .   ? -2.445  11.321  -5.172  1.00 36.56 ? 429 HOH A O   1 
HETATM 1554 O O   . HOH E 4 .   ? -9.035  3.382   -6.004  1.00 42.87 ? 430 HOH A O   1 
HETATM 1555 O O   . HOH E 4 .   ? 6.056   -1.795  -9.630  1.00 35.98 ? 431 HOH A O   1 
HETATM 1556 O O   . HOH E 4 .   ? 13.708  32.949  8.055   1.00 30.24 ? 432 HOH A O   1 
HETATM 1557 O O   . HOH E 4 .   ? -6.943  -16.155 10.672  1.00 46.73 ? 433 HOH A O   1 
HETATM 1558 O O   . HOH E 4 .   ? 7.239   -12.984 4.332   1.00 34.05 ? 434 HOH A O   1 
HETATM 1559 O O   . HOH E 4 .   ? -2.071  9.967   4.707   1.00 53.11 ? 435 HOH A O   1 
# 
